data_8VHX
#
_entry.id   8VHX
#
_cell.length_a   1.00
_cell.length_b   1.00
_cell.length_c   1.00
_cell.angle_alpha   90.00
_cell.angle_beta   90.00
_cell.angle_gamma   90.00
#
_symmetry.space_group_name_H-M   'P 1'
#
loop_
_entity.id
_entity.type
_entity.pdbx_description
1 polymer 'Neck 1'
2 polymer 'Tail terminator'
3 polymer Portal
4 polymer 'Neck 2'
5 polymer 'Tail Tube'
#
loop_
_entity_poly.entity_id
_entity_poly.type
_entity_poly.pdbx_seq_one_letter_code
_entity_poly.pdbx_strand_id
1 'polypeptide(L)'
;MTPEECRAQYRLMLKEAMDAYHQLNLGGSVRVVVDQNSERVEYTAANRQSLWAYIVRLQNAINSDNPCAAFMGLPSSPAG
FLFP
;
A,B
2 'polypeptide(L)'
;MSQRLDILKALTAHLEQITIANGYAYDLKGKVYRGRDRFGADFTSRLPIVSILEAKATDYGSFANEEQTVRMDDWVLLVQ
GWVKDDPRNPTDPAYELLAEVEKRLAMLVAKDEQGQPMYPALYRLGGKIAKLTLAQPVVRPPEDGLSDTAFFFLPVRVGL
KVDIRNP
;
C
3 'polypeptide(L)'
;MTEKKRSTTQRAKKAAKTADVATLDATPQNPSALGGGLEGAERNTREMFRWTPAIISPDQQIAQDGTLALSRAQDIVQND
GYAFGAVAIHRDSVVGSQYKLNSKPNSLVLGAPEGWAEEFQEVVEARFNMVAESPENWFDARRMNTLTGLVRLAVGGFIM
TGEVLASCEWMKPNGTRMQRRPFGTAIQMISPYRLSNPDNIMDDKYLRSGVKLDEMGAPIGYWLRKAFPGDPTDLEQWRW
EYQPARFDWGRRRMIHIIEALLPGQTRGISEMVAALKQMKMTRNFQEVTLQNAIVNATYAAAIESELPSDVVFNQMGMGQ
TPFGDILKTYMGSLAEYIAGSKNIAIDGAKIPHLFPGTKLKMQPAGTPGGVGTDYEESLLRNIAASLGLSYEQFSRDYTK
TNYSSARASMAETWKYMESRKKLVADRFASMIYTLWLEEEVNAGNVPLPPGFTWRDFYDPMKRDALCNAEWIGASRGQID
EKKETEAAILRIKNGLSTYEAEIARLGGDFREVFKQRAREEGIIKDLGLDFSGKMVEGTEASGSTGSTGSDNNNEEDTKE
;
D,E
4 'polypeptide(L)'
;MASNFAAIKAKARRDVHASLSVPARYENYSQDVIVEDLSVRWHNKIAIMGDLENGGYANIVEGIERIIFTREELAVKGVV
LSEGDSIIMTAEGYENARLVLKTQEPIVGPVEVVWQVARAD
;
F
5 'polypeptide(L)'
;MNDNYQNNYVVGRGTVYFDRFQDGTNRKTGEMYFGNTPEFTINTDSETLDHYSSDHGMRVMDASVLLEASQGGTFTCDNI
NADNLALWFLGEVSNTTQTQQTDAKEVFNPIMRGRYYQLGTTDDNPTGVRGVTNFQMVKADASIAISVGSGDITSIVGAT
VVNPAGNYEIDLEAGRIYIEPDSTDLSGNVQIAVQYDVDAQKRTLVIGKSNMVYGALRMISDNPVGLNKNYYFPKVSIAP
DGDYALKGDDWQVMSFTFKAMQLNNITQRVYIDIVEAAAAVDPTAQRTIEITPASTTATTGGAGVVCTVTVRDGTGTAVQ
GDAVTFTTVAGATVTPNSATTGATGTATTTVNRAAAGTATVTATLANGKAATTGTITFSAP
;
G,H
#
# COMPACT_ATOMS: atom_id res chain seq x y z
N THR A 2 20.25 -5.71 -3.95
CA THR A 2 21.60 -5.48 -3.36
C THR A 2 21.62 -5.79 -1.86
N PRO A 3 22.64 -6.49 -1.40
CA PRO A 3 22.59 -7.04 -0.03
C PRO A 3 22.28 -6.04 1.06
N GLU A 4 23.03 -4.95 1.17
CA GLU A 4 22.87 -4.05 2.31
C GLU A 4 21.60 -3.21 2.20
N GLU A 5 21.18 -2.89 0.98
CA GLU A 5 19.90 -2.23 0.85
C GLU A 5 18.76 -3.11 1.35
N CYS A 6 18.83 -4.40 1.05
CA CYS A 6 17.85 -5.35 1.57
C CYS A 6 17.97 -5.50 3.09
N ARG A 7 19.21 -5.49 3.59
CA ARG A 7 19.43 -5.57 5.03
C ARG A 7 18.80 -4.39 5.75
N ALA A 8 18.92 -3.19 5.17
CA ALA A 8 18.29 -2.02 5.79
C ALA A 8 16.78 -2.09 5.68
N GLN A 9 16.27 -2.55 4.54
CA GLN A 9 14.85 -2.83 4.42
C GLN A 9 14.37 -3.69 5.58
N TYR A 10 15.04 -4.81 5.80
CA TYR A 10 14.63 -5.72 6.85
C TYR A 10 14.87 -5.15 8.24
N ARG A 11 15.84 -4.27 8.40
CA ARG A 11 16.03 -3.63 9.71
C ARG A 11 14.85 -2.72 10.04
N LEU A 12 14.37 -1.97 9.06
CA LEU A 12 13.19 -1.15 9.31
C LEU A 12 11.96 -2.01 9.55
N MET A 13 11.81 -3.08 8.79
CA MET A 13 10.69 -3.98 8.98
C MET A 13 10.74 -4.64 10.35
N LEU A 14 11.94 -4.94 10.82
CA LEU A 14 12.12 -5.52 12.14
C LEU A 14 11.77 -4.53 13.23
N LYS A 15 12.18 -3.27 13.07
CA LYS A 15 11.72 -2.25 14.00
C LYS A 15 10.20 -2.27 14.11
N GLU A 16 9.52 -2.20 12.97
CA GLU A 16 8.06 -2.19 13.00
C GLU A 16 7.50 -3.45 13.65
N ALA A 17 8.11 -4.59 13.37
CA ALA A 17 7.56 -5.86 13.84
C ALA A 17 7.76 -6.02 15.33
N MET A 18 8.92 -5.62 15.84
CA MET A 18 9.14 -5.71 17.28
C MET A 18 8.26 -4.73 18.04
N ASP A 19 8.03 -3.54 17.48
CA ASP A 19 7.08 -2.64 18.11
C ASP A 19 5.68 -3.22 18.12
N ALA A 20 5.30 -3.88 17.03
CA ALA A 20 4.01 -4.53 16.97
C ALA A 20 3.90 -5.66 17.98
N TYR A 21 4.98 -6.41 18.17
CA TYR A 21 4.97 -7.51 19.12
C TYR A 21 4.85 -6.99 20.55
N HIS A 22 5.55 -5.90 20.84
CA HIS A 22 5.38 -5.23 22.12
C HIS A 22 3.94 -4.85 22.34
N GLN A 23 3.37 -4.08 21.42
CA GLN A 23 2.00 -3.62 21.58
C GLN A 23 1.03 -4.80 21.66
N LEU A 24 1.35 -5.91 20.99
CA LEU A 24 0.47 -7.06 20.94
C LEU A 24 0.41 -7.77 22.27
N ASN A 25 1.57 -8.01 22.89
CA ASN A 25 1.57 -8.70 24.16
C ASN A 25 0.98 -7.83 25.26
N LEU A 26 1.20 -6.52 25.19
CA LEU A 26 0.59 -5.60 26.14
C LEU A 26 -0.91 -5.44 25.93
N GLY A 27 -1.43 -5.85 24.78
CA GLY A 27 -2.82 -5.59 24.47
C GLY A 27 -3.09 -4.24 23.85
N GLY A 28 -2.14 -3.72 23.08
CA GLY A 28 -2.31 -2.46 22.41
C GLY A 28 -2.22 -2.58 20.90
N SER A 29 -2.45 -3.78 20.39
CA SER A 29 -2.44 -4.03 18.95
C SER A 29 -3.83 -3.77 18.40
N VAL A 30 -3.90 -2.93 17.38
CA VAL A 30 -5.17 -2.44 16.91
C VAL A 30 -5.82 -3.46 16.00
N ARG A 31 -7.09 -3.71 16.24
CA ARG A 31 -7.92 -4.57 15.43
C ARG A 31 -9.08 -3.83 14.80
N VAL A 32 -9.49 -2.71 15.39
CA VAL A 32 -10.54 -1.86 14.85
C VAL A 32 -10.19 -0.42 15.11
N VAL A 33 -10.49 0.43 14.14
CA VAL A 33 -10.35 1.87 14.28
C VAL A 33 -11.57 2.55 13.69
N VAL A 34 -12.05 3.56 14.37
CA VAL A 34 -13.15 4.39 13.90
C VAL A 34 -12.78 5.83 14.18
N ASP A 35 -12.94 6.69 13.19
CA ASP A 35 -12.68 8.10 13.34
C ASP A 35 -13.99 8.85 13.49
N GLN A 36 -13.90 10.05 14.06
CA GLN A 36 -15.06 10.92 14.14
C GLN A 36 -15.60 11.27 12.76
N ASN A 37 -14.84 10.98 11.71
CA ASN A 37 -15.35 11.00 10.35
C ASN A 37 -16.40 9.94 10.09
N SER A 38 -16.63 9.04 11.05
CA SER A 38 -17.56 7.92 10.90
C SER A 38 -17.06 6.90 9.90
N GLU A 39 -15.75 6.85 9.70
CA GLU A 39 -15.13 5.87 8.82
C GLU A 39 -14.34 4.87 9.64
N ARG A 40 -14.40 3.61 9.22
CA ARG A 40 -14.03 2.47 10.03
C ARG A 40 -13.04 1.61 9.29
N VAL A 41 -12.16 0.97 10.05
CA VAL A 41 -11.18 0.03 9.52
C VAL A 41 -11.02 -1.09 10.52
N GLU A 42 -11.22 -2.32 10.06
CA GLU A 42 -10.99 -3.50 10.87
C GLU A 42 -9.83 -4.27 10.29
N TYR A 43 -9.00 -4.82 11.17
CA TYR A 43 -7.78 -5.49 10.79
C TYR A 43 -7.85 -6.96 11.16
N THR A 44 -7.20 -7.78 10.36
CA THR A 44 -6.99 -9.17 10.73
C THR A 44 -6.09 -9.21 11.96
N ALA A 45 -6.54 -9.95 12.97
CA ALA A 45 -5.83 -9.97 14.24
C ALA A 45 -4.44 -10.52 14.07
N ALA A 46 -3.49 -9.86 14.72
CA ALA A 46 -2.12 -10.34 14.76
C ALA A 46 -2.01 -11.57 15.64
N ASN A 47 -1.10 -12.46 15.27
CA ASN A 47 -0.84 -13.69 16.01
C ASN A 47 0.57 -13.64 16.55
N ARG A 48 0.73 -14.01 17.81
CA ARG A 48 2.01 -13.85 18.49
C ARG A 48 3.04 -14.83 17.95
N GLN A 49 2.62 -16.06 17.66
CA GLN A 49 3.54 -17.05 17.14
C GLN A 49 4.08 -16.62 15.78
N SER A 50 3.19 -16.29 14.86
CA SER A 50 3.60 -15.97 13.51
C SER A 50 4.42 -14.70 13.48
N LEU A 51 4.09 -13.75 14.34
CA LEU A 51 4.84 -12.51 14.40
C LEU A 51 6.23 -12.72 14.96
N TRP A 52 6.35 -13.55 15.99
CA TRP A 52 7.67 -13.89 16.49
C TRP A 52 8.49 -14.59 15.42
N ALA A 53 7.86 -15.50 14.68
CA ALA A 53 8.55 -16.20 13.62
C ALA A 53 9.01 -15.26 12.51
N TYR A 54 8.19 -14.27 12.18
CA TYR A 54 8.57 -13.26 11.20
C TYR A 54 9.75 -12.45 11.69
N ILE A 55 9.73 -12.08 12.97
CA ILE A 55 10.84 -11.37 13.58
C ILE A 55 12.11 -12.20 13.48
N VAL A 56 12.00 -13.51 13.67
CA VAL A 56 13.17 -14.37 13.60
C VAL A 56 13.68 -14.48 12.17
N ARG A 57 12.77 -14.58 11.20
CA ARG A 57 13.20 -14.55 9.80
C ARG A 57 14.00 -13.30 9.52
N LEU A 58 13.48 -12.16 9.96
CA LEU A 58 14.12 -10.89 9.67
C LEU A 58 15.49 -10.81 10.34
N GLN A 59 15.55 -11.10 11.64
CA GLN A 59 16.82 -11.05 12.33
C GLN A 59 17.83 -11.99 11.71
N ASN A 60 17.39 -13.17 11.28
CA ASN A 60 18.30 -14.12 10.67
C ASN A 60 18.82 -13.60 9.34
N ALA A 61 17.95 -13.01 8.53
CA ALA A 61 18.38 -12.46 7.26
C ALA A 61 19.38 -11.33 7.47
N ILE A 62 19.08 -10.45 8.42
CA ILE A 62 19.99 -9.37 8.78
C ILE A 62 21.34 -9.94 9.19
N ASN A 63 21.34 -11.04 9.93
CA ASN A 63 22.59 -11.65 10.34
C ASN A 63 23.33 -12.28 9.16
N SER A 64 22.59 -12.72 8.15
CA SER A 64 23.19 -13.43 7.05
C SER A 64 23.91 -12.46 6.11
N ASP A 65 24.79 -13.01 5.27
CA ASP A 65 25.50 -12.20 4.31
C ASP A 65 24.59 -11.76 3.17
N ASN A 66 23.67 -12.62 2.75
CA ASN A 66 22.75 -12.36 1.66
C ASN A 66 21.33 -12.36 2.20
N PRO A 67 20.88 -11.25 2.79
CA PRO A 67 19.57 -11.24 3.42
C PRO A 67 18.43 -11.65 2.51
N CYS A 68 18.43 -11.17 1.27
CA CYS A 68 17.26 -11.36 0.42
C CYS A 68 17.04 -12.83 0.13
N ALA A 69 18.08 -13.65 0.24
CA ALA A 69 17.94 -15.09 0.07
C ALA A 69 17.59 -15.77 1.38
N ALA A 70 18.19 -15.33 2.48
CA ALA A 70 18.01 -16.00 3.76
C ALA A 70 16.62 -15.74 4.33
N PHE A 71 15.98 -14.66 3.91
CA PHE A 71 14.62 -14.38 4.37
C PHE A 71 13.66 -15.45 3.91
N MET A 72 13.66 -15.75 2.61
CA MET A 72 12.74 -16.74 2.07
C MET A 72 13.19 -18.15 2.40
N GLY A 73 14.48 -18.39 2.49
CA GLY A 73 14.98 -19.74 2.72
C GLY A 73 14.59 -20.70 1.64
N LEU A 74 14.34 -20.21 0.43
CA LEU A 74 13.67 -21.01 -0.59
C LEU A 74 14.41 -22.29 -0.90
N PRO A 75 15.72 -22.28 -1.16
CA PRO A 75 16.45 -23.50 -1.52
C PRO A 75 16.79 -24.36 -0.31
N SER A 76 15.76 -24.69 0.47
CA SER A 76 15.96 -25.46 1.67
C SER A 76 16.48 -26.86 1.34
N SER A 77 17.06 -27.49 2.34
CA SER A 77 17.47 -28.88 2.23
C SER A 77 17.43 -29.48 3.62
N PRO A 78 17.19 -30.78 3.73
CA PRO A 78 17.02 -31.39 5.03
C PRO A 78 18.32 -31.54 5.78
N ALA A 79 18.24 -31.37 7.10
CA ALA A 79 19.39 -31.53 7.97
C ALA A 79 19.82 -32.98 8.03
N GLY A 80 21.07 -33.23 7.65
CA GLY A 80 21.68 -34.50 7.87
C GLY A 80 22.37 -34.54 9.21
N PHE A 81 22.91 -35.72 9.52
CA PHE A 81 23.54 -35.95 10.80
C PHE A 81 24.91 -36.56 10.61
N LEU A 82 25.84 -36.14 11.46
CA LEU A 82 27.18 -36.69 11.52
C LEU A 82 27.33 -37.46 12.83
N PHE A 83 27.79 -38.67 12.74
CA PHE A 83 27.84 -39.53 13.90
C PHE A 83 29.26 -39.73 14.38
N PRO A 84 29.47 -39.83 15.69
CA PRO A 84 30.81 -39.99 16.27
C PRO A 84 31.47 -41.31 15.91
N THR B 2 24.37 -0.42 21.38
CA THR B 2 25.15 -0.40 22.65
C THR B 2 24.43 -1.18 23.75
N PRO B 3 25.19 -1.93 24.56
CA PRO B 3 24.54 -2.70 25.64
C PRO B 3 23.64 -1.90 26.55
N GLU B 4 24.16 -0.86 27.21
CA GLU B 4 23.35 -0.15 28.18
C GLU B 4 22.23 0.63 27.51
N GLU B 5 22.40 0.99 26.24
CA GLU B 5 21.32 1.62 25.48
C GLU B 5 20.13 0.68 25.35
N CYS B 6 20.36 -0.51 24.79
CA CYS B 6 19.28 -1.46 24.63
C CYS B 6 18.78 -1.95 25.98
N ARG B 7 19.64 -1.96 26.99
CA ARG B 7 19.21 -2.33 28.32
C ARG B 7 18.23 -1.33 28.90
N ALA B 8 18.46 -0.04 28.68
CA ALA B 8 17.49 0.95 29.15
C ALA B 8 16.21 0.85 28.35
N GLN B 9 16.33 0.62 27.05
CA GLN B 9 15.16 0.42 26.22
C GLN B 9 14.30 -0.71 26.78
N TYR B 10 14.95 -1.83 27.13
CA TYR B 10 14.21 -2.98 27.64
C TYR B 10 13.68 -2.76 29.05
N ARG B 11 14.41 -2.04 29.91
CA ARG B 11 13.88 -1.70 31.21
C ARG B 11 12.59 -0.90 31.06
N LEU B 12 12.55 0.00 30.10
CA LEU B 12 11.35 0.80 29.89
C LEU B 12 10.20 -0.05 29.37
N MET B 13 10.50 -0.88 28.35
CA MET B 13 9.50 -1.78 27.80
C MET B 13 8.97 -2.71 28.88
N LEU B 14 9.84 -3.14 29.78
CA LEU B 14 9.47 -4.02 30.87
C LEU B 14 8.60 -3.32 31.89
N LYS B 15 8.87 -2.05 32.16
CA LYS B 15 7.98 -1.30 33.05
C LYS B 15 6.58 -1.26 32.48
N GLU B 16 6.48 -0.93 31.19
CA GLU B 16 5.17 -0.95 30.53
C GLU B 16 4.53 -2.33 30.65
N ALA B 17 5.33 -3.38 30.49
CA ALA B 17 4.78 -4.72 30.46
C ALA B 17 4.30 -5.17 31.83
N MET B 18 5.05 -4.90 32.90
CA MET B 18 4.57 -5.25 34.21
C MET B 18 3.33 -4.45 34.57
N ASP B 19 3.27 -3.20 34.17
CA ASP B 19 2.05 -2.42 34.43
C ASP B 19 0.86 -3.05 33.73
N ALA B 20 1.04 -3.48 32.48
CA ALA B 20 -0.06 -4.06 31.73
C ALA B 20 -0.45 -5.42 32.29
N TYR B 21 0.52 -6.21 32.73
CA TYR B 21 0.22 -7.49 33.33
C TYR B 21 -0.58 -7.32 34.61
N HIS B 22 -0.21 -6.33 35.40
CA HIS B 22 -0.98 -5.98 36.57
C HIS B 22 -2.42 -5.66 36.19
N GLN B 23 -2.60 -4.65 35.35
CA GLN B 23 -3.96 -4.24 35.00
C GLN B 23 -4.74 -5.37 34.37
N LEU B 24 -4.04 -6.31 33.73
CA LEU B 24 -4.68 -7.44 33.10
C LEU B 24 -5.24 -8.41 34.11
N ASN B 25 -4.41 -8.85 35.05
CA ASN B 25 -4.91 -9.76 36.07
C ASN B 25 -6.01 -9.14 36.90
N LEU B 26 -5.91 -7.85 37.19
CA LEU B 26 -6.95 -7.13 37.91
C LEU B 26 -8.19 -6.86 37.06
N GLY B 27 -8.17 -7.24 35.79
CA GLY B 27 -9.29 -6.98 34.93
C GLY B 27 -9.41 -5.55 34.46
N GLY B 28 -8.30 -4.85 34.32
CA GLY B 28 -8.30 -3.48 33.87
C GLY B 28 -7.62 -3.24 32.54
N SER B 29 -7.37 -4.28 31.74
CA SER B 29 -6.73 -4.10 30.44
C SER B 29 -7.77 -3.68 29.43
N VAL B 30 -7.52 -2.54 28.81
CA VAL B 30 -8.49 -1.95 27.89
C VAL B 30 -8.44 -2.71 26.58
N ARG B 31 -9.54 -3.36 26.25
CA ARG B 31 -9.71 -4.01 24.96
C ARG B 31 -10.44 -3.12 23.97
N VAL B 32 -11.26 -2.20 24.46
CA VAL B 32 -12.10 -1.36 23.61
C VAL B 32 -12.21 0.02 24.21
N VAL B 33 -12.23 1.03 23.35
CA VAL B 33 -12.39 2.42 23.76
C VAL B 33 -13.34 3.12 22.82
N VAL B 34 -14.20 3.96 23.38
CA VAL B 34 -15.10 4.81 22.61
C VAL B 34 -15.22 6.15 23.30
N ASP B 35 -14.97 7.22 22.55
CA ASP B 35 -15.10 8.58 23.04
C ASP B 35 -16.47 9.16 22.68
N GLN B 36 -16.85 10.22 23.39
CA GLN B 36 -18.11 10.88 23.07
C GLN B 36 -18.05 11.53 21.69
N ASN B 37 -16.85 11.81 21.19
CA ASN B 37 -16.67 12.14 19.78
C ASN B 37 -16.95 10.95 18.88
N SER B 38 -17.33 9.81 19.47
CA SER B 38 -17.69 8.57 18.78
C SER B 38 -16.53 7.83 18.14
N GLU B 39 -15.31 8.34 18.26
CA GLU B 39 -14.18 7.62 17.72
C GLU B 39 -13.82 6.44 18.61
N ARG B 40 -13.27 5.40 18.00
CA ARG B 40 -13.18 4.10 18.61
C ARG B 40 -11.86 3.45 18.29
N VAL B 41 -11.40 2.65 19.23
CA VAL B 41 -10.26 1.77 19.05
C VAL B 41 -10.56 0.47 19.77
N GLU B 42 -10.37 -0.64 19.09
CA GLU B 42 -10.46 -1.95 19.70
C GLU B 42 -9.13 -2.66 19.52
N TYR B 43 -8.68 -3.30 20.58
CA TYR B 43 -7.36 -3.88 20.66
C TYR B 43 -7.45 -5.39 20.70
N THR B 44 -6.42 -6.03 20.19
CA THR B 44 -6.29 -7.47 20.34
C THR B 44 -5.96 -7.78 21.78
N ALA B 45 -6.84 -8.53 22.42
CA ALA B 45 -6.74 -8.72 23.85
C ALA B 45 -5.44 -9.41 24.22
N ALA B 46 -4.86 -8.97 25.33
CA ALA B 46 -3.62 -9.56 25.80
C ALA B 46 -3.89 -10.93 26.38
N ASN B 47 -2.86 -11.78 26.30
CA ASN B 47 -2.90 -13.12 26.86
C ASN B 47 -1.87 -13.18 27.98
N ARG B 48 -2.31 -13.63 29.15
CA ARG B 48 -1.48 -13.55 30.34
C ARG B 48 -0.21 -14.37 30.18
N GLN B 49 -0.30 -15.53 29.54
CA GLN B 49 0.88 -16.38 29.36
C GLN B 49 1.93 -15.67 28.52
N SER B 50 1.51 -15.13 27.38
CA SER B 50 2.44 -14.53 26.45
C SER B 50 3.06 -13.27 27.03
N LEU B 51 2.27 -12.51 27.77
CA LEU B 51 2.77 -11.30 28.39
C LEU B 51 3.76 -11.62 29.50
N TRP B 52 3.50 -12.67 30.26
CA TRP B 52 4.48 -13.11 31.24
C TRP B 52 5.78 -13.52 30.57
N ALA B 53 5.68 -14.30 29.49
CA ALA B 53 6.88 -14.74 28.80
C ALA B 53 7.64 -13.57 28.19
N TYR B 54 6.92 -12.54 27.74
CA TYR B 54 7.58 -11.36 27.22
C TYR B 54 8.33 -10.63 28.34
N ILE B 55 7.69 -10.52 29.50
CA ILE B 55 8.37 -9.96 30.66
C ILE B 55 9.64 -10.74 30.97
N VAL B 56 9.56 -12.05 30.87
CA VAL B 56 10.73 -12.89 31.15
C VAL B 56 11.82 -12.65 30.13
N ARG B 57 11.46 -12.52 28.85
CA ARG B 57 12.46 -12.17 27.84
C ARG B 57 13.18 -10.90 28.21
N LEU B 58 12.40 -9.87 28.55
CA LEU B 58 12.97 -8.57 28.82
C LEU B 58 13.86 -8.61 30.05
N GLN B 59 13.41 -9.28 31.11
CA GLN B 59 14.21 -9.37 32.32
C GLN B 59 15.49 -10.15 32.09
N ASN B 60 15.42 -11.22 31.31
CA ASN B 60 16.62 -11.99 31.03
C ASN B 60 17.59 -11.19 30.19
N ALA B 61 17.07 -10.37 29.26
CA ALA B 61 17.94 -9.55 28.43
C ALA B 61 18.63 -8.49 29.27
N ILE B 62 17.87 -7.81 30.11
CA ILE B 62 18.42 -6.79 30.99
C ILE B 62 19.53 -7.38 31.85
N ASN B 63 19.22 -8.46 32.55
CA ASN B 63 20.20 -9.11 33.40
C ASN B 63 21.37 -9.65 32.59
N SER B 64 21.23 -9.76 31.28
CA SER B 64 22.27 -10.30 30.45
C SER B 64 23.33 -9.24 30.16
N ASP B 65 24.43 -9.71 29.60
CA ASP B 65 25.54 -8.85 29.24
C ASP B 65 25.43 -8.29 27.82
N ASN B 66 24.63 -8.93 26.97
CA ASN B 66 24.37 -8.45 25.61
C ASN B 66 22.88 -8.53 25.36
N PRO B 67 22.13 -7.51 25.79
CA PRO B 67 20.67 -7.61 25.76
C PRO B 67 20.09 -7.89 24.39
N CYS B 68 20.46 -7.11 23.37
CA CYS B 68 19.83 -7.26 22.07
C CYS B 68 19.93 -8.69 21.57
N ALA B 69 20.99 -9.40 21.97
CA ALA B 69 21.20 -10.77 21.55
C ALA B 69 20.43 -11.75 22.43
N ALA B 70 20.30 -11.45 23.72
CA ALA B 70 19.61 -12.35 24.64
C ALA B 70 18.11 -12.25 24.52
N PHE B 71 17.60 -11.11 24.06
CA PHE B 71 16.17 -10.94 23.89
C PHE B 71 15.63 -11.93 22.87
N MET B 72 16.28 -12.02 21.71
CA MET B 72 15.83 -12.91 20.65
C MET B 72 16.27 -14.34 20.90
N GLY B 73 17.43 -14.52 21.52
CA GLY B 73 17.93 -15.86 21.83
C GLY B 73 18.42 -16.65 20.66
N LEU B 74 18.59 -16.03 19.50
CA LEU B 74 18.96 -16.71 18.27
C LEU B 74 20.33 -17.38 18.33
N PRO B 75 21.23 -16.93 19.18
CA PRO B 75 22.43 -17.74 19.41
C PRO B 75 22.05 -19.03 20.12
N SER B 76 21.14 -19.76 19.50
CA SER B 76 20.42 -20.85 20.12
C SER B 76 21.10 -22.18 19.85
N SER B 77 20.80 -23.13 20.71
CA SER B 77 21.32 -24.49 20.59
C SER B 77 20.64 -25.35 21.63
N PRO B 78 20.55 -26.64 21.39
CA PRO B 78 19.87 -27.52 22.32
C PRO B 78 20.71 -27.81 23.54
N ALA B 79 20.03 -28.05 24.66
CA ALA B 79 20.71 -28.31 25.90
C ALA B 79 21.29 -29.71 25.90
N GLY B 80 22.58 -29.80 26.23
CA GLY B 80 23.23 -31.06 26.40
C GLY B 80 23.31 -31.44 27.87
N PHE B 81 23.85 -32.60 28.12
CA PHE B 81 23.84 -33.17 29.45
C PHE B 81 25.23 -33.68 29.82
N LEU B 82 25.55 -33.53 31.10
CA LEU B 82 26.75 -34.06 31.69
C LEU B 82 26.34 -35.06 32.76
N PHE B 83 27.07 -36.16 32.83
CA PHE B 83 26.64 -37.27 33.65
C PHE B 83 27.69 -37.60 34.70
N PRO B 84 27.26 -37.95 35.92
CA PRO B 84 28.13 -38.26 37.07
C PRO B 84 28.99 -39.49 36.84
N SER C 2 -23.96 43.08 -19.31
CA SER C 2 -25.16 43.45 -18.51
C SER C 2 -24.90 44.67 -17.66
N GLN C 3 -25.98 45.36 -17.31
CA GLN C 3 -25.87 46.54 -16.46
C GLN C 3 -25.54 46.14 -15.02
N ARG C 4 -26.33 45.23 -14.47
CA ARG C 4 -26.14 44.80 -13.09
C ARG C 4 -24.74 44.23 -12.91
N LEU C 5 -24.27 43.48 -13.88
CA LEU C 5 -22.98 42.82 -13.75
C LEU C 5 -21.84 43.82 -13.83
N ASP C 6 -21.97 44.83 -14.69
CA ASP C 6 -20.96 45.86 -14.74
C ASP C 6 -20.91 46.63 -13.43
N ILE C 7 -22.06 46.91 -12.85
CA ILE C 7 -22.09 47.59 -11.56
C ILE C 7 -21.41 46.75 -10.49
N LEU C 8 -21.69 45.46 -10.47
CA LEU C 8 -21.09 44.59 -9.47
C LEU C 8 -19.58 44.52 -9.65
N LYS C 9 -19.12 44.39 -10.89
CA LYS C 9 -17.69 44.36 -11.15
C LYS C 9 -17.03 45.67 -10.73
N ALA C 10 -17.73 46.78 -10.91
CA ALA C 10 -17.18 48.07 -10.54
C ALA C 10 -17.08 48.22 -9.03
N LEU C 11 -18.11 47.78 -8.31
CA LEU C 11 -18.02 47.78 -6.85
C LEU C 11 -16.88 46.90 -6.38
N THR C 12 -16.75 45.73 -6.98
CA THR C 12 -15.68 44.81 -6.63
C THR C 12 -14.32 45.45 -6.84
N ALA C 13 -14.06 45.96 -8.04
CA ALA C 13 -12.77 46.56 -8.33
C ALA C 13 -12.56 47.84 -7.53
N HIS C 14 -13.65 48.42 -7.05
CA HIS C 14 -13.59 49.60 -6.19
C HIS C 14 -13.16 49.23 -4.78
N LEU C 15 -13.62 48.08 -4.30
CA LEU C 15 -13.24 47.59 -2.99
C LEU C 15 -11.91 46.86 -3.02
N GLU C 16 -11.55 46.29 -4.16
CA GLU C 16 -10.25 45.65 -4.34
C GLU C 16 -9.12 46.66 -4.34
N GLN C 17 -9.43 47.93 -4.13
CA GLN C 17 -8.44 48.98 -3.95
C GLN C 17 -8.31 49.39 -2.50
N ILE C 18 -8.99 48.70 -1.60
CA ILE C 18 -8.72 48.82 -0.18
C ILE C 18 -7.43 48.06 0.06
N THR C 19 -6.33 48.79 0.11
CA THR C 19 -5.01 48.21 0.13
C THR C 19 -4.12 49.09 0.98
N ILE C 20 -3.07 48.49 1.51
CA ILE C 20 -2.17 49.23 2.38
C ILE C 20 -1.38 50.25 1.57
N ALA C 21 -1.15 49.96 0.30
CA ALA C 21 -0.52 50.95 -0.58
C ALA C 21 -1.43 52.13 -0.88
N ASN C 22 -2.73 52.01 -0.64
CA ASN C 22 -3.68 53.07 -0.90
C ASN C 22 -4.11 53.82 0.36
N GLY C 23 -3.53 53.50 1.50
CA GLY C 23 -3.85 54.20 2.72
C GLY C 23 -4.95 53.58 3.53
N TYR C 24 -5.09 52.27 3.46
CA TYR C 24 -6.02 51.52 4.27
C TYR C 24 -5.25 50.50 5.07
N ALA C 25 -5.79 50.13 6.23
CA ALA C 25 -5.10 49.20 7.09
C ALA C 25 -5.27 47.75 6.70
N TYR C 26 -6.10 47.48 5.70
CA TYR C 26 -6.40 46.13 5.28
C TYR C 26 -6.19 46.02 3.78
N ASP C 27 -5.87 44.80 3.35
CA ASP C 27 -5.51 44.52 1.96
C ASP C 27 -6.53 43.56 1.40
N LEU C 28 -7.39 44.06 0.52
CA LEU C 28 -8.49 43.30 -0.04
C LEU C 28 -8.29 42.97 -1.51
N LYS C 29 -7.12 43.26 -2.05
CA LYS C 29 -6.88 43.02 -3.46
C LYS C 29 -6.97 41.53 -3.75
N GLY C 30 -7.81 41.17 -4.72
CA GLY C 30 -8.02 39.80 -5.05
C GLY C 30 -8.89 39.04 -4.08
N LYS C 31 -9.51 39.74 -3.12
CA LYS C 31 -10.25 39.08 -2.05
C LYS C 31 -11.62 39.68 -1.83
N VAL C 32 -12.13 40.47 -2.77
CA VAL C 32 -13.54 40.86 -2.79
C VAL C 32 -14.23 39.86 -3.69
N TYR C 33 -14.73 38.81 -3.09
CA TYR C 33 -15.34 37.72 -3.82
C TYR C 33 -16.83 37.99 -4.04
N ARG C 34 -17.43 37.17 -4.87
CA ARG C 34 -18.77 37.44 -5.34
C ARG C 34 -19.38 36.14 -5.85
N GLY C 35 -20.69 36.02 -5.68
CA GLY C 35 -21.40 34.85 -6.14
C GLY C 35 -21.09 33.56 -5.41
N ARG C 36 -20.42 33.62 -4.28
CA ARG C 36 -20.16 32.45 -3.45
C ARG C 36 -21.10 32.50 -2.25
N ASP C 37 -21.86 31.43 -2.07
CA ASP C 37 -22.68 31.26 -0.88
C ASP C 37 -21.94 30.58 0.25
N ARG C 38 -20.74 30.07 0.00
CA ARG C 38 -20.03 29.27 0.96
C ARG C 38 -18.54 29.46 0.78
N PHE C 39 -17.85 29.82 1.87
CA PHE C 39 -16.43 30.11 1.86
C PHE C 39 -15.75 29.17 2.85
N GLY C 40 -14.88 28.32 2.33
CA GLY C 40 -14.18 27.34 3.14
C GLY C 40 -12.75 27.72 3.44
N ALA C 41 -11.94 26.70 3.73
CA ALA C 41 -10.58 26.90 4.19
C ALA C 41 -9.68 27.52 3.14
N ASP C 42 -10.07 27.38 1.88
CA ASP C 42 -9.31 27.98 0.81
C ASP C 42 -9.45 29.49 0.90
N PHE C 43 -10.52 29.94 1.54
CA PHE C 43 -10.76 31.36 1.66
C PHE C 43 -10.41 31.82 3.06
N THR C 44 -11.02 31.21 4.05
CA THR C 44 -10.79 31.60 5.43
C THR C 44 -9.31 31.56 5.81
N SER C 45 -8.49 30.87 5.04
CA SER C 45 -7.08 30.85 5.31
C SER C 45 -6.42 32.06 4.71
N ARG C 46 -7.23 33.04 4.30
CA ARG C 46 -6.68 34.20 3.62
C ARG C 46 -7.42 35.47 4.00
N LEU C 47 -7.99 35.54 5.21
CA LEU C 47 -8.73 36.71 5.62
C LEU C 47 -7.82 37.93 5.67
N PRO C 48 -8.36 39.15 5.55
CA PRO C 48 -9.78 39.52 5.44
C PRO C 48 -10.35 39.28 4.06
N ILE C 49 -11.64 38.99 3.99
CA ILE C 49 -12.32 38.71 2.73
C ILE C 49 -13.68 39.38 2.78
N VAL C 50 -14.03 40.09 1.72
CA VAL C 50 -15.34 40.70 1.57
C VAL C 50 -16.10 39.97 0.48
N SER C 51 -17.38 39.74 0.69
CA SER C 51 -18.19 39.04 -0.29
C SER C 51 -19.45 39.83 -0.55
N ILE C 52 -19.75 40.09 -1.82
CA ILE C 52 -20.94 40.84 -2.16
C ILE C 52 -21.98 39.98 -2.83
N LEU C 53 -23.00 39.56 -2.10
CA LEU C 53 -24.07 38.78 -2.69
C LEU C 53 -25.30 39.67 -2.84
N GLU C 54 -26.29 39.20 -3.59
CA GLU C 54 -27.50 39.97 -3.77
C GLU C 54 -28.58 39.43 -2.87
N ALA C 55 -29.52 40.28 -2.49
CA ALA C 55 -30.59 39.84 -1.62
C ALA C 55 -31.59 39.00 -2.41
N LYS C 56 -32.17 38.03 -1.73
CA LYS C 56 -33.04 37.04 -2.34
C LYS C 56 -34.45 37.54 -2.59
N ALA C 57 -34.66 38.85 -2.53
CA ALA C 57 -35.99 39.43 -2.69
C ALA C 57 -36.17 39.96 -4.11
N THR C 58 -37.28 39.58 -4.74
CA THR C 58 -37.61 40.03 -6.10
C THR C 58 -38.55 41.22 -6.01
N ASP C 59 -37.98 42.40 -5.78
CA ASP C 59 -38.77 43.60 -5.65
C ASP C 59 -39.24 44.07 -7.02
N TYR C 60 -40.17 45.03 -6.99
CA TYR C 60 -40.66 45.72 -8.18
C TYR C 60 -40.23 47.17 -8.12
N GLY C 61 -39.67 47.65 -9.21
CA GLY C 61 -39.17 49.01 -9.24
C GLY C 61 -40.25 50.04 -9.49
N SER C 62 -39.85 51.29 -9.32
CA SER C 62 -40.71 52.44 -9.62
C SER C 62 -40.56 52.80 -11.09
N PHE C 63 -41.64 52.66 -11.84
CA PHE C 63 -41.59 52.82 -13.27
C PHE C 63 -41.77 54.28 -13.66
N ALA C 64 -41.00 54.71 -14.65
CA ALA C 64 -41.05 56.08 -15.13
C ALA C 64 -42.13 56.31 -16.15
N ASN C 65 -42.62 55.23 -16.76
CA ASN C 65 -43.55 55.30 -17.86
C ASN C 65 -44.60 54.23 -17.71
N GLU C 66 -45.75 54.44 -18.35
CA GLU C 66 -46.54 53.31 -18.76
C GLU C 66 -45.70 52.51 -19.75
N GLU C 67 -46.19 51.32 -20.07
CA GLU C 67 -45.44 50.29 -20.81
C GLU C 67 -44.29 49.78 -19.95
N GLN C 68 -44.13 50.33 -18.74
CA GLN C 68 -43.36 49.72 -17.67
C GLN C 68 -42.01 49.21 -18.15
N THR C 69 -41.28 50.08 -18.83
CA THR C 69 -40.01 49.72 -19.45
C THR C 69 -38.81 50.32 -18.72
N VAL C 70 -38.94 51.52 -18.18
CA VAL C 70 -37.87 52.18 -17.45
C VAL C 70 -38.27 52.25 -15.99
N ARG C 71 -37.33 51.96 -15.09
CA ARG C 71 -37.63 51.93 -13.67
C ARG C 71 -36.39 52.28 -12.87
N MET C 72 -36.64 52.76 -11.65
CA MET C 72 -35.63 52.89 -10.61
C MET C 72 -35.65 51.66 -9.71
N ASP C 73 -34.59 50.87 -9.77
CA ASP C 73 -34.44 49.72 -8.90
C ASP C 73 -33.90 50.13 -7.53
N ASP C 74 -34.10 49.24 -6.57
CA ASP C 74 -33.66 49.42 -5.18
C ASP C 74 -32.81 48.20 -4.82
N TRP C 75 -31.82 47.94 -5.66
CA TRP C 75 -31.12 46.67 -5.69
C TRP C 75 -30.26 46.51 -4.45
N VAL C 76 -30.66 45.58 -3.59
CA VAL C 76 -29.99 45.38 -2.32
C VAL C 76 -28.85 44.38 -2.50
N LEU C 77 -27.67 44.74 -2.00
CA LEU C 77 -26.49 43.91 -2.04
C LEU C 77 -26.04 43.61 -0.63
N LEU C 78 -25.75 42.35 -0.34
CA LEU C 78 -25.40 41.92 1.00
C LEU C 78 -23.89 41.86 1.11
N VAL C 79 -23.30 43.02 1.38
CA VAL C 79 -21.87 43.07 1.63
C VAL C 79 -21.59 42.49 3.00
N GLN C 80 -20.68 41.53 3.06
CA GLN C 80 -20.24 40.99 4.32
C GLN C 80 -18.79 40.62 4.21
N GLY C 81 -18.15 40.49 5.36
CA GLY C 81 -16.72 40.31 5.40
C GLY C 81 -16.31 39.55 6.64
N TRP C 82 -15.13 38.96 6.54
CA TRP C 82 -14.57 38.14 7.58
C TRP C 82 -13.15 38.57 7.85
N VAL C 83 -12.78 38.55 9.12
CA VAL C 83 -11.42 38.84 9.55
C VAL C 83 -11.19 38.14 10.87
N LYS C 84 -10.00 37.57 11.02
CA LYS C 84 -9.70 36.79 12.21
C LYS C 84 -9.75 37.68 13.44
N ASP C 85 -10.48 37.21 14.45
CA ASP C 85 -10.82 38.07 15.58
C ASP C 85 -9.69 38.09 16.61
N ASP C 86 -9.96 38.81 17.69
CA ASP C 86 -9.12 38.80 18.88
C ASP C 86 -9.88 38.02 19.94
N PRO C 87 -9.40 36.85 20.35
CA PRO C 87 -10.21 36.00 21.23
C PRO C 87 -10.66 36.68 22.51
N ARG C 88 -9.93 37.70 22.96
CA ARG C 88 -10.31 38.46 24.14
C ARG C 88 -11.13 39.68 23.79
N ASN C 89 -11.16 40.07 22.52
CA ASN C 89 -12.02 41.14 22.01
C ASN C 89 -12.70 40.62 20.76
N PRO C 90 -13.64 39.69 20.92
CA PRO C 90 -13.99 38.78 19.84
C PRO C 90 -14.43 39.45 18.55
N THR C 91 -14.87 40.71 18.59
CA THR C 91 -15.45 41.31 17.40
C THR C 91 -14.95 42.73 17.12
N ASP C 92 -13.85 43.13 17.73
CA ASP C 92 -13.30 44.45 17.46
C ASP C 92 -12.73 44.58 16.06
N PRO C 93 -12.01 43.58 15.53
CA PRO C 93 -11.44 43.71 14.18
C PRO C 93 -12.46 44.03 13.11
N ALA C 94 -13.65 43.46 13.20
CA ALA C 94 -14.63 43.63 12.14
C ALA C 94 -15.10 45.06 12.02
N TYR C 95 -15.15 45.78 13.14
CA TYR C 95 -15.56 47.17 13.08
C TYR C 95 -14.61 47.99 12.25
N GLU C 96 -13.31 47.68 12.30
CA GLU C 96 -12.33 48.43 11.56
C GLU C 96 -12.41 48.15 10.06
N LEU C 97 -12.55 46.89 9.69
CA LEU C 97 -12.71 46.54 8.28
C LEU C 97 -14.00 47.12 7.73
N LEU C 98 -15.08 46.97 8.49
CA LEU C 98 -16.34 47.60 8.15
C LEU C 98 -16.18 49.09 7.92
N ALA C 99 -15.39 49.75 8.77
CA ALA C 99 -15.17 51.16 8.61
C ALA C 99 -14.44 51.47 7.31
N GLU C 100 -13.41 50.68 6.99
CA GLU C 100 -12.70 50.92 5.74
C GLU C 100 -13.62 50.73 4.55
N VAL C 101 -14.48 49.72 4.62
CA VAL C 101 -15.37 49.42 3.51
C VAL C 101 -16.41 50.51 3.33
N GLU C 102 -16.99 50.97 4.44
CA GLU C 102 -17.94 52.08 4.38
C GLU C 102 -17.28 53.32 3.83
N LYS C 103 -16.08 53.63 4.31
CA LYS C 103 -15.36 54.81 3.86
C LYS C 103 -15.06 54.74 2.37
N ARG C 104 -14.75 53.55 1.88
CA ARG C 104 -14.53 53.37 0.44
C ARG C 104 -15.81 53.53 -0.35
N LEU C 105 -16.88 52.87 0.08
CA LEU C 105 -18.14 52.96 -0.63
C LEU C 105 -18.66 54.38 -0.66
N ALA C 106 -18.51 55.11 0.44
CA ALA C 106 -18.98 56.49 0.49
C ALA C 106 -18.36 57.34 -0.61
N MET C 107 -17.16 56.99 -1.04
CA MET C 107 -16.49 57.76 -2.08
C MET C 107 -17.37 57.93 -3.30
N LEU C 108 -18.31 57.02 -3.49
CA LEU C 108 -19.16 57.03 -4.67
C LEU C 108 -20.25 58.08 -4.61
N VAL C 109 -20.61 58.53 -3.42
CA VAL C 109 -21.70 59.46 -3.25
C VAL C 109 -21.27 60.65 -2.41
N ALA C 110 -20.09 60.54 -1.81
CA ALA C 110 -19.66 61.53 -0.83
C ALA C 110 -19.39 62.86 -1.49
N LYS C 111 -20.25 63.82 -1.21
CA LYS C 111 -20.03 65.19 -1.63
C LYS C 111 -19.23 65.94 -0.58
N ASP C 112 -18.49 66.94 -1.02
CA ASP C 112 -17.80 67.80 -0.10
C ASP C 112 -18.81 68.72 0.58
N GLU C 113 -18.31 69.53 1.52
CA GLU C 113 -19.18 70.39 2.29
C GLU C 113 -19.86 71.46 1.44
N GLN C 114 -19.41 71.67 0.21
CA GLN C 114 -19.98 72.66 -0.67
C GLN C 114 -20.80 72.03 -1.80
N GLY C 115 -21.15 70.76 -1.66
CA GLY C 115 -22.04 70.12 -2.60
C GLY C 115 -21.39 69.55 -3.82
N GLN C 116 -20.17 69.60 -3.91
CA GLN C 116 -19.49 69.04 -5.06
C GLN C 116 -18.93 67.66 -4.73
N PRO C 117 -18.91 66.76 -5.71
CA PRO C 117 -18.28 65.46 -5.49
C PRO C 117 -16.84 65.59 -5.01
N MET C 118 -16.47 64.71 -4.08
CA MET C 118 -15.09 64.64 -3.62
C MET C 118 -14.21 63.88 -4.60
N TYR C 119 -14.72 62.81 -5.16
CA TYR C 119 -13.99 61.94 -6.08
C TYR C 119 -14.84 61.79 -7.34
N PRO C 120 -14.74 62.73 -8.26
CA PRO C 120 -15.71 62.80 -9.36
C PRO C 120 -15.68 61.62 -10.29
N ALA C 121 -14.55 60.95 -10.46
CA ALA C 121 -14.50 59.79 -11.34
C ALA C 121 -15.14 58.58 -10.71
N LEU C 122 -15.03 58.45 -9.39
CA LEU C 122 -15.72 57.39 -8.67
C LEU C 122 -17.20 57.67 -8.53
N TYR C 123 -17.55 58.95 -8.36
CA TYR C 123 -18.89 59.36 -8.03
C TYR C 123 -19.91 58.58 -8.84
N ARG C 124 -20.72 57.80 -8.13
CA ARG C 124 -21.78 56.99 -8.74
C ARG C 124 -21.22 55.98 -9.74
N LEU C 125 -19.98 55.57 -9.56
CA LEU C 125 -19.35 54.57 -10.43
C LEU C 125 -19.34 55.01 -11.89
N GLY C 126 -19.42 56.31 -12.12
CA GLY C 126 -19.50 56.80 -13.48
C GLY C 126 -20.89 56.80 -14.04
N GLY C 127 -21.87 57.29 -13.27
CA GLY C 127 -23.23 57.34 -13.73
C GLY C 127 -23.92 56.00 -13.81
N LYS C 128 -23.26 54.93 -13.39
CA LYS C 128 -23.91 53.63 -13.41
C LYS C 128 -25.00 53.53 -12.37
N ILE C 129 -24.78 54.11 -11.19
CA ILE C 129 -25.74 54.07 -10.11
C ILE C 129 -26.21 55.46 -9.78
N ALA C 130 -27.41 55.55 -9.25
CA ALA C 130 -27.97 56.79 -8.79
C ALA C 130 -27.81 56.99 -7.28
N LYS C 131 -27.89 55.91 -6.52
CA LYS C 131 -27.93 55.98 -5.08
C LYS C 131 -27.12 54.84 -4.48
N LEU C 132 -26.71 55.04 -3.24
CA LEU C 132 -26.02 54.01 -2.45
C LEU C 132 -26.39 54.24 -1.00
N THR C 133 -27.43 53.55 -0.55
CA THR C 133 -27.91 53.66 0.82
C THR C 133 -27.28 52.55 1.64
N LEU C 134 -26.29 52.91 2.45
CA LEU C 134 -25.69 51.96 3.37
C LEU C 134 -26.57 51.79 4.59
N ALA C 135 -26.88 50.54 4.92
CA ALA C 135 -27.64 50.26 6.11
C ALA C 135 -26.74 50.28 7.34
N GLN C 136 -27.39 50.39 8.49
CA GLN C 136 -26.73 50.23 9.75
C GLN C 136 -26.08 48.86 9.81
N PRO C 137 -24.76 48.75 9.89
CA PRO C 137 -24.12 47.45 9.82
C PRO C 137 -24.24 46.67 11.12
N VAL C 138 -24.12 45.36 10.97
CA VAL C 138 -24.25 44.43 12.08
C VAL C 138 -22.96 43.67 12.22
N VAL C 139 -22.37 43.75 13.41
CA VAL C 139 -21.20 42.98 13.76
C VAL C 139 -21.59 42.11 14.93
N ARG C 140 -21.52 40.81 14.73
CA ARG C 140 -22.02 39.85 15.69
C ARG C 140 -21.20 38.58 15.58
N PRO C 141 -21.16 37.77 16.62
CA PRO C 141 -20.72 36.42 16.47
C PRO C 141 -21.81 35.62 15.79
N PRO C 142 -21.47 34.49 15.19
CA PRO C 142 -22.51 33.64 14.60
C PRO C 142 -23.48 33.19 15.69
N GLU C 143 -24.76 33.19 15.33
CA GLU C 143 -25.80 33.00 16.32
C GLU C 143 -25.73 31.61 16.94
N ASP C 144 -25.48 30.60 16.13
CA ASP C 144 -25.17 29.28 16.65
C ASP C 144 -23.92 28.80 15.94
N GLY C 145 -23.06 28.13 16.68
CA GLY C 145 -21.70 27.92 16.29
C GLY C 145 -20.77 28.93 16.92
N LEU C 146 -19.48 28.66 16.80
CA LEU C 146 -18.44 29.40 17.51
C LEU C 146 -17.24 29.54 16.61
N SER C 147 -16.64 30.74 16.58
CA SER C 147 -15.61 31.02 15.61
C SER C 147 -14.63 32.05 16.14
N ASP C 148 -13.37 31.92 15.72
CA ASP C 148 -12.39 33.00 15.81
C ASP C 148 -12.36 33.85 14.57
N THR C 149 -13.42 33.82 13.78
CA THR C 149 -13.57 34.66 12.61
C THR C 149 -14.68 35.65 12.87
N ALA C 150 -14.38 36.92 12.67
CA ALA C 150 -15.29 38.00 12.97
C ALA C 150 -16.11 38.34 11.75
N PHE C 151 -17.41 38.52 11.95
CA PHE C 151 -18.36 38.73 10.88
C PHE C 151 -18.88 40.16 10.93
N PHE C 152 -18.95 40.81 9.78
CA PHE C 152 -19.71 42.03 9.64
C PHE C 152 -20.66 41.92 8.47
N PHE C 153 -21.86 42.45 8.67
CA PHE C 153 -22.95 42.36 7.71
C PHE C 153 -23.41 43.76 7.36
N LEU C 154 -23.38 44.08 6.07
CA LEU C 154 -23.63 45.45 5.60
C LEU C 154 -24.47 45.42 4.34
N PRO C 155 -25.78 45.58 4.47
CA PRO C 155 -26.63 45.71 3.28
C PRO C 155 -26.42 47.04 2.58
N VAL C 156 -26.41 47.00 1.25
CA VAL C 156 -26.22 48.17 0.42
C VAL C 156 -27.32 48.18 -0.63
N ARG C 157 -28.18 49.18 -0.57
CA ARG C 157 -29.20 49.38 -1.61
C ARG C 157 -28.62 50.26 -2.69
N VAL C 158 -28.34 49.67 -3.83
CA VAL C 158 -27.93 50.40 -5.02
C VAL C 158 -29.17 50.86 -5.76
N GLY C 159 -29.27 52.16 -6.02
CA GLY C 159 -30.29 52.67 -6.90
C GLY C 159 -29.72 52.88 -8.29
N LEU C 160 -30.46 52.40 -9.28
CA LEU C 160 -29.99 52.42 -10.65
C LEU C 160 -31.19 52.48 -11.57
N LYS C 161 -31.04 53.20 -12.67
CA LYS C 161 -32.04 53.26 -13.71
C LYS C 161 -31.90 52.04 -14.60
N VAL C 162 -33.00 51.31 -14.78
CA VAL C 162 -33.04 50.13 -15.60
C VAL C 162 -34.01 50.39 -16.74
N ASP C 163 -33.52 50.28 -17.97
CA ASP C 163 -34.36 50.20 -19.15
C ASP C 163 -34.21 48.80 -19.70
N ILE C 164 -35.28 48.01 -19.62
CA ILE C 164 -35.21 46.60 -19.98
C ILE C 164 -35.00 46.40 -21.47
N ARG C 165 -35.06 47.47 -22.26
CA ARG C 165 -34.65 47.41 -23.65
C ARG C 165 -33.15 47.33 -23.79
N ASN C 166 -32.40 47.78 -22.78
CA ASN C 166 -30.94 47.63 -22.76
C ASN C 166 -30.52 47.44 -21.31
N PRO C 167 -30.86 46.30 -20.71
CA PRO C 167 -30.69 45.96 -19.30
C PRO C 167 -29.25 45.67 -18.93
N GLY D 36 -24.06 -77.24 -22.12
CA GLY D 36 -23.73 -78.28 -21.09
C GLY D 36 -24.14 -77.89 -19.70
N GLY D 37 -23.65 -78.64 -18.72
CA GLY D 37 -23.93 -78.35 -17.34
C GLY D 37 -22.68 -78.05 -16.54
N LEU D 38 -21.52 -78.24 -17.16
CA LEU D 38 -20.25 -77.97 -16.51
C LEU D 38 -20.01 -76.47 -16.43
N GLU D 39 -20.23 -75.89 -15.25
CA GLU D 39 -20.04 -74.46 -15.09
C GLU D 39 -18.61 -74.04 -15.31
N GLY D 40 -17.67 -74.97 -15.21
CA GLY D 40 -16.26 -74.68 -15.34
C GLY D 40 -15.69 -74.84 -16.72
N ALA D 41 -16.52 -75.21 -17.69
CA ALA D 41 -16.14 -75.22 -19.09
C ALA D 41 -17.16 -74.47 -19.93
N GLU D 42 -17.87 -73.53 -19.32
CA GLU D 42 -18.89 -72.74 -19.97
C GLU D 42 -18.60 -71.27 -19.70
N ARG D 43 -19.02 -70.43 -20.62
CA ARG D 43 -18.92 -68.98 -20.43
C ARG D 43 -20.16 -68.39 -19.80
N ASN D 44 -20.95 -69.21 -19.11
CA ASN D 44 -22.21 -68.77 -18.52
C ASN D 44 -21.99 -67.92 -17.30
N THR D 45 -20.99 -68.27 -16.50
CA THR D 45 -20.78 -67.62 -15.22
C THR D 45 -20.08 -66.28 -15.40
N ARG D 46 -20.27 -65.42 -14.41
CA ARG D 46 -19.57 -64.15 -14.37
C ARG D 46 -18.07 -64.35 -14.25
N GLU D 47 -17.65 -65.45 -13.64
CA GLU D 47 -16.23 -65.70 -13.42
C GLU D 47 -15.51 -66.18 -14.66
N MET D 48 -16.19 -66.95 -15.52
CA MET D 48 -15.54 -67.66 -16.61
C MET D 48 -15.87 -67.09 -17.99
N PHE D 49 -16.65 -66.01 -18.06
CA PHE D 49 -17.05 -65.43 -19.34
C PHE D 49 -15.84 -64.95 -20.13
N ARG D 50 -14.91 -64.25 -19.48
CA ARG D 50 -13.77 -63.70 -20.19
C ARG D 50 -12.69 -64.73 -20.44
N TRP D 51 -12.62 -65.78 -19.64
CA TRP D 51 -11.59 -66.79 -19.79
C TRP D 51 -11.87 -67.61 -21.04
N THR D 52 -11.22 -67.25 -22.13
CA THR D 52 -11.37 -67.91 -23.42
C THR D 52 -9.98 -68.20 -23.98
N PRO D 53 -9.35 -69.26 -23.52
CA PRO D 53 -7.97 -69.53 -23.93
C PRO D 53 -7.92 -70.13 -25.32
N ALA D 54 -6.83 -69.85 -26.01
CA ALA D 54 -6.66 -70.35 -27.37
C ALA D 54 -6.30 -71.83 -27.35
N ILE D 55 -6.76 -72.54 -28.38
CA ILE D 55 -6.35 -73.91 -28.64
C ILE D 55 -5.06 -73.82 -29.46
N ILE D 56 -3.92 -74.00 -28.79
CA ILE D 56 -2.62 -73.73 -29.39
C ILE D 56 -1.75 -74.97 -29.24
N SER D 57 -1.18 -75.41 -30.36
CA SER D 57 -0.32 -76.58 -30.35
C SER D 57 0.89 -76.33 -29.45
N PRO D 58 1.41 -77.38 -28.80
CA PRO D 58 2.59 -77.18 -27.96
C PRO D 58 3.73 -76.55 -28.73
N ASP D 59 4.10 -77.15 -29.86
CA ASP D 59 5.17 -76.60 -30.68
C ASP D 59 4.87 -75.18 -31.13
N GLN D 60 3.59 -74.83 -31.26
CA GLN D 60 3.24 -73.47 -31.59
C GLN D 60 3.43 -72.54 -30.40
N GLN D 61 3.24 -73.05 -29.18
CA GLN D 61 3.61 -72.29 -28.00
C GLN D 61 5.11 -72.02 -27.98
N ILE D 62 5.91 -73.07 -28.18
CA ILE D 62 7.34 -72.89 -28.18
C ILE D 62 7.77 -71.90 -29.25
N ALA D 63 7.15 -71.97 -30.43
CA ALA D 63 7.58 -71.10 -31.52
C ALA D 63 7.18 -69.67 -31.25
N GLN D 64 5.93 -69.45 -30.84
CA GLN D 64 5.39 -68.11 -30.74
C GLN D 64 5.89 -67.37 -29.52
N ASP D 65 5.97 -68.05 -28.38
CA ASP D 65 6.52 -67.43 -27.18
C ASP D 65 8.00 -67.75 -27.01
N GLY D 66 8.31 -68.96 -26.55
CA GLY D 66 9.65 -69.51 -26.62
C GLY D 66 10.76 -68.66 -26.07
N THR D 67 11.59 -68.12 -26.97
CA THR D 67 12.85 -67.51 -26.56
C THR D 67 12.65 -66.53 -25.42
N LEU D 68 11.49 -65.87 -25.37
CA LEU D 68 11.23 -64.95 -24.29
C LEU D 68 11.14 -65.67 -22.96
N ALA D 69 10.72 -66.93 -22.96
CA ALA D 69 10.75 -67.72 -21.75
C ALA D 69 12.17 -68.00 -21.31
N LEU D 70 13.05 -68.33 -22.25
CA LEU D 70 14.45 -68.56 -21.93
C LEU D 70 15.09 -67.31 -21.34
N SER D 71 14.84 -66.17 -21.99
CA SER D 71 15.46 -64.94 -21.53
C SER D 71 14.92 -64.54 -20.17
N ARG D 72 13.63 -64.68 -19.96
CA ARG D 72 13.05 -64.33 -18.68
C ARG D 72 13.52 -65.28 -17.58
N ALA D 73 13.68 -66.55 -17.91
CA ALA D 73 14.14 -67.51 -16.91
C ALA D 73 15.59 -67.25 -16.52
N GLN D 74 16.47 -67.04 -17.50
CA GLN D 74 17.86 -66.77 -17.14
C GLN D 74 18.00 -65.39 -16.50
N ASP D 75 17.11 -64.46 -16.82
CA ASP D 75 17.10 -63.17 -16.13
C ASP D 75 16.73 -63.33 -14.67
N ILE D 76 15.63 -64.03 -14.38
CA ILE D 76 15.18 -64.18 -13.01
C ILE D 76 16.18 -65.01 -12.22
N VAL D 77 16.83 -65.97 -12.86
CA VAL D 77 17.84 -66.76 -12.19
C VAL D 77 19.05 -65.90 -11.85
N GLN D 78 19.43 -65.01 -12.75
CA GLN D 78 20.64 -64.23 -12.58
C GLN D 78 20.41 -62.94 -11.81
N ASN D 79 19.21 -62.69 -11.35
CA ASN D 79 18.89 -61.46 -10.64
C ASN D 79 18.09 -61.69 -9.37
N ASP D 80 17.78 -62.92 -9.01
CA ASP D 80 17.09 -63.26 -7.78
C ASP D 80 17.86 -64.37 -7.09
N GLY D 81 18.13 -64.19 -5.79
CA GLY D 81 18.85 -65.19 -5.04
C GLY D 81 18.07 -66.46 -4.82
N TYR D 82 16.74 -66.37 -4.78
CA TYR D 82 15.93 -67.55 -4.53
C TYR D 82 15.94 -68.49 -5.72
N ALA D 83 15.81 -67.96 -6.93
CA ALA D 83 15.86 -68.79 -8.12
C ALA D 83 17.25 -69.38 -8.34
N PHE D 84 18.29 -68.58 -8.13
CA PHE D 84 19.64 -69.09 -8.21
C PHE D 84 19.85 -70.23 -7.21
N GLY D 85 19.37 -70.05 -5.99
CA GLY D 85 19.44 -71.12 -5.01
C GLY D 85 18.66 -72.34 -5.45
N ALA D 86 17.52 -72.14 -6.11
CA ALA D 86 16.76 -73.27 -6.62
C ALA D 86 17.55 -74.05 -7.65
N VAL D 87 18.23 -73.36 -8.55
CA VAL D 87 19.06 -74.03 -9.54
C VAL D 87 20.14 -74.83 -8.84
N ALA D 88 20.78 -74.23 -7.84
CA ALA D 88 21.81 -74.93 -7.09
C ALA D 88 21.24 -76.16 -6.40
N ILE D 89 20.03 -76.04 -5.85
CA ILE D 89 19.40 -77.15 -5.14
C ILE D 89 19.11 -78.29 -6.10
N HIS D 90 18.67 -77.96 -7.32
CA HIS D 90 18.51 -78.99 -8.33
C HIS D 90 19.83 -79.69 -8.62
N ARG D 91 20.87 -78.90 -8.91
CA ARG D 91 22.16 -79.51 -9.23
C ARG D 91 22.66 -80.40 -8.11
N ASP D 92 22.51 -79.97 -6.86
CA ASP D 92 23.07 -80.71 -5.73
C ASP D 92 22.18 -81.84 -5.25
N SER D 93 20.89 -81.78 -5.54
CA SER D 93 19.95 -82.82 -5.15
C SER D 93 19.89 -83.93 -6.19
N VAL D 94 19.90 -83.55 -7.46
CA VAL D 94 19.84 -84.51 -8.55
C VAL D 94 21.19 -85.20 -8.71
N VAL D 95 22.26 -84.42 -8.71
CA VAL D 95 23.60 -84.91 -9.01
C VAL D 95 24.46 -84.94 -7.77
N GLY D 96 24.68 -83.78 -7.16
CA GLY D 96 25.52 -83.70 -5.98
C GLY D 96 26.98 -83.46 -6.31
N SER D 97 27.85 -83.98 -5.47
CA SER D 97 29.29 -83.79 -5.60
C SER D 97 29.94 -84.80 -6.52
N GLN D 98 29.24 -85.89 -6.85
CA GLN D 98 29.81 -86.96 -7.64
C GLN D 98 28.71 -87.57 -8.46
N TYR D 99 29.09 -88.21 -9.56
CA TYR D 99 28.17 -88.93 -10.39
C TYR D 99 28.91 -90.15 -10.91
N LYS D 100 28.82 -91.23 -10.14
CA LYS D 100 29.63 -92.41 -10.40
C LYS D 100 28.86 -93.45 -11.21
N LEU D 101 29.59 -94.13 -12.08
CA LEU D 101 29.01 -95.20 -12.86
C LEU D 101 28.85 -96.47 -12.02
N ASN D 102 27.71 -97.14 -12.20
CA ASN D 102 27.51 -98.49 -11.68
C ASN D 102 26.95 -99.30 -12.83
N SER D 103 27.82 -99.97 -13.57
CA SER D 103 27.41 -100.70 -14.75
C SER D 103 26.60 -101.93 -14.36
N LYS D 104 25.52 -102.17 -15.10
CA LYS D 104 24.64 -103.31 -14.87
C LYS D 104 24.49 -104.07 -16.18
N PRO D 105 25.56 -104.73 -16.62
CA PRO D 105 25.48 -105.52 -17.85
C PRO D 105 24.45 -106.63 -17.72
N ASN D 106 23.47 -106.61 -18.61
CA ASN D 106 22.39 -107.59 -18.58
C ASN D 106 22.93 -108.90 -19.14
N SER D 107 23.59 -109.65 -18.25
CA SER D 107 24.25 -110.89 -18.66
C SER D 107 23.28 -111.86 -19.32
N LEU D 108 21.99 -111.79 -18.97
CA LEU D 108 21.05 -112.80 -19.44
C LEU D 108 20.81 -112.67 -20.94
N VAL D 109 20.40 -111.50 -21.39
CA VAL D 109 20.13 -111.31 -22.81
C VAL D 109 21.40 -111.38 -23.63
N LEU D 110 22.55 -111.07 -23.02
CA LEU D 110 23.82 -111.32 -23.67
C LEU D 110 24.16 -112.80 -23.70
N GLY D 111 23.44 -113.62 -22.94
CA GLY D 111 23.79 -115.02 -22.82
C GLY D 111 25.13 -115.24 -22.17
N ALA D 112 25.56 -114.30 -21.34
CA ALA D 112 26.89 -114.37 -20.75
C ALA D 112 26.93 -115.40 -19.64
N PRO D 113 28.12 -115.93 -19.36
CA PRO D 113 28.25 -116.89 -18.26
C PRO D 113 28.35 -116.17 -16.92
N GLU D 114 28.24 -116.95 -15.86
CA GLU D 114 28.50 -116.44 -14.52
C GLU D 114 29.93 -115.90 -14.44
N GLY D 115 30.12 -114.93 -13.55
CA GLY D 115 31.45 -114.40 -13.28
C GLY D 115 31.93 -113.32 -14.22
N TRP D 116 31.52 -113.38 -15.49
CA TRP D 116 31.98 -112.38 -16.46
C TRP D 116 31.53 -110.99 -16.06
N ALA D 117 30.28 -110.84 -15.65
CA ALA D 117 29.74 -109.51 -15.37
C ALA D 117 30.58 -108.79 -14.32
N GLU D 118 31.09 -109.52 -13.34
CA GLU D 118 31.90 -108.88 -12.30
C GLU D 118 33.20 -108.33 -12.88
N GLU D 119 33.86 -109.10 -13.74
CA GLU D 119 35.10 -108.67 -14.34
C GLU D 119 34.89 -107.44 -15.24
N PHE D 120 33.86 -107.48 -16.08
CA PHE D 120 33.54 -106.35 -16.93
C PHE D 120 33.21 -105.12 -16.11
N GLN D 121 32.41 -105.28 -15.06
CA GLN D 121 32.05 -104.16 -14.21
C GLN D 121 33.29 -103.56 -13.58
N GLU D 122 34.15 -104.41 -13.03
CA GLU D 122 35.39 -103.94 -12.42
C GLU D 122 36.17 -103.07 -13.39
N VAL D 123 36.47 -103.62 -14.56
CA VAL D 123 37.32 -102.91 -15.51
C VAL D 123 36.66 -101.61 -15.97
N VAL D 124 35.40 -101.69 -16.38
CA VAL D 124 34.73 -100.53 -16.95
C VAL D 124 34.60 -99.41 -15.93
N GLU D 125 34.15 -99.73 -14.73
CA GLU D 125 34.02 -98.69 -13.73
C GLU D 125 35.38 -98.14 -13.30
N ALA D 126 36.38 -98.99 -13.19
CA ALA D 126 37.71 -98.53 -12.85
C ALA D 126 38.18 -97.45 -13.81
N ARG D 127 38.03 -97.71 -15.10
CA ARG D 127 38.50 -96.74 -16.09
C ARG D 127 37.59 -95.51 -16.13
N PHE D 128 36.28 -95.74 -16.21
CA PHE D 128 35.35 -94.66 -16.49
C PHE D 128 35.24 -93.68 -15.33
N ASN D 129 35.05 -94.18 -14.10
CA ASN D 129 34.95 -93.26 -12.97
C ASN D 129 36.24 -92.47 -12.82
N MET D 130 37.37 -93.13 -13.04
CA MET D 130 38.66 -92.46 -12.94
C MET D 130 38.74 -91.29 -13.91
N VAL D 131 38.38 -91.52 -15.16
CA VAL D 131 38.51 -90.44 -16.15
C VAL D 131 37.41 -89.40 -15.98
N ALA D 132 36.24 -89.81 -15.49
CA ALA D 132 35.12 -88.89 -15.39
C ALA D 132 35.30 -87.91 -14.25
N GLU D 133 35.88 -88.37 -13.14
CA GLU D 133 36.16 -87.50 -12.01
C GLU D 133 37.52 -86.84 -12.10
N SER D 134 38.23 -87.03 -13.20
CA SER D 134 39.56 -86.45 -13.34
C SER D 134 39.47 -84.94 -13.51
N PRO D 135 40.38 -84.16 -12.92
CA PRO D 135 40.37 -82.71 -13.13
C PRO D 135 40.74 -82.28 -14.54
N GLU D 136 41.10 -83.21 -15.42
CA GLU D 136 41.53 -82.86 -16.76
C GLU D 136 40.38 -82.43 -17.67
N ASN D 137 39.14 -82.67 -17.26
CA ASN D 137 37.97 -82.29 -18.05
C ASN D 137 37.92 -83.02 -19.39
N TRP D 138 38.19 -84.32 -19.37
CA TRP D 138 38.22 -85.07 -20.62
C TRP D 138 36.92 -84.96 -21.39
N PHE D 139 35.80 -85.30 -20.74
CA PHE D 139 34.54 -85.47 -21.46
C PHE D 139 33.97 -84.17 -21.97
N ASP D 140 34.46 -83.03 -21.49
CA ASP D 140 33.92 -81.74 -21.86
C ASP D 140 34.80 -81.15 -22.94
N ALA D 141 34.20 -80.79 -24.07
CA ALA D 141 34.97 -80.25 -25.18
C ALA D 141 35.59 -78.91 -24.83
N ARG D 142 34.93 -78.14 -23.96
CA ARG D 142 35.51 -76.93 -23.42
C ARG D 142 36.65 -77.22 -22.45
N ARG D 143 36.84 -78.48 -22.09
CA ARG D 143 37.89 -78.89 -21.16
C ARG D 143 37.85 -78.05 -19.89
N MET D 144 36.65 -77.84 -19.37
CA MET D 144 36.46 -77.03 -18.18
C MET D 144 35.58 -77.69 -17.12
N ASN D 145 34.73 -78.65 -17.47
CA ASN D 145 33.89 -79.35 -16.53
C ASN D 145 34.17 -80.84 -16.59
N THR D 146 34.22 -81.48 -15.42
CA THR D 146 34.25 -82.92 -15.37
C THR D 146 32.90 -83.48 -15.82
N LEU D 147 32.75 -84.80 -15.73
CA LEU D 147 31.48 -85.40 -16.07
C LEU D 147 30.39 -84.93 -15.12
N THR D 148 30.67 -85.01 -13.82
CA THR D 148 29.71 -84.53 -12.84
C THR D 148 29.30 -83.10 -13.12
N GLY D 149 30.25 -82.27 -13.53
CA GLY D 149 29.92 -80.89 -13.85
C GLY D 149 29.07 -80.77 -15.08
N LEU D 150 29.28 -81.63 -16.07
CA LEU D 150 28.42 -81.64 -17.24
C LEU D 150 27.00 -81.98 -16.86
N VAL D 151 26.83 -82.98 -16.00
CA VAL D 151 25.49 -83.39 -15.60
C VAL D 151 24.82 -82.30 -14.79
N ARG D 152 25.58 -81.66 -13.89
CA ARG D 152 25.04 -80.54 -13.14
C ARG D 152 24.63 -79.41 -14.07
N LEU D 153 25.43 -79.16 -15.09
CA LEU D 153 25.15 -78.08 -16.04
C LEU D 153 23.90 -78.37 -16.84
N ALA D 154 23.71 -79.64 -17.22
CA ALA D 154 22.46 -80.04 -17.83
C ALA D 154 21.29 -79.78 -16.89
N VAL D 155 21.35 -80.34 -15.69
CA VAL D 155 20.25 -80.24 -14.74
C VAL D 155 19.88 -78.80 -14.48
N GLY D 156 20.87 -77.92 -14.38
CA GLY D 156 20.57 -76.52 -14.19
C GLY D 156 19.97 -75.89 -15.44
N GLY D 157 20.50 -76.24 -16.60
CA GLY D 157 19.91 -75.74 -17.83
C GLY D 157 18.52 -76.30 -18.07
N PHE D 158 18.30 -77.54 -17.64
CA PHE D 158 16.98 -78.13 -17.77
C PHE D 158 15.93 -77.29 -17.05
N ILE D 159 16.11 -77.10 -15.74
CA ILE D 159 15.18 -76.30 -14.97
C ILE D 159 15.04 -74.90 -15.58
N MET D 160 16.12 -74.38 -16.13
CA MET D 160 16.11 -73.03 -16.66
C MET D 160 15.66 -72.98 -18.12
N THR D 161 15.70 -74.09 -18.84
CA THR D 161 15.34 -74.10 -20.26
C THR D 161 14.41 -75.21 -20.65
N GLY D 162 14.23 -76.25 -19.84
CA GLY D 162 13.41 -77.37 -20.19
C GLY D 162 14.07 -78.37 -21.10
N GLU D 163 15.31 -78.12 -21.52
CA GLU D 163 15.98 -78.96 -22.50
C GLU D 163 17.43 -79.16 -22.11
N VAL D 164 17.91 -80.38 -22.34
CA VAL D 164 19.33 -80.68 -22.39
C VAL D 164 19.71 -80.84 -23.84
N LEU D 165 20.76 -80.14 -24.25
CA LEU D 165 21.16 -80.11 -25.64
C LEU D 165 22.67 -80.16 -25.72
N ALA D 166 23.21 -81.17 -26.38
CA ALA D 166 24.65 -81.39 -26.41
C ALA D 166 25.05 -82.06 -27.71
N SER D 167 26.30 -81.80 -28.12
CA SER D 167 26.89 -82.39 -29.31
C SER D 167 28.01 -83.35 -28.92
N CYS D 168 27.93 -84.57 -29.43
CA CYS D 168 29.03 -85.53 -29.32
C CYS D 168 30.11 -85.18 -30.32
N GLU D 169 31.14 -84.48 -29.84
CA GLU D 169 32.29 -84.17 -30.66
C GLU D 169 33.30 -85.30 -30.64
N TRP D 170 34.19 -85.30 -31.64
CA TRP D 170 35.29 -86.23 -31.72
C TRP D 170 36.59 -85.45 -31.85
N MET D 171 37.51 -85.66 -30.92
CA MET D 171 38.85 -85.10 -30.98
C MET D 171 39.81 -86.27 -31.03
N LYS D 172 40.62 -86.33 -32.08
CA LYS D 172 41.39 -87.53 -32.35
C LYS D 172 42.34 -87.82 -31.19
N PRO D 173 42.34 -89.03 -30.65
CA PRO D 173 43.30 -89.37 -29.59
C PRO D 173 44.67 -89.63 -30.17
N ASN D 174 45.64 -89.72 -29.27
CA ASN D 174 47.00 -90.15 -29.59
C ASN D 174 47.64 -89.29 -30.68
N GLY D 175 47.20 -88.05 -30.80
CA GLY D 175 47.89 -87.07 -31.61
C GLY D 175 49.11 -86.56 -30.90
N THR D 176 49.45 -85.31 -31.15
CA THR D 176 50.58 -84.67 -30.48
C THR D 176 50.48 -84.85 -28.97
N ARG D 177 51.64 -84.88 -28.31
CA ARG D 177 51.69 -85.17 -26.88
C ARG D 177 50.82 -84.21 -26.07
N MET D 178 50.91 -82.91 -26.37
CA MET D 178 50.15 -81.93 -25.59
C MET D 178 48.65 -82.08 -25.83
N GLN D 179 48.28 -82.61 -27.00
CA GLN D 179 46.89 -82.91 -27.31
C GLN D 179 46.49 -84.33 -26.93
N ARG D 180 47.38 -85.08 -26.29
CA ARG D 180 47.11 -86.48 -26.02
C ARG D 180 45.86 -86.64 -25.19
N ARG D 181 44.95 -87.47 -25.68
CA ARG D 181 43.72 -87.79 -25.00
C ARG D 181 43.60 -89.29 -24.78
N PRO D 182 42.89 -89.71 -23.73
CA PRO D 182 42.64 -91.14 -23.55
C PRO D 182 41.56 -91.66 -24.47
N PHE D 183 40.61 -90.81 -24.84
CA PHE D 183 39.53 -91.15 -25.74
C PHE D 183 39.11 -89.88 -26.48
N GLY D 184 38.37 -90.08 -27.56
CA GLY D 184 37.98 -88.96 -28.40
C GLY D 184 36.66 -88.32 -28.05
N THR D 185 35.80 -89.07 -27.38
CA THR D 185 34.46 -88.58 -27.08
C THR D 185 34.52 -87.29 -26.27
N ALA D 186 33.85 -86.26 -26.79
CA ALA D 186 33.72 -84.99 -26.10
C ALA D 186 32.30 -84.48 -26.27
N ILE D 187 31.86 -83.69 -25.30
CA ILE D 187 30.48 -83.19 -25.24
C ILE D 187 30.53 -81.66 -25.21
N GLN D 188 29.91 -81.03 -26.20
CA GLN D 188 29.68 -79.59 -26.20
C GLN D 188 28.24 -79.34 -25.78
N MET D 189 28.06 -78.72 -24.62
CA MET D 189 26.73 -78.28 -24.23
C MET D 189 26.34 -77.05 -25.03
N ILE D 190 25.09 -77.00 -25.45
CA ILE D 190 24.63 -76.05 -26.46
C ILE D 190 23.52 -75.20 -25.89
N SER D 191 23.58 -73.91 -26.18
CA SER D 191 22.58 -72.99 -25.72
C SER D 191 21.28 -73.18 -26.49
N PRO D 192 20.16 -73.49 -25.82
CA PRO D 192 18.91 -73.69 -26.55
C PRO D 192 18.48 -72.53 -27.42
N TYR D 193 19.15 -71.38 -27.36
CA TYR D 193 18.89 -70.33 -28.33
C TYR D 193 19.42 -70.68 -29.70
N ARG D 194 20.50 -71.46 -29.76
CA ARG D 194 21.11 -71.79 -31.04
C ARG D 194 20.25 -72.77 -31.82
N LEU D 195 19.41 -73.54 -31.14
CA LEU D 195 18.47 -74.44 -31.80
C LEU D 195 17.32 -73.60 -32.32
N SER D 196 17.30 -73.37 -33.62
CA SER D 196 16.31 -72.52 -34.25
C SER D 196 16.10 -72.99 -35.68
N ASN D 197 14.97 -72.64 -36.24
CA ASN D 197 14.73 -72.94 -37.64
C ASN D 197 15.77 -72.22 -38.49
N PRO D 198 16.28 -72.86 -39.53
CA PRO D 198 17.28 -72.19 -40.38
C PRO D 198 16.64 -71.04 -41.14
N ASP D 199 17.34 -69.91 -41.15
CA ASP D 199 16.88 -68.72 -41.85
C ASP D 199 15.49 -68.29 -41.40
N ASN D 200 15.08 -68.72 -40.21
CA ASN D 200 13.86 -68.26 -39.56
C ASN D 200 12.61 -68.62 -40.34
N ILE D 201 12.70 -69.66 -41.18
CA ILE D 201 11.51 -70.11 -41.88
C ILE D 201 10.47 -70.60 -40.86
N MET D 202 9.23 -70.65 -41.29
CA MET D 202 8.17 -71.14 -40.43
C MET D 202 8.22 -72.66 -40.32
N ASP D 203 7.82 -73.16 -39.16
CA ASP D 203 7.86 -74.60 -38.91
C ASP D 203 6.86 -75.33 -39.79
N ASP D 204 7.01 -76.65 -39.85
CA ASP D 204 6.18 -77.47 -40.71
C ASP D 204 5.99 -78.85 -40.09
N LYS D 205 5.26 -79.69 -40.81
CA LYS D 205 5.03 -81.07 -40.39
C LYS D 205 6.31 -81.79 -39.99
N TYR D 206 7.42 -81.46 -40.63
CA TYR D 206 8.66 -82.20 -40.44
C TYR D 206 9.76 -81.36 -39.83
N LEU D 207 9.47 -80.12 -39.43
CA LEU D 207 10.50 -79.23 -38.91
C LEU D 207 9.84 -78.33 -37.88
N ARG D 208 10.04 -78.64 -36.61
CA ARG D 208 9.43 -77.91 -35.50
C ARG D 208 10.54 -77.23 -34.71
N SER D 209 10.64 -75.92 -34.86
CA SER D 209 11.58 -75.07 -34.12
C SER D 209 12.95 -75.72 -34.00
N GLY D 210 13.58 -75.93 -35.15
CA GLY D 210 14.95 -76.38 -35.20
C GLY D 210 15.14 -77.87 -35.24
N VAL D 211 14.10 -78.65 -34.98
CA VAL D 211 14.19 -80.10 -34.92
C VAL D 211 13.59 -80.68 -36.19
N LYS D 212 14.40 -81.45 -36.90
CA LYS D 212 13.92 -82.14 -38.09
C LYS D 212 13.23 -83.43 -37.68
N LEU D 213 12.05 -83.66 -38.22
CA LEU D 213 11.19 -84.76 -37.78
C LEU D 213 10.91 -85.72 -38.93
N ASP D 214 10.86 -87.00 -38.59
CA ASP D 214 10.40 -88.02 -39.52
C ASP D 214 8.87 -87.97 -39.62
N GLU D 215 8.30 -88.98 -40.27
CA GLU D 215 6.85 -89.05 -40.41
C GLU D 215 6.15 -89.36 -39.08
N MET D 216 6.79 -90.11 -38.20
CA MET D 216 6.23 -90.41 -36.89
C MET D 216 6.62 -89.40 -35.82
N GLY D 217 7.13 -88.25 -36.23
CA GLY D 217 7.46 -87.20 -35.29
C GLY D 217 8.76 -87.38 -34.54
N ALA D 218 9.60 -88.32 -34.96
CA ALA D 218 10.84 -88.54 -34.23
C ALA D 218 11.93 -87.58 -34.72
N PRO D 219 12.76 -87.08 -33.81
CA PRO D 219 13.86 -86.21 -34.25
C PRO D 219 14.94 -86.99 -34.98
N ILE D 220 15.32 -86.49 -36.14
CA ILE D 220 16.39 -87.08 -36.93
C ILE D 220 17.60 -86.17 -37.05
N GLY D 221 17.46 -84.89 -36.75
CA GLY D 221 18.57 -83.98 -36.79
C GLY D 221 18.13 -82.63 -36.26
N TYR D 222 19.12 -81.80 -35.95
CA TYR D 222 18.89 -80.53 -35.30
C TYR D 222 19.59 -79.42 -36.05
N TRP D 223 18.90 -78.30 -36.21
CA TRP D 223 19.42 -77.13 -36.94
C TRP D 223 19.95 -76.12 -35.94
N LEU D 224 21.27 -75.98 -35.89
CA LEU D 224 21.95 -75.14 -34.92
C LEU D 224 22.62 -73.96 -35.61
N ARG D 225 22.38 -72.77 -35.10
CA ARG D 225 23.19 -71.64 -35.49
C ARG D 225 24.65 -71.93 -35.21
N LYS D 226 25.53 -71.40 -36.06
CA LYS D 226 26.95 -71.63 -35.86
C LYS D 226 27.41 -71.04 -34.53
N ALA D 227 26.84 -69.91 -34.15
CA ALA D 227 27.18 -69.25 -32.91
C ALA D 227 25.94 -68.65 -32.27
N PHE D 228 26.10 -68.15 -31.07
CA PHE D 228 24.99 -67.61 -30.31
C PHE D 228 24.31 -66.49 -31.11
N PRO D 229 22.98 -66.42 -31.11
CA PRO D 229 22.30 -65.36 -31.86
C PRO D 229 22.55 -63.99 -31.27
N GLY D 230 22.79 -63.02 -32.15
CA GLY D 230 22.97 -61.66 -31.71
C GLY D 230 24.28 -61.37 -31.03
N ASP D 231 25.20 -62.32 -31.03
CA ASP D 231 26.52 -62.09 -30.47
C ASP D 231 27.28 -61.13 -31.36
N PRO D 232 27.54 -59.89 -30.94
CA PRO D 232 28.30 -58.98 -31.78
C PRO D 232 29.79 -59.25 -31.71
N THR D 233 30.18 -60.51 -31.86
CA THR D 233 31.57 -60.92 -31.81
C THR D 233 32.00 -61.78 -32.98
N ASP D 234 31.06 -62.44 -33.67
CA ASP D 234 31.41 -63.30 -34.79
C ASP D 234 30.33 -63.20 -35.85
N LEU D 235 30.75 -63.33 -37.11
CA LEU D 235 29.86 -63.06 -38.22
C LEU D 235 29.03 -64.28 -38.60
N GLU D 236 29.56 -65.48 -38.40
CA GLU D 236 28.88 -66.68 -38.86
C GLU D 236 27.56 -66.92 -38.16
N GLN D 237 27.25 -66.17 -37.11
CA GLN D 237 25.98 -66.35 -36.40
C GLN D 237 24.79 -66.08 -37.32
N TRP D 238 25.02 -65.56 -38.51
CA TRP D 238 24.00 -65.45 -39.55
C TRP D 238 23.72 -66.77 -40.25
N ARG D 239 24.37 -67.85 -39.85
CA ARG D 239 24.30 -69.12 -40.55
C ARG D 239 23.94 -70.24 -39.60
N TRP D 240 23.30 -71.27 -40.15
CA TRP D 240 22.84 -72.42 -39.40
C TRP D 240 23.56 -73.68 -39.86
N GLU D 241 23.62 -74.65 -38.97
CA GLU D 241 24.27 -75.92 -39.23
C GLU D 241 23.35 -77.06 -38.81
N TYR D 242 23.06 -77.94 -39.75
CA TYR D 242 22.28 -79.14 -39.46
C TYR D 242 23.21 -80.22 -38.93
N GLN D 243 22.89 -80.73 -37.75
CA GLN D 243 23.65 -81.82 -37.15
C GLN D 243 22.73 -83.02 -36.97
N PRO D 244 23.05 -84.18 -37.51
CA PRO D 244 22.20 -85.34 -37.29
C PRO D 244 22.11 -85.69 -35.83
N ALA D 245 21.00 -86.33 -35.45
CA ALA D 245 20.90 -86.92 -34.13
C ALA D 245 21.63 -88.26 -34.08
N ARG D 246 21.58 -89.02 -35.15
CA ARG D 246 22.30 -90.28 -35.17
C ARG D 246 23.34 -90.22 -36.26
N PHE D 247 24.59 -90.02 -35.87
CA PHE D 247 25.63 -89.87 -36.86
C PHE D 247 25.58 -91.01 -37.85
N ASP D 248 25.87 -92.22 -37.39
CA ASP D 248 25.92 -93.34 -38.32
C ASP D 248 25.97 -94.68 -37.63
N TRP D 249 25.26 -95.66 -38.19
CA TRP D 249 25.31 -97.01 -37.65
C TRP D 249 24.93 -97.04 -36.17
N GLY D 250 23.93 -96.25 -35.79
CA GLY D 250 23.47 -96.27 -34.41
C GLY D 250 24.11 -95.21 -33.54
N ARG D 251 25.33 -94.80 -33.87
CA ARG D 251 26.04 -93.84 -33.06
C ARG D 251 25.24 -92.55 -32.91
N ARG D 252 25.33 -91.95 -31.73
CA ARG D 252 24.58 -90.74 -31.40
C ARG D 252 25.46 -89.52 -31.62
N ARG D 253 25.07 -88.66 -32.55
CA ARG D 253 25.81 -87.43 -32.80
C ARG D 253 25.36 -86.29 -31.90
N MET D 254 24.10 -86.31 -31.45
CA MET D 254 23.57 -85.25 -30.62
C MET D 254 22.67 -85.81 -29.54
N ILE D 255 22.55 -85.05 -28.47
CA ILE D 255 21.75 -85.43 -27.31
C ILE D 255 20.70 -84.37 -27.07
N HIS D 256 19.44 -84.80 -26.99
CA HIS D 256 18.34 -83.89 -26.69
C HIS D 256 17.43 -84.59 -25.69
N ILE D 257 17.09 -83.89 -24.63
CA ILE D 257 16.26 -84.44 -23.56
C ILE D 257 15.24 -83.40 -23.14
N ILE D 258 13.99 -83.84 -22.99
CA ILE D 258 12.93 -82.99 -22.45
C ILE D 258 11.97 -83.83 -21.61
N GLU D 259 11.28 -83.13 -20.72
CA GLU D 259 10.14 -83.69 -19.99
C GLU D 259 8.89 -83.14 -20.65
N ALA D 260 8.24 -83.96 -21.46
CA ALA D 260 7.11 -83.50 -22.24
C ALA D 260 5.87 -83.45 -21.35
N LEU D 261 5.34 -82.24 -21.17
CA LEU D 261 4.08 -82.08 -20.46
C LEU D 261 2.92 -82.56 -21.29
N LEU D 262 2.93 -82.21 -22.57
CA LEU D 262 1.83 -82.44 -23.47
C LEU D 262 2.25 -83.40 -24.57
N PRO D 263 1.33 -84.22 -25.07
CA PRO D 263 1.67 -85.06 -26.22
C PRO D 263 1.89 -84.21 -27.45
N GLY D 264 2.77 -84.69 -28.34
CA GLY D 264 3.06 -83.94 -29.53
C GLY D 264 3.98 -82.78 -29.30
N GLN D 265 4.84 -82.87 -28.30
CA GLN D 265 5.76 -81.81 -27.93
C GLN D 265 7.18 -82.30 -28.16
N THR D 266 7.95 -81.54 -28.94
CA THR D 266 9.33 -81.88 -29.26
C THR D 266 10.34 -80.90 -28.73
N ARG D 267 9.91 -79.74 -28.24
CA ARG D 267 10.78 -78.80 -27.57
C ARG D 267 10.34 -78.66 -26.12
N GLY D 268 11.32 -78.55 -25.24
CA GLY D 268 11.01 -78.42 -23.83
C GLY D 268 10.55 -77.03 -23.47
N ILE D 269 9.71 -76.96 -22.45
CA ILE D 269 9.31 -75.70 -21.84
C ILE D 269 9.74 -75.75 -20.38
N SER D 270 10.42 -74.71 -19.93
CA SER D 270 10.91 -74.70 -18.57
C SER D 270 9.76 -74.77 -17.60
N GLU D 271 9.92 -75.58 -16.56
CA GLU D 271 8.95 -75.58 -15.48
C GLU D 271 8.88 -74.24 -14.76
N MET D 272 9.83 -73.35 -15.01
CA MET D 272 9.75 -72.00 -14.44
C MET D 272 8.58 -71.22 -15.02
N VAL D 273 8.16 -71.54 -16.24
CA VAL D 273 7.30 -70.62 -16.98
C VAL D 273 5.96 -70.47 -16.28
N ALA D 274 5.55 -71.48 -15.53
CA ALA D 274 4.36 -71.32 -14.71
C ALA D 274 4.59 -70.28 -13.63
N ALA D 275 5.85 -70.09 -13.24
CA ALA D 275 6.19 -69.24 -12.10
C ALA D 275 6.72 -67.88 -12.49
N LEU D 276 7.17 -67.70 -13.74
CA LEU D 276 7.88 -66.48 -14.11
C LEU D 276 7.12 -65.24 -13.72
N LYS D 277 5.82 -65.22 -13.98
CA LYS D 277 5.02 -64.06 -13.59
C LYS D 277 5.07 -63.85 -12.09
N GLN D 278 4.85 -64.93 -11.34
CA GLN D 278 4.90 -64.84 -9.88
C GLN D 278 6.30 -64.48 -9.42
N MET D 279 7.33 -65.05 -10.03
CA MET D 279 8.70 -64.72 -9.64
C MET D 279 8.97 -63.24 -9.80
N LYS D 280 8.62 -62.68 -10.95
CA LYS D 280 8.94 -61.29 -11.23
C LYS D 280 8.13 -60.37 -10.34
N MET D 281 6.87 -60.72 -10.08
CA MET D 281 6.03 -59.83 -9.30
C MET D 281 6.39 -59.89 -7.83
N THR D 282 6.77 -61.06 -7.33
CA THR D 282 7.25 -61.15 -5.96
C THR D 282 8.61 -60.47 -5.80
N ARG D 283 9.45 -60.52 -6.84
CA ARG D 283 10.69 -59.75 -6.82
C ARG D 283 10.40 -58.26 -6.73
N ASN D 284 9.50 -57.78 -7.58
CA ASN D 284 9.10 -56.38 -7.54
C ASN D 284 8.56 -56.01 -6.17
N PHE D 285 7.77 -56.90 -5.58
CA PHE D 285 7.22 -56.64 -4.26
C PHE D 285 8.32 -56.52 -3.22
N GLN D 286 9.23 -57.49 -3.19
CA GLN D 286 10.34 -57.43 -2.26
C GLN D 286 11.11 -56.12 -2.40
N GLU D 287 11.43 -55.75 -3.64
CA GLU D 287 12.31 -54.62 -3.87
C GLU D 287 11.61 -53.30 -3.56
N VAL D 288 10.34 -53.17 -3.94
CA VAL D 288 9.65 -51.91 -3.70
C VAL D 288 9.31 -51.79 -2.23
N THR D 289 9.10 -52.92 -1.55
CA THR D 289 8.94 -52.91 -0.11
C THR D 289 10.20 -52.44 0.58
N LEU D 290 11.35 -52.91 0.11
CA LEU D 290 12.62 -52.48 0.68
C LEU D 290 12.86 -51.01 0.45
N GLN D 291 12.54 -50.51 -0.75
CA GLN D 291 12.65 -49.08 -1.01
C GLN D 291 11.74 -48.29 -0.10
N ASN D 292 10.51 -48.76 0.09
CA ASN D 292 9.57 -48.10 0.98
C ASN D 292 10.12 -48.04 2.40
N ALA D 293 10.69 -49.14 2.86
CA ALA D 293 11.25 -49.18 4.20
C ALA D 293 12.39 -48.19 4.35
N ILE D 294 13.33 -48.22 3.39
CA ILE D 294 14.48 -47.33 3.46
C ILE D 294 14.02 -45.88 3.44
N VAL D 295 12.99 -45.58 2.67
CA VAL D 295 12.50 -44.22 2.55
C VAL D 295 11.89 -43.77 3.87
N ASN D 296 11.04 -44.60 4.45
CA ASN D 296 10.38 -44.24 5.70
C ASN D 296 11.39 -44.15 6.83
N ALA D 297 12.48 -44.90 6.73
CA ALA D 297 13.55 -44.82 7.72
C ALA D 297 14.40 -43.59 7.54
N THR D 298 14.57 -43.13 6.30
CA THR D 298 15.45 -42.00 6.02
C THR D 298 14.96 -40.76 6.75
N TYR D 299 13.67 -40.47 6.63
CA TYR D 299 13.09 -39.29 7.24
C TYR D 299 12.77 -39.64 8.70
N ALA D 300 13.82 -39.54 9.51
CA ALA D 300 13.72 -39.87 10.92
C ALA D 300 12.80 -38.94 11.68
N ALA D 301 12.56 -37.75 11.14
CA ALA D 301 11.74 -36.77 11.82
C ALA D 301 11.36 -35.69 10.83
N ALA D 302 10.43 -34.86 11.24
CA ALA D 302 10.06 -33.68 10.49
C ALA D 302 9.82 -32.54 11.44
N ILE D 303 10.20 -31.36 11.01
CA ILE D 303 9.83 -30.12 11.68
C ILE D 303 8.99 -29.32 10.71
N GLU D 304 7.80 -28.94 11.14
CA GLU D 304 6.93 -28.04 10.39
C GLU D 304 6.92 -26.72 11.13
N SER D 305 7.37 -25.68 10.45
CA SER D 305 7.62 -24.42 11.12
C SER D 305 7.66 -23.31 10.10
N GLU D 306 7.01 -22.22 10.43
CA GLU D 306 7.15 -20.96 9.72
C GLU D 306 8.45 -20.26 10.09
N LEU D 307 9.29 -20.93 10.87
CA LEU D 307 10.63 -20.47 11.08
C LEU D 307 11.49 -20.80 9.86
N PRO D 308 12.59 -20.10 9.67
CA PRO D 308 13.56 -20.51 8.66
C PRO D 308 14.18 -21.85 8.99
N SER D 309 14.53 -22.59 7.95
CA SER D 309 15.24 -23.85 8.13
C SER D 309 16.56 -23.66 8.86
N ASP D 310 17.29 -22.60 8.51
CA ASP D 310 18.57 -22.32 9.16
C ASP D 310 18.40 -22.21 10.66
N VAL D 311 17.31 -21.57 11.11
CA VAL D 311 17.07 -21.37 12.53
C VAL D 311 16.63 -22.67 13.19
N VAL D 312 15.74 -23.41 12.54
CA VAL D 312 15.18 -24.60 13.13
C VAL D 312 16.25 -25.65 13.34
N PHE D 313 17.11 -25.84 12.35
CA PHE D 313 18.17 -26.82 12.47
C PHE D 313 19.23 -26.38 13.47
N ASN D 314 19.33 -25.08 13.70
CA ASN D 314 20.19 -24.58 14.77
C ASN D 314 19.65 -24.95 16.13
N GLN D 315 18.33 -24.84 16.31
CA GLN D 315 17.70 -25.32 17.53
C GLN D 315 17.97 -26.79 17.76
N MET D 316 18.18 -27.55 16.70
CA MET D 316 18.31 -28.99 16.79
C MET D 316 19.75 -29.47 16.90
N GLY D 317 20.73 -28.58 16.78
CA GLY D 317 22.11 -28.93 16.95
C GLY D 317 23.01 -28.69 15.77
N MET D 318 22.55 -27.96 14.77
CA MET D 318 23.40 -27.65 13.63
C MET D 318 24.38 -26.55 14.01
N GLY D 319 25.67 -26.83 13.91
CA GLY D 319 26.69 -25.89 14.27
C GLY D 319 27.19 -26.02 15.69
N GLN D 320 26.53 -26.81 16.53
CA GLN D 320 26.98 -27.00 17.90
C GLN D 320 28.20 -27.89 17.92
N THR D 321 29.24 -27.45 18.61
CA THR D 321 30.51 -28.17 18.57
C THR D 321 30.48 -29.34 19.55
N PRO D 322 30.84 -30.54 19.10
CA PRO D 322 30.63 -31.74 19.93
C PRO D 322 31.73 -32.06 20.92
N PHE D 323 31.69 -31.45 22.11
CA PHE D 323 32.49 -31.92 23.23
C PHE D 323 31.67 -31.74 24.50
N GLY D 324 32.15 -32.35 25.57
CA GLY D 324 31.56 -32.20 26.88
C GLY D 324 31.32 -30.75 27.24
N LYS D 342 26.50 -27.43 7.94
CA LYS D 342 25.40 -27.76 7.05
C LYS D 342 24.66 -29.00 7.53
N ASN D 343 25.32 -29.81 8.36
CA ASN D 343 24.72 -31.00 8.91
C ASN D 343 25.02 -31.11 10.40
N ILE D 344 24.18 -31.88 11.07
CA ILE D 344 24.10 -31.89 12.53
C ILE D 344 25.02 -32.95 13.09
N ALA D 345 26.02 -32.53 13.85
CA ALA D 345 26.87 -33.46 14.57
C ALA D 345 26.18 -33.82 15.88
N ILE D 346 25.84 -35.08 16.04
CA ILE D 346 25.24 -35.53 17.29
C ILE D 346 26.32 -35.62 18.35
N ASP D 347 25.94 -35.27 19.56
CA ASP D 347 26.82 -35.41 20.71
C ASP D 347 25.91 -35.71 21.89
N GLY D 348 25.76 -36.98 22.18
CA GLY D 348 24.87 -37.36 23.24
C GLY D 348 23.46 -36.88 23.00
N ALA D 349 22.66 -37.05 24.04
CA ALA D 349 21.27 -36.64 24.00
C ALA D 349 21.14 -35.14 24.09
N LYS D 350 20.06 -34.63 23.52
CA LYS D 350 19.83 -33.20 23.45
C LYS D 350 18.37 -32.91 23.75
N ILE D 351 18.13 -31.71 24.25
CA ILE D 351 16.77 -31.22 24.49
C ILE D 351 16.60 -29.92 23.72
N PRO D 352 16.04 -29.94 22.54
CA PRO D 352 15.81 -28.71 21.80
C PRO D 352 14.75 -27.84 22.45
N HIS D 353 14.93 -26.55 22.32
CA HIS D 353 13.91 -25.58 22.63
C HIS D 353 13.32 -25.09 21.32
N LEU D 354 12.02 -25.27 21.17
CA LEU D 354 11.32 -24.95 19.94
C LEU D 354 10.26 -23.91 20.23
N PHE D 355 10.15 -22.94 19.33
CA PHE D 355 9.14 -21.92 19.49
C PHE D 355 7.77 -22.49 19.18
N PRO D 356 6.72 -21.96 19.79
CA PRO D 356 5.39 -22.51 19.56
C PRO D 356 4.95 -22.34 18.12
N GLY D 357 4.31 -23.38 17.59
CA GLY D 357 3.99 -23.50 16.19
C GLY D 357 4.97 -24.37 15.43
N THR D 358 6.11 -24.66 16.03
CA THR D 358 7.08 -25.61 15.49
C THR D 358 6.79 -26.98 16.09
N LYS D 359 6.11 -27.82 15.33
CA LYS D 359 5.84 -29.19 15.75
C LYS D 359 7.02 -30.06 15.30
N LEU D 360 7.75 -30.61 16.26
CA LEU D 360 8.77 -31.61 15.97
C LEU D 360 8.12 -32.99 16.07
N LYS D 361 8.10 -33.70 14.95
CA LYS D 361 7.43 -34.98 14.81
C LYS D 361 8.49 -36.06 14.63
N MET D 362 8.65 -36.90 15.63
CA MET D 362 9.52 -38.06 15.49
C MET D 362 8.86 -39.11 14.63
N GLN D 363 9.66 -39.78 13.80
CA GLN D 363 9.16 -40.75 12.84
C GLN D 363 10.08 -41.95 12.86
N PRO D 364 10.03 -42.74 13.93
CA PRO D 364 10.92 -43.89 14.04
C PRO D 364 10.60 -44.94 12.99
N ALA D 365 11.64 -45.65 12.58
CA ALA D 365 11.51 -46.67 11.55
C ALA D 365 10.60 -47.79 12.04
N GLY D 366 9.51 -48.00 11.33
CA GLY D 366 8.62 -49.09 11.64
C GLY D 366 8.92 -50.34 10.86
N THR D 367 8.28 -51.42 11.24
CA THR D 367 8.48 -52.68 10.57
C THR D 367 7.71 -52.70 9.26
N PRO D 368 8.34 -52.96 8.13
CA PRO D 368 7.58 -53.13 6.89
C PRO D 368 6.88 -54.47 6.87
N GLY D 369 5.64 -54.45 6.42
CA GLY D 369 4.86 -55.65 6.29
C GLY D 369 5.07 -56.37 4.99
N GLY D 370 4.32 -57.46 4.83
CA GLY D 370 4.39 -58.27 3.65
C GLY D 370 5.54 -59.25 3.69
N VAL D 371 6.76 -58.72 3.55
CA VAL D 371 7.93 -59.56 3.54
C VAL D 371 8.24 -60.04 4.94
N GLY D 372 8.71 -61.28 5.05
CA GLY D 372 8.86 -61.94 6.31
C GLY D 372 7.60 -62.54 6.87
N THR D 373 6.44 -62.09 6.40
CA THR D 373 5.18 -62.62 6.87
C THR D 373 4.70 -63.77 5.98
N ASP D 374 3.62 -64.41 6.43
CA ASP D 374 3.08 -65.57 5.74
C ASP D 374 2.66 -65.28 4.32
N TYR D 375 2.49 -64.00 3.97
CA TYR D 375 2.17 -63.64 2.60
C TYR D 375 3.32 -64.00 1.66
N GLU D 376 4.51 -63.50 1.96
CA GLU D 376 5.68 -63.85 1.17
C GLU D 376 5.90 -65.36 1.19
N GLU D 377 5.61 -66.00 2.33
CA GLU D 377 5.71 -67.44 2.40
C GLU D 377 4.81 -68.10 1.37
N SER D 378 3.60 -67.58 1.20
CA SER D 378 2.69 -68.18 0.25
C SER D 378 3.15 -67.96 -1.19
N LEU D 379 3.72 -66.80 -1.47
CA LEU D 379 4.24 -66.57 -2.81
C LEU D 379 5.39 -67.52 -3.12
N LEU D 380 6.36 -67.59 -2.22
CA LEU D 380 7.50 -68.47 -2.44
C LEU D 380 7.06 -69.92 -2.47
N ARG D 381 5.97 -70.23 -1.80
CA ARG D 381 5.43 -71.58 -1.83
C ARG D 381 4.82 -71.89 -3.17
N ASN D 382 4.12 -70.91 -3.76
CA ASN D 382 3.63 -71.06 -5.12
C ASN D 382 4.78 -71.36 -6.07
N ILE D 383 5.87 -70.62 -5.94
CA ILE D 383 7.00 -70.79 -6.85
C ILE D 383 7.64 -72.15 -6.63
N ALA D 384 7.88 -72.51 -5.37
CA ALA D 384 8.41 -73.82 -5.04
C ALA D 384 7.57 -74.93 -5.62
N ALA D 385 6.25 -74.76 -5.64
CA ALA D 385 5.38 -75.80 -6.18
C ALA D 385 5.71 -76.07 -7.63
N SER D 386 6.06 -75.01 -8.36
CA SER D 386 6.41 -75.17 -9.77
C SER D 386 7.80 -75.74 -9.95
N LEU D 387 8.76 -75.27 -9.16
CA LEU D 387 10.13 -75.75 -9.29
C LEU D 387 10.34 -77.11 -8.66
N GLY D 388 9.29 -77.75 -8.17
CA GLY D 388 9.44 -79.06 -7.58
C GLY D 388 10.10 -79.07 -6.23
N LEU D 389 10.21 -77.92 -5.58
CA LEU D 389 10.93 -77.81 -4.32
C LEU D 389 10.00 -77.64 -3.15
N SER D 390 10.50 -77.99 -1.98
CA SER D 390 9.85 -77.62 -0.74
C SER D 390 10.08 -76.15 -0.44
N TYR D 391 9.14 -75.56 0.29
CA TYR D 391 9.27 -74.15 0.66
C TYR D 391 10.55 -73.91 1.45
N GLU D 392 10.95 -74.90 2.25
CA GLU D 392 12.12 -74.73 3.11
C GLU D 392 13.39 -74.64 2.29
N GLN D 393 13.59 -75.59 1.38
CA GLN D 393 14.76 -75.53 0.50
C GLN D 393 14.78 -74.24 -0.30
N PHE D 394 13.69 -73.94 -0.97
CA PHE D 394 13.63 -72.75 -1.83
C PHE D 394 13.96 -71.49 -1.03
N SER D 395 13.33 -71.33 0.13
CA SER D 395 13.44 -70.11 0.90
C SER D 395 14.45 -70.21 2.04
N ARG D 396 14.90 -71.41 2.38
CA ARG D 396 15.84 -71.63 3.47
C ARG D 396 15.21 -71.37 4.83
N ASP D 397 13.89 -71.19 4.88
CA ASP D 397 13.18 -70.92 6.14
C ASP D 397 12.82 -72.26 6.78
N TYR D 398 13.72 -72.77 7.59
CA TYR D 398 13.51 -74.01 8.30
C TYR D 398 13.02 -73.80 9.73
N THR D 399 12.53 -72.61 10.05
CA THR D 399 12.01 -72.37 11.40
C THR D 399 10.85 -73.31 11.70
N LYS D 400 9.73 -73.11 11.01
CA LYS D 400 8.49 -73.84 11.30
C LYS D 400 8.56 -75.23 10.68
N THR D 401 9.48 -76.04 11.22
CA THR D 401 9.59 -77.44 10.86
C THR D 401 9.71 -78.30 12.12
N ASN D 402 9.30 -79.55 11.97
CA ASN D 402 9.47 -80.57 12.98
C ASN D 402 9.72 -81.89 12.28
N TYR D 403 10.19 -82.87 13.04
CA TYR D 403 10.76 -84.08 12.44
C TYR D 403 9.83 -84.70 11.41
N SER D 404 8.54 -84.80 11.73
CA SER D 404 7.63 -85.46 10.80
C SER D 404 7.36 -84.58 9.58
N SER D 405 7.16 -83.28 9.79
CA SER D 405 6.97 -82.37 8.66
C SER D 405 8.21 -82.32 7.78
N ALA D 406 9.39 -82.22 8.40
CA ALA D 406 10.63 -82.22 7.64
C ALA D 406 10.77 -83.50 6.83
N ARG D 407 10.48 -84.64 7.44
CA ARG D 407 10.60 -85.91 6.74
C ARG D 407 9.62 -86.00 5.59
N ALA D 408 8.40 -85.51 5.79
CA ALA D 408 7.39 -85.56 4.74
C ALA D 408 7.80 -84.70 3.56
N SER D 409 8.23 -83.47 3.83
CA SER D 409 8.71 -82.60 2.75
C SER D 409 9.90 -83.22 2.04
N MET D 410 10.82 -83.82 2.79
CA MET D 410 11.98 -84.45 2.18
C MET D 410 11.57 -85.55 1.23
N ALA D 411 10.62 -86.39 1.64
CA ALA D 411 10.17 -87.48 0.77
C ALA D 411 9.45 -86.95 -0.46
N GLU D 412 8.58 -85.97 -0.26
CA GLU D 412 7.85 -85.36 -1.36
C GLU D 412 8.81 -84.82 -2.42
N THR D 413 9.88 -84.16 -1.98
CA THR D 413 10.83 -83.58 -2.92
C THR D 413 11.76 -84.64 -3.49
N TRP D 414 12.05 -85.69 -2.71
CA TRP D 414 12.93 -86.73 -3.20
C TRP D 414 12.30 -87.51 -4.33
N LYS D 415 11.00 -87.74 -4.26
CA LYS D 415 10.34 -88.40 -5.38
C LYS D 415 10.57 -87.63 -6.67
N TYR D 416 10.39 -86.31 -6.61
CA TYR D 416 10.60 -85.45 -7.78
C TYR D 416 12.04 -85.51 -8.25
N MET D 417 12.98 -85.43 -7.33
CA MET D 417 14.39 -85.36 -7.73
C MET D 417 14.88 -86.70 -8.27
N GLU D 418 14.42 -87.80 -7.71
CA GLU D 418 14.75 -89.11 -8.26
C GLU D 418 14.17 -89.26 -9.66
N SER D 419 12.94 -88.78 -9.86
CA SER D 419 12.35 -88.82 -11.18
C SER D 419 13.17 -88.01 -12.18
N ARG D 420 13.47 -86.76 -11.81
CA ARG D 420 14.31 -85.91 -12.66
C ARG D 420 15.64 -86.55 -12.95
N LYS D 421 16.27 -87.14 -11.96
CA LYS D 421 17.55 -87.78 -12.14
C LYS D 421 17.47 -88.89 -13.19
N LYS D 422 16.58 -89.86 -12.96
CA LYS D 422 16.48 -90.99 -13.88
C LYS D 422 16.10 -90.54 -15.29
N LEU D 423 15.26 -89.53 -15.40
CA LEU D 423 14.72 -89.15 -16.70
C LEU D 423 15.58 -88.15 -17.45
N VAL D 424 16.49 -87.47 -16.78
CA VAL D 424 17.30 -86.44 -17.42
C VAL D 424 18.78 -86.72 -17.23
N ALA D 425 19.22 -86.79 -15.98
CA ALA D 425 20.65 -86.92 -15.72
C ALA D 425 21.15 -88.30 -16.09
N ASP D 426 20.38 -89.34 -15.74
CA ASP D 426 20.82 -90.69 -16.01
C ASP D 426 20.82 -90.99 -17.51
N ARG D 427 19.90 -90.39 -18.26
CA ARG D 427 19.87 -90.62 -19.69
C ARG D 427 21.02 -89.91 -20.39
N PHE D 428 21.28 -88.66 -19.99
CA PHE D 428 22.42 -87.92 -20.51
C PHE D 428 23.72 -88.67 -20.29
N ALA D 429 23.98 -89.02 -19.04
CA ALA D 429 25.21 -89.74 -18.72
C ALA D 429 25.24 -91.11 -19.38
N SER D 430 24.09 -91.76 -19.52
CA SER D 430 24.06 -93.06 -20.17
C SER D 430 24.42 -92.95 -21.65
N MET D 431 23.95 -91.91 -22.31
CA MET D 431 24.36 -91.66 -23.68
C MET D 431 25.87 -91.47 -23.76
N ILE D 432 26.40 -90.64 -22.86
CA ILE D 432 27.86 -90.45 -22.80
C ILE D 432 28.56 -91.77 -22.59
N TYR D 433 28.00 -92.61 -21.72
CA TYR D 433 28.61 -93.89 -21.38
C TYR D 433 28.60 -94.83 -22.57
N THR D 434 27.53 -94.81 -23.35
CA THR D 434 27.50 -95.63 -24.56
C THR D 434 28.54 -95.15 -25.55
N LEU D 435 28.69 -93.84 -25.69
CA LEU D 435 29.69 -93.31 -26.61
C LEU D 435 31.10 -93.73 -26.19
N TRP D 436 31.40 -93.60 -24.90
CA TRP D 436 32.70 -93.99 -24.38
C TRP D 436 32.92 -95.50 -24.49
N LEU D 437 31.88 -96.28 -24.19
CA LEU D 437 31.99 -97.72 -24.23
C LEU D 437 32.18 -98.23 -25.64
N GLU D 438 31.62 -97.53 -26.63
CA GLU D 438 31.93 -97.84 -28.01
C GLU D 438 33.43 -97.79 -28.27
N GLU D 439 34.06 -96.71 -27.83
CA GLU D 439 35.49 -96.60 -28.03
C GLU D 439 36.20 -97.71 -27.31
N GLU D 440 35.79 -98.01 -26.10
CA GLU D 440 36.52 -99.00 -25.31
C GLU D 440 36.34 -100.40 -25.85
N VAL D 441 35.19 -100.70 -26.46
CA VAL D 441 34.97 -102.01 -27.03
C VAL D 441 35.72 -102.14 -28.35
N ASN D 442 35.77 -101.05 -29.13
CA ASN D 442 36.54 -101.07 -30.36
C ASN D 442 38.02 -101.26 -30.07
N ALA D 443 38.51 -100.60 -29.03
CA ALA D 443 39.90 -100.74 -28.63
C ALA D 443 40.18 -102.06 -27.92
N GLY D 444 39.16 -102.73 -27.40
CA GLY D 444 39.36 -103.99 -26.73
C GLY D 444 39.90 -103.88 -25.33
N ASN D 445 39.66 -102.75 -24.66
CA ASN D 445 40.07 -102.59 -23.28
C ASN D 445 39.14 -103.32 -22.32
N VAL D 446 37.89 -103.55 -22.70
CA VAL D 446 36.90 -104.16 -21.82
C VAL D 446 36.65 -105.60 -22.23
N PRO D 447 36.52 -106.52 -21.29
CA PRO D 447 36.36 -107.94 -21.64
C PRO D 447 34.95 -108.23 -22.15
N LEU D 448 34.88 -108.59 -23.42
CA LEU D 448 33.60 -108.89 -24.05
C LEU D 448 33.18 -110.32 -23.71
N PRO D 449 31.86 -110.57 -23.60
CA PRO D 449 31.44 -111.92 -23.24
C PRO D 449 31.72 -112.90 -24.36
N PRO D 450 31.86 -114.18 -24.04
CA PRO D 450 32.13 -115.19 -25.08
C PRO D 450 31.20 -115.07 -26.28
N GLY D 451 31.77 -115.01 -27.48
CA GLY D 451 31.00 -114.89 -28.69
C GLY D 451 30.62 -113.48 -29.07
N PHE D 452 30.70 -112.53 -28.14
CA PHE D 452 30.48 -111.14 -28.48
C PHE D 452 31.68 -110.59 -29.24
N THR D 453 31.40 -109.76 -30.24
CA THR D 453 32.43 -109.07 -30.98
C THR D 453 31.99 -107.63 -31.21
N TRP D 454 32.96 -106.77 -31.48
CA TRP D 454 32.70 -105.34 -31.52
C TRP D 454 31.58 -104.98 -32.50
N ARG D 455 31.26 -105.86 -33.44
CA ARG D 455 30.13 -105.60 -34.32
C ARG D 455 28.80 -105.85 -33.62
N ASP D 456 28.75 -106.74 -32.64
CA ASP D 456 27.51 -106.95 -31.90
C ASP D 456 27.04 -105.69 -31.20
N PHE D 457 27.93 -104.73 -30.99
CA PHE D 457 27.54 -103.45 -30.41
C PHE D 457 26.55 -102.70 -31.26
N TYR D 458 26.28 -103.19 -32.47
CA TYR D 458 25.27 -102.57 -33.31
C TYR D 458 23.89 -103.12 -32.97
N ASP D 459 23.84 -104.36 -32.48
CA ASP D 459 22.57 -104.98 -32.17
C ASP D 459 21.91 -104.23 -31.02
N PRO D 460 20.79 -103.54 -31.25
CA PRO D 460 20.23 -102.69 -30.19
C PRO D 460 20.04 -103.42 -28.88
N MET D 461 19.66 -104.70 -28.93
CA MET D 461 19.42 -105.43 -27.71
C MET D 461 20.72 -105.67 -26.94
N LYS D 462 21.79 -106.06 -27.64
CA LYS D 462 23.05 -106.32 -26.97
C LYS D 462 23.77 -105.02 -26.61
N ARG D 463 23.67 -104.02 -27.47
CA ARG D 463 24.19 -102.70 -27.15
C ARG D 463 23.55 -102.17 -25.88
N ASP D 464 22.22 -102.21 -25.80
CA ASP D 464 21.52 -101.77 -24.59
C ASP D 464 21.79 -102.69 -23.42
N ALA D 465 22.15 -103.94 -23.66
CA ALA D 465 22.51 -104.84 -22.58
C ALA D 465 23.82 -104.42 -21.94
N LEU D 466 24.80 -104.03 -22.75
CA LEU D 466 26.08 -103.58 -22.20
C LEU D 466 25.99 -102.19 -21.61
N CYS D 467 25.38 -101.26 -22.35
CA CYS D 467 25.32 -99.88 -21.92
C CYS D 467 24.41 -99.67 -20.72
N ASN D 468 23.68 -100.70 -20.30
CA ASN D 468 22.81 -100.57 -19.13
C ASN D 468 23.66 -100.22 -17.92
N ALA D 469 23.37 -99.07 -17.31
CA ALA D 469 24.15 -98.63 -16.17
C ALA D 469 23.27 -97.79 -15.25
N GLU D 470 23.52 -97.92 -13.96
CA GLU D 470 22.98 -97.04 -12.96
C GLU D 470 24.04 -96.03 -12.54
N TRP D 471 23.59 -94.92 -11.98
CA TRP D 471 24.46 -93.81 -11.63
C TRP D 471 24.28 -93.44 -10.18
N ILE D 472 25.39 -93.27 -9.48
CA ILE D 472 25.42 -92.98 -8.07
C ILE D 472 25.72 -91.50 -7.89
N GLY D 473 24.75 -90.75 -7.38
CA GLY D 473 24.97 -89.37 -7.00
C GLY D 473 25.45 -89.28 -5.57
N ALA D 474 25.44 -88.08 -5.04
CA ALA D 474 25.80 -87.87 -3.65
C ALA D 474 24.75 -88.51 -2.73
N SER D 475 25.11 -88.66 -1.46
CA SER D 475 24.24 -89.36 -0.52
C SER D 475 22.87 -88.71 -0.45
N ARG D 476 21.87 -89.52 -0.12
CA ARG D 476 20.48 -89.09 -0.01
C ARG D 476 20.20 -88.45 1.35
N GLY D 477 20.95 -87.42 1.71
CA GLY D 477 20.65 -86.63 2.90
C GLY D 477 20.89 -87.33 4.21
N GLN D 478 20.07 -88.34 4.50
CA GLN D 478 20.10 -89.02 5.80
C GLN D 478 19.96 -88.01 6.94
N ILE D 479 18.78 -87.39 6.96
CA ILE D 479 18.49 -86.32 7.92
C ILE D 479 18.68 -86.83 9.34
N ASP D 480 17.91 -87.83 9.75
CA ASP D 480 17.96 -88.34 11.12
C ASP D 480 18.82 -89.59 11.14
N GLU D 481 20.13 -89.39 11.35
CA GLU D 481 21.04 -90.51 11.30
C GLU D 481 20.89 -91.40 12.54
N LYS D 482 21.40 -92.61 12.42
CA LYS D 482 21.24 -93.70 13.38
C LYS D 482 19.83 -94.29 13.35
N LYS D 483 18.90 -93.59 12.71
CA LYS D 483 17.59 -94.16 12.49
C LYS D 483 17.46 -94.63 11.05
N GLU D 484 17.87 -93.78 10.11
CA GLU D 484 17.99 -94.22 8.73
C GLU D 484 19.00 -95.34 8.60
N THR D 485 20.07 -95.27 9.39
CA THR D 485 21.11 -96.29 9.36
C THR D 485 20.61 -97.62 9.90
N GLU D 486 19.97 -97.60 11.07
CA GLU D 486 19.37 -98.82 11.59
C GLU D 486 18.34 -99.37 10.63
N ALA D 487 17.60 -98.47 9.97
CA ALA D 487 16.63 -98.90 8.97
C ALA D 487 17.30 -99.65 7.84
N ALA D 488 18.37 -99.08 7.29
CA ALA D 488 19.08 -99.74 6.20
C ALA D 488 19.65 -101.08 6.64
N ILE D 489 20.19 -101.14 7.86
CA ILE D 489 20.80 -102.37 8.33
C ILE D 489 19.75 -103.45 8.48
N LEU D 490 18.61 -103.12 9.07
CA LEU D 490 17.53 -104.08 9.20
C LEU D 490 17.02 -104.50 7.83
N ARG D 491 16.86 -103.54 6.93
CA ARG D 491 16.38 -103.82 5.58
C ARG D 491 17.31 -104.78 4.85
N ILE D 492 18.61 -104.68 5.11
CA ILE D 492 19.56 -105.59 4.50
C ILE D 492 19.46 -106.96 5.16
N LYS D 493 19.59 -107.00 6.48
CA LYS D 493 19.71 -108.28 7.18
C LYS D 493 18.44 -109.10 7.06
N ASN D 494 17.29 -108.44 6.97
CA ASN D 494 16.03 -109.12 6.73
C ASN D 494 15.78 -109.36 5.25
N GLY D 495 16.73 -109.03 4.38
CA GLY D 495 16.64 -109.35 2.98
C GLY D 495 15.81 -108.42 2.15
N LEU D 496 15.27 -107.35 2.74
CA LEU D 496 14.43 -106.42 2.02
C LEU D 496 15.22 -105.47 1.13
N SER D 497 16.54 -105.60 1.11
CA SER D 497 17.39 -104.74 0.29
C SER D 497 18.75 -105.40 0.15
N THR D 498 19.64 -104.72 -0.57
CA THR D 498 20.98 -105.21 -0.80
C THR D 498 21.99 -104.08 -0.62
N TYR D 499 23.25 -104.47 -0.46
CA TYR D 499 24.32 -103.52 -0.27
C TYR D 499 24.40 -102.55 -1.45
N GLU D 500 24.06 -103.01 -2.65
CA GLU D 500 24.09 -102.15 -3.83
C GLU D 500 23.27 -100.90 -3.62
N ALA D 501 22.03 -101.05 -3.15
CA ALA D 501 21.11 -99.92 -3.05
C ALA D 501 21.41 -99.06 -1.84
N GLU D 502 21.69 -99.69 -0.70
CA GLU D 502 21.84 -98.93 0.53
C GLU D 502 23.14 -98.12 0.52
N ILE D 503 24.23 -98.75 0.11
CA ILE D 503 25.50 -98.02 0.04
C ILE D 503 25.40 -96.92 -0.99
N ALA D 504 24.68 -97.16 -2.09
CA ALA D 504 24.43 -96.10 -3.05
C ALA D 504 23.59 -94.98 -2.41
N ARG D 505 22.68 -95.36 -1.51
CA ARG D 505 21.96 -94.34 -0.75
C ARG D 505 22.91 -93.53 0.10
N LEU D 506 24.03 -94.11 0.50
CA LEU D 506 25.07 -93.46 1.26
C LEU D 506 26.15 -92.82 0.38
N GLY D 507 25.92 -92.76 -0.93
CA GLY D 507 26.86 -92.15 -1.85
C GLY D 507 28.05 -92.99 -2.24
N GLY D 508 28.13 -94.23 -1.77
CA GLY D 508 29.25 -95.10 -2.06
C GLY D 508 28.96 -96.17 -3.10
N ASP D 509 30.01 -96.88 -3.48
CA ASP D 509 29.94 -98.02 -4.38
C ASP D 509 30.33 -99.28 -3.61
N PHE D 510 29.46 -100.28 -3.68
CA PHE D 510 29.58 -101.42 -2.76
C PHE D 510 30.85 -102.22 -2.98
N ARG D 511 31.22 -102.43 -4.24
CA ARG D 511 32.36 -103.29 -4.52
C ARG D 511 33.67 -102.63 -4.08
N GLU D 512 33.81 -101.33 -4.34
CA GLU D 512 34.97 -100.60 -3.86
C GLU D 512 35.00 -100.54 -2.34
N VAL D 513 33.83 -100.38 -1.72
CA VAL D 513 33.76 -100.38 -0.27
C VAL D 513 34.23 -101.71 0.29
N PHE D 514 33.84 -102.81 -0.34
CA PHE D 514 34.25 -104.12 0.16
C PHE D 514 35.74 -104.32 -0.02
N LYS D 515 36.29 -103.90 -1.16
CA LYS D 515 37.73 -103.99 -1.34
C LYS D 515 38.47 -103.18 -0.28
N GLN D 516 38.02 -101.95 -0.05
CA GLN D 516 38.68 -101.09 0.92
C GLN D 516 38.56 -101.67 2.33
N ARG D 517 37.40 -102.25 2.66
CA ARG D 517 37.27 -102.89 3.97
C ARG D 517 38.16 -104.12 4.07
N ALA D 518 38.36 -104.83 2.96
CA ALA D 518 39.31 -105.94 2.99
C ALA D 518 40.71 -105.43 3.32
N ARG D 519 41.10 -104.31 2.70
CA ARG D 519 42.40 -103.72 3.01
C ARG D 519 42.48 -103.30 4.47
N GLU D 520 41.42 -102.68 4.97
CA GLU D 520 41.41 -102.21 6.36
C GLU D 520 41.48 -103.38 7.33
N GLU D 521 40.75 -104.46 7.06
CA GLU D 521 40.81 -105.63 7.93
C GLU D 521 42.19 -106.27 7.88
N GLY D 522 42.81 -106.30 6.70
CA GLY D 522 44.18 -106.80 6.61
C GLY D 522 45.14 -105.96 7.41
N ILE D 523 44.99 -104.62 7.33
CA ILE D 523 45.86 -103.73 8.09
C ILE D 523 45.66 -103.91 9.59
N ILE D 524 44.41 -103.94 10.03
CA ILE D 524 44.11 -104.18 11.44
C ILE D 524 44.78 -105.46 11.90
N LYS D 525 44.56 -106.54 11.15
CA LYS D 525 45.13 -107.83 11.52
C LYS D 525 46.65 -107.76 11.58
N ASP D 526 47.26 -107.04 10.65
CA ASP D 526 48.72 -106.93 10.65
C ASP D 526 49.23 -106.09 11.81
N LEU D 527 48.48 -105.06 12.20
CA LEU D 527 48.86 -104.23 13.34
C LEU D 527 48.48 -104.85 14.67
N GLY D 528 47.63 -105.86 14.67
CA GLY D 528 47.22 -106.48 15.92
C GLY D 528 46.21 -105.67 16.71
N LEU D 529 45.39 -104.87 16.03
CA LEU D 529 44.40 -104.05 16.69
C LEU D 529 43.11 -104.82 16.92
N ASP D 530 42.29 -104.30 17.84
CA ASP D 530 41.00 -104.88 18.18
C ASP D 530 40.00 -103.74 18.37
N PHE D 531 39.27 -103.41 17.31
CA PHE D 531 38.17 -102.47 17.40
C PHE D 531 36.88 -103.22 17.75
N GLY E 36 -0.38 -66.42 -28.21
CA GLY E 36 0.25 -67.52 -27.42
C GLY E 36 -0.63 -67.97 -26.29
N GLY E 37 -0.15 -68.96 -25.53
CA GLY E 37 -0.92 -69.50 -24.44
C GLY E 37 -0.14 -69.57 -23.15
N LEU E 38 1.16 -69.33 -23.21
CA LEU E 38 2.00 -69.25 -22.02
C LEU E 38 1.93 -67.85 -21.46
N GLU E 39 1.47 -67.72 -20.22
CA GLU E 39 1.18 -66.41 -19.65
C GLU E 39 2.46 -65.67 -19.32
N GLY E 40 3.47 -66.39 -18.83
CA GLY E 40 4.73 -65.79 -18.41
C GLY E 40 5.71 -65.54 -19.52
N ALA E 41 5.40 -66.01 -20.72
CA ALA E 41 6.28 -65.83 -21.87
C ALA E 41 5.72 -64.82 -22.86
N GLU E 42 4.71 -64.06 -22.47
CA GLU E 42 4.08 -63.08 -23.33
C GLU E 42 4.19 -61.69 -22.71
N ARG E 43 3.91 -60.70 -23.53
CA ARG E 43 3.86 -59.32 -23.11
C ARG E 43 2.46 -58.76 -23.08
N ASN E 44 1.46 -59.57 -23.43
CA ASN E 44 0.06 -59.15 -23.43
C ASN E 44 -0.46 -58.90 -22.04
N THR E 45 0.31 -59.25 -21.01
CA THR E 45 -0.14 -59.19 -19.64
C THR E 45 0.41 -57.93 -18.98
N ARG E 46 -0.42 -57.31 -18.16
CA ARG E 46 -0.05 -56.06 -17.51
C ARG E 46 1.23 -56.23 -16.70
N GLU E 47 1.39 -57.39 -16.07
CA GLU E 47 2.54 -57.64 -15.23
C GLU E 47 3.80 -57.92 -16.03
N MET E 48 3.69 -58.20 -17.32
CA MET E 48 4.82 -58.65 -18.12
C MET E 48 5.12 -57.77 -19.32
N PHE E 49 4.27 -56.79 -19.61
CA PHE E 49 4.47 -55.95 -20.78
C PHE E 49 5.87 -55.36 -20.80
N ARG E 50 6.35 -54.89 -19.67
CA ARG E 50 7.63 -54.19 -19.57
C ARG E 50 8.82 -55.10 -19.39
N TRP E 51 8.62 -56.41 -19.25
CA TRP E 51 9.72 -57.33 -19.00
C TRP E 51 10.14 -57.95 -20.32
N THR E 52 11.10 -57.30 -20.99
CA THR E 52 11.66 -57.76 -22.26
C THR E 52 13.16 -57.87 -22.10
N PRO E 53 13.65 -58.94 -21.48
CA PRO E 53 15.08 -59.09 -21.31
C PRO E 53 15.75 -59.42 -22.62
N ALA E 54 17.00 -58.98 -22.76
CA ALA E 54 17.73 -59.15 -23.99
C ALA E 54 18.31 -60.55 -24.11
N ILE E 55 18.30 -61.06 -25.34
CA ILE E 55 19.03 -62.28 -25.67
C ILE E 55 20.50 -61.93 -25.70
N ILE E 56 21.27 -62.47 -24.76
CA ILE E 56 22.65 -62.08 -24.58
C ILE E 56 23.49 -63.30 -24.19
N SER E 57 24.66 -63.39 -24.80
CA SER E 57 25.55 -64.50 -24.51
C SER E 57 26.17 -64.33 -23.12
N PRO E 58 26.41 -65.42 -22.40
CA PRO E 58 27.06 -65.29 -21.08
C PRO E 58 28.38 -64.57 -21.15
N ASP E 59 29.18 -64.87 -22.16
CA ASP E 59 30.47 -64.22 -22.30
C ASP E 59 30.32 -62.73 -22.53
N GLN E 60 29.24 -62.32 -23.18
CA GLN E 60 28.99 -60.89 -23.35
C GLN E 60 28.45 -60.26 -22.08
N GLN E 61 27.69 -61.00 -21.28
CA GLN E 61 27.34 -60.53 -19.94
C GLN E 61 28.60 -60.25 -19.15
N ILE E 62 29.57 -61.15 -19.21
CA ILE E 62 30.80 -60.97 -18.46
C ILE E 62 31.61 -59.82 -19.02
N ALA E 63 31.67 -59.70 -20.34
CA ALA E 63 32.45 -58.64 -20.94
C ALA E 63 31.88 -57.28 -20.61
N GLN E 64 30.56 -57.13 -20.64
CA GLN E 64 29.96 -55.84 -20.34
C GLN E 64 29.98 -55.55 -18.85
N ASP E 65 29.53 -56.49 -18.04
CA ASP E 65 29.39 -56.26 -16.60
C ASP E 65 30.73 -56.51 -15.91
N GLY E 66 31.17 -57.76 -15.89
CA GLY E 66 32.55 -58.09 -15.62
C GLY E 66 33.15 -57.48 -14.38
N THR E 67 34.03 -56.49 -14.59
CA THR E 67 34.78 -55.90 -13.51
C THR E 67 33.88 -55.17 -12.52
N LEU E 68 32.70 -54.75 -12.96
CA LEU E 68 31.78 -54.07 -12.05
C LEU E 68 31.22 -55.04 -11.03
N ALA E 69 30.89 -56.25 -11.47
CA ALA E 69 30.46 -57.29 -10.53
C ALA E 69 31.57 -57.67 -9.57
N LEU E 70 32.80 -57.82 -10.08
CA LEU E 70 33.93 -58.15 -9.23
C LEU E 70 34.13 -57.09 -8.16
N SER E 71 34.15 -55.82 -8.57
CA SER E 71 34.40 -54.74 -7.65
C SER E 71 33.26 -54.62 -6.63
N ARG E 72 32.02 -54.83 -7.07
CA ARG E 72 30.90 -54.71 -6.16
C ARG E 72 30.90 -55.84 -5.15
N ALA E 73 31.24 -57.05 -5.57
CA ALA E 73 31.30 -58.17 -4.66
C ALA E 73 32.43 -58.00 -3.65
N GLN E 74 33.59 -57.57 -4.11
CA GLN E 74 34.69 -57.31 -3.20
C GLN E 74 34.31 -56.22 -2.20
N ASP E 75 33.71 -55.14 -2.67
CA ASP E 75 33.25 -54.07 -1.79
C ASP E 75 32.33 -54.61 -0.71
N ILE E 76 31.30 -55.34 -1.12
CA ILE E 76 30.31 -55.80 -0.17
C ILE E 76 30.93 -56.75 0.82
N VAL E 77 31.84 -57.61 0.36
CA VAL E 77 32.52 -58.53 1.25
C VAL E 77 33.35 -57.78 2.29
N GLN E 78 33.97 -56.70 1.86
CA GLN E 78 34.90 -55.97 2.70
C GLN E 78 34.23 -54.94 3.58
N ASN E 79 32.95 -54.69 3.40
CA ASN E 79 32.25 -53.65 4.15
C ASN E 79 30.97 -54.14 4.82
N ASP E 80 30.60 -55.40 4.65
CA ASP E 80 29.42 -55.97 5.28
C ASP E 80 29.84 -57.20 6.07
N GLY E 81 29.54 -57.20 7.36
CA GLY E 81 29.98 -58.28 8.22
C GLY E 81 29.38 -59.62 7.85
N TYR E 82 28.14 -59.64 7.39
CA TYR E 82 27.50 -60.89 7.05
C TYR E 82 28.17 -61.54 5.86
N ALA E 83 28.58 -60.75 4.87
CA ALA E 83 29.23 -61.31 3.69
C ALA E 83 30.64 -61.79 3.99
N PHE E 84 31.39 -61.02 4.76
CA PHE E 84 32.68 -61.50 5.23
C PHE E 84 32.53 -62.82 5.98
N GLY E 85 31.52 -62.90 6.85
CA GLY E 85 31.27 -64.15 7.54
C GLY E 85 30.91 -65.28 6.61
N ALA E 86 30.14 -64.98 5.56
CA ALA E 86 29.79 -66.01 4.59
C ALA E 86 31.02 -66.53 3.89
N VAL E 87 31.94 -65.64 3.54
CA VAL E 87 33.19 -66.07 2.93
C VAL E 87 33.95 -66.96 3.88
N ALA E 88 34.01 -66.59 5.15
CA ALA E 88 34.71 -67.42 6.13
C ALA E 88 34.02 -68.77 6.27
N ILE E 89 32.70 -68.79 6.16
CA ILE E 89 31.94 -70.03 6.28
C ILE E 89 32.21 -70.94 5.10
N HIS E 90 32.29 -70.37 3.90
CA HIS E 90 32.69 -71.15 2.74
C HIS E 90 34.08 -71.74 2.94
N ARG E 91 35.05 -70.89 3.30
CA ARG E 91 36.40 -71.35 3.57
C ARG E 91 36.40 -72.52 4.54
N ASP E 92 35.68 -72.38 5.65
CA ASP E 92 35.81 -73.31 6.77
C ASP E 92 35.01 -74.58 6.58
N SER E 93 33.89 -74.50 5.87
CA SER E 93 33.05 -75.67 5.65
C SER E 93 33.62 -76.54 4.55
N VAL E 94 34.08 -75.92 3.47
CA VAL E 94 34.66 -76.66 2.35
C VAL E 94 35.99 -77.25 2.75
N VAL E 95 36.89 -76.42 3.26
CA VAL E 95 38.26 -76.82 3.53
C VAL E 95 38.40 -77.09 5.03
N GLY E 96 38.23 -76.03 5.81
CA GLY E 96 38.36 -76.15 7.25
C GLY E 96 39.79 -75.93 7.71
N SER E 97 40.13 -76.59 8.81
CA SER E 97 41.41 -76.40 9.47
C SER E 97 42.54 -77.16 8.80
N GLN E 98 42.24 -78.10 7.92
CA GLN E 98 43.26 -78.90 7.25
C GLN E 98 42.70 -79.35 5.92
N TYR E 99 43.61 -79.65 5.00
CA TYR E 99 43.23 -80.22 3.72
C TYR E 99 44.27 -81.29 3.40
N LYS E 100 43.99 -82.50 3.90
CA LYS E 100 44.94 -83.58 3.78
C LYS E 100 44.77 -84.35 2.48
N LEU E 101 45.89 -84.83 1.96
CA LEU E 101 45.85 -85.70 0.80
C LEU E 101 45.53 -87.14 1.22
N ASN E 102 44.63 -87.78 0.49
CA ASN E 102 44.49 -89.23 0.51
C ASN E 102 44.66 -89.70 -0.92
N SER E 103 45.69 -90.51 -1.16
CA SER E 103 46.03 -90.91 -2.51
C SER E 103 45.25 -92.15 -2.90
N LYS E 104 44.71 -92.14 -4.11
CA LYS E 104 43.83 -93.19 -4.60
C LYS E 104 44.36 -93.78 -5.90
N PRO E 105 45.55 -94.40 -5.84
CA PRO E 105 46.12 -95.01 -7.06
C PRO E 105 45.21 -96.08 -7.63
N ASN E 106 44.88 -95.93 -8.91
CA ASN E 106 43.96 -96.84 -9.60
C ASN E 106 44.76 -98.01 -10.15
N SER E 107 44.97 -99.00 -9.28
CA SER E 107 45.84 -100.13 -9.61
C SER E 107 45.36 -100.87 -10.86
N LEU E 108 44.04 -100.98 -11.04
CA LEU E 108 43.54 -101.82 -12.12
C LEU E 108 43.84 -101.23 -13.49
N VAL E 109 43.84 -99.91 -13.61
CA VAL E 109 44.27 -99.29 -14.85
C VAL E 109 45.75 -99.50 -15.05
N LEU E 110 46.50 -99.49 -13.96
CA LEU E 110 47.94 -99.65 -14.01
C LEU E 110 48.34 -101.12 -14.03
N GLY E 111 47.43 -102.03 -13.70
CA GLY E 111 47.76 -103.43 -13.60
C GLY E 111 48.67 -103.75 -12.44
N ALA E 112 48.98 -102.76 -11.60
CA ALA E 112 49.89 -102.98 -10.50
C ALA E 112 49.24 -103.87 -9.44
N PRO E 113 50.05 -104.57 -8.66
CA PRO E 113 49.48 -105.50 -7.68
C PRO E 113 48.91 -104.77 -6.47
N GLU E 114 47.90 -105.37 -5.86
CA GLU E 114 47.34 -104.90 -4.61
C GLU E 114 48.29 -105.21 -3.47
N GLY E 115 49.12 -104.22 -3.11
CA GLY E 115 50.27 -104.44 -2.26
C GLY E 115 51.39 -103.52 -2.64
N TRP E 116 51.40 -103.06 -3.90
CA TRP E 116 52.19 -101.89 -4.25
C TRP E 116 51.48 -100.61 -3.83
N ALA E 117 50.17 -100.57 -4.02
CA ALA E 117 49.43 -99.31 -3.84
C ALA E 117 49.60 -98.77 -2.43
N GLU E 118 49.59 -99.65 -1.43
CA GLU E 118 49.71 -99.19 -0.05
C GLU E 118 51.05 -98.52 0.20
N GLU E 119 52.12 -99.01 -0.44
CA GLU E 119 53.42 -98.39 -0.28
C GLU E 119 53.46 -97.00 -0.90
N PHE E 120 52.90 -96.88 -2.10
CA PHE E 120 52.79 -95.58 -2.75
C PHE E 120 51.99 -94.61 -1.89
N GLN E 121 50.85 -95.06 -1.38
CA GLN E 121 50.02 -94.22 -0.53
C GLN E 121 50.81 -93.75 0.69
N GLU E 122 51.44 -94.69 1.41
CA GLU E 122 52.21 -94.31 2.59
C GLU E 122 53.22 -93.23 2.23
N VAL E 123 54.07 -93.51 1.24
CA VAL E 123 55.18 -92.63 0.93
C VAL E 123 54.67 -91.26 0.53
N VAL E 124 53.73 -91.23 -0.42
CA VAL E 124 53.30 -89.97 -1.00
C VAL E 124 52.51 -89.15 0.01
N GLU E 125 51.58 -89.78 0.74
CA GLU E 125 50.85 -89.05 1.75
C GLU E 125 51.80 -88.45 2.77
N ALA E 126 52.76 -89.22 3.25
CA ALA E 126 53.70 -88.68 4.21
C ALA E 126 54.46 -87.49 3.64
N ARG E 127 55.14 -87.69 2.51
CA ARG E 127 55.97 -86.64 1.93
C ARG E 127 55.15 -85.41 1.62
N PHE E 128 53.95 -85.59 1.06
CA PHE E 128 53.16 -84.46 0.63
C PHE E 128 52.61 -83.70 1.82
N ASN E 129 51.88 -84.38 2.70
CA ASN E 129 51.27 -83.68 3.82
C ASN E 129 52.32 -82.99 4.68
N MET E 130 53.51 -83.57 4.80
CA MET E 130 54.55 -82.93 5.60
C MET E 130 54.82 -81.52 5.13
N VAL E 131 55.06 -81.34 3.84
CA VAL E 131 55.37 -80.02 3.30
C VAL E 131 54.11 -79.21 3.05
N ALA E 132 52.97 -79.88 2.92
CA ALA E 132 51.71 -79.19 2.68
C ALA E 132 51.28 -78.41 3.90
N GLU E 133 51.39 -79.02 5.07
CA GLU E 133 51.04 -78.37 6.32
C GLU E 133 52.21 -77.59 6.91
N SER E 134 53.39 -77.68 6.30
CA SER E 134 54.55 -76.99 6.83
C SER E 134 54.32 -75.48 6.85
N PRO E 135 54.78 -74.79 7.89
CA PRO E 135 54.69 -73.33 7.90
C PRO E 135 55.65 -72.65 6.94
N GLU E 136 56.53 -73.40 6.27
CA GLU E 136 57.44 -72.80 5.31
C GLU E 136 56.71 -72.31 4.06
N ASN E 137 55.45 -72.69 3.87
CA ASN E 137 54.64 -72.19 2.76
C ASN E 137 55.25 -72.56 1.42
N TRP E 138 55.75 -73.79 1.31
CA TRP E 138 56.50 -74.20 0.14
C TRP E 138 55.73 -73.98 -1.15
N PHE E 139 54.43 -74.25 -1.13
CA PHE E 139 53.65 -74.27 -2.37
C PHE E 139 53.30 -72.89 -2.87
N ASP E 140 53.45 -71.86 -2.05
CA ASP E 140 53.04 -70.51 -2.42
C ASP E 140 54.25 -69.76 -2.95
N ALA E 141 54.11 -69.16 -4.13
CA ALA E 141 55.18 -68.33 -4.63
C ALA E 141 55.46 -67.17 -3.69
N ARG E 142 54.43 -66.65 -3.04
CA ARG E 142 54.58 -65.59 -2.06
C ARG E 142 54.86 -66.14 -0.67
N ARG E 143 54.97 -67.46 -0.55
CA ARG E 143 55.49 -68.09 0.66
C ARG E 143 54.79 -67.64 1.92
N MET E 144 53.54 -67.19 1.79
CA MET E 144 52.75 -66.78 2.94
C MET E 144 51.58 -67.70 3.26
N ASN E 145 51.14 -68.54 2.32
CA ASN E 145 49.99 -69.40 2.54
C ASN E 145 50.39 -70.86 2.48
N THR E 146 49.99 -71.60 3.51
CA THR E 146 50.03 -73.05 3.49
C THR E 146 49.09 -73.56 2.40
N LEU E 147 49.30 -74.81 1.97
CA LEU E 147 48.41 -75.39 0.97
C LEU E 147 46.97 -75.26 1.40
N THR E 148 46.66 -75.63 2.63
CA THR E 148 45.33 -75.42 3.15
C THR E 148 44.91 -73.97 2.99
N GLY E 149 45.85 -73.05 3.22
CA GLY E 149 45.52 -71.64 3.06
C GLY E 149 45.34 -71.25 1.61
N LEU E 150 46.12 -71.85 0.71
CA LEU E 150 45.92 -71.61 -0.72
C LEU E 150 44.53 -72.02 -1.14
N VAL E 151 44.10 -73.21 -0.72
CA VAL E 151 42.78 -73.72 -1.07
C VAL E 151 41.70 -72.84 -0.46
N ARG E 152 41.88 -72.43 0.80
CA ARG E 152 40.94 -71.52 1.41
C ARG E 152 40.82 -70.23 0.61
N LEU E 153 41.96 -69.70 0.16
CA LEU E 153 41.98 -68.47 -0.60
C LEU E 153 41.24 -68.65 -1.93
N ALA E 154 41.46 -69.77 -2.59
CA ALA E 154 40.75 -70.06 -3.83
C ALA E 154 39.25 -70.08 -3.60
N VAL E 155 38.80 -70.90 -2.65
CA VAL E 155 37.38 -71.05 -2.40
C VAL E 155 36.75 -69.72 -2.03
N GLY E 156 37.38 -68.98 -1.11
CA GLY E 156 36.83 -67.70 -0.72
C GLY E 156 36.78 -66.71 -1.87
N GLY E 157 37.79 -66.74 -2.74
CA GLY E 157 37.73 -65.90 -3.93
C GLY E 157 36.69 -66.39 -4.92
N PHE E 158 36.43 -67.70 -4.94
CA PHE E 158 35.46 -68.25 -5.87
C PHE E 158 34.09 -67.62 -5.67
N ILE E 159 33.56 -67.72 -4.45
CA ILE E 159 32.29 -67.08 -4.14
C ILE E 159 32.37 -65.59 -4.39
N MET E 160 33.55 -65.02 -4.20
CA MET E 160 33.74 -63.58 -4.35
C MET E 160 33.97 -63.18 -5.78
N THR E 161 34.56 -64.05 -6.59
CA THR E 161 34.95 -63.72 -7.96
C THR E 161 34.33 -64.63 -8.99
N GLY E 162 33.88 -65.83 -8.61
CA GLY E 162 33.29 -66.74 -9.55
C GLY E 162 34.27 -67.68 -10.21
N GLU E 163 35.57 -67.52 -9.98
CA GLU E 163 36.55 -68.39 -10.59
C GLU E 163 37.79 -68.48 -9.74
N VAL E 164 38.50 -69.59 -9.91
CA VAL E 164 39.85 -69.77 -9.40
C VAL E 164 40.82 -69.55 -10.54
N LEU E 165 41.78 -68.66 -10.34
CA LEU E 165 42.77 -68.34 -11.36
C LEU E 165 44.14 -68.33 -10.72
N ALA E 166 45.00 -69.24 -11.17
CA ALA E 166 46.30 -69.44 -10.53
C ALA E 166 47.33 -69.84 -11.56
N SER E 167 48.56 -69.44 -11.32
CA SER E 167 49.70 -69.79 -12.15
C SER E 167 50.58 -70.80 -11.44
N CYS E 168 51.14 -71.74 -12.22
CA CYS E 168 52.01 -72.78 -11.68
C CYS E 168 53.45 -72.37 -11.92
N GLU E 169 53.89 -71.35 -11.17
CA GLU E 169 55.26 -70.88 -11.28
C GLU E 169 56.26 -71.99 -10.99
N TRP E 170 57.51 -71.74 -11.32
CA TRP E 170 58.63 -72.63 -11.04
C TRP E 170 59.70 -71.84 -10.30
N MET E 171 60.03 -72.28 -9.09
CA MET E 171 61.12 -71.71 -8.31
C MET E 171 62.25 -72.73 -8.27
N LYS E 172 63.41 -72.34 -8.78
CA LYS E 172 64.50 -73.26 -9.03
C LYS E 172 64.82 -74.09 -7.78
N PRO E 173 64.64 -75.40 -7.83
CA PRO E 173 65.02 -76.24 -6.68
C PRO E 173 66.53 -76.40 -6.60
N ASN E 174 66.94 -77.18 -5.60
CA ASN E 174 68.34 -77.57 -5.36
C ASN E 174 69.29 -76.38 -5.50
N GLY E 175 68.80 -75.18 -5.23
CA GLY E 175 69.65 -74.00 -5.22
C GLY E 175 70.49 -73.96 -3.97
N THR E 176 71.05 -72.78 -3.71
CA THR E 176 71.90 -72.60 -2.54
C THR E 176 71.17 -73.03 -1.27
N ARG E 177 71.95 -73.35 -0.24
CA ARG E 177 71.36 -73.80 1.02
C ARG E 177 70.42 -72.76 1.61
N MET E 178 70.71 -71.47 1.42
CA MET E 178 69.87 -70.42 1.98
C MET E 178 68.53 -70.31 1.27
N GLN E 179 68.40 -70.87 0.08
CA GLN E 179 67.14 -70.84 -0.67
C GLN E 179 66.74 -72.24 -1.12
N ARG E 180 67.17 -73.24 -0.38
CA ARG E 180 66.82 -74.62 -0.71
C ARG E 180 65.32 -74.79 -0.76
N ARG E 181 64.88 -75.79 -1.50
CA ARG E 181 63.48 -76.18 -1.59
C ARG E 181 63.38 -77.68 -1.71
N PRO E 182 62.31 -78.27 -1.20
CA PRO E 182 62.07 -79.70 -1.48
C PRO E 182 61.55 -79.94 -2.87
N PHE E 183 60.86 -78.97 -3.46
CA PHE E 183 60.29 -79.10 -4.79
C PHE E 183 60.23 -77.73 -5.42
N GLY E 184 60.17 -77.72 -6.76
CA GLY E 184 60.24 -76.46 -7.49
C GLY E 184 58.91 -75.80 -7.73
N THR E 185 57.85 -76.59 -7.91
CA THR E 185 56.56 -76.03 -8.28
C THR E 185 56.04 -75.10 -7.19
N ALA E 186 55.46 -73.99 -7.62
CA ALA E 186 54.84 -73.01 -6.74
C ALA E 186 53.60 -72.47 -7.42
N ILE E 187 52.66 -72.01 -6.61
CA ILE E 187 51.38 -71.51 -7.07
C ILE E 187 51.29 -70.03 -6.75
N GLN E 188 50.88 -69.24 -7.73
CA GLN E 188 50.61 -67.82 -7.54
C GLN E 188 49.15 -67.56 -7.88
N MET E 189 48.35 -67.26 -6.86
CA MET E 189 46.94 -66.94 -7.09
C MET E 189 46.81 -65.54 -7.67
N ILE E 190 46.08 -65.44 -8.78
CA ILE E 190 46.01 -64.22 -9.56
C ILE E 190 44.64 -63.58 -9.38
N SER E 191 44.61 -62.26 -9.37
CA SER E 191 43.36 -61.53 -9.33
C SER E 191 42.65 -61.63 -10.67
N PRO E 192 41.38 -62.02 -10.71
CA PRO E 192 40.66 -62.08 -11.99
C PRO E 192 40.65 -60.77 -12.75
N TYR E 193 40.93 -59.65 -12.08
CA TYR E 193 40.98 -58.39 -12.81
C TYR E 193 42.08 -58.39 -13.85
N ARG E 194 43.17 -59.09 -13.59
CA ARG E 194 44.31 -59.09 -14.48
C ARG E 194 44.04 -59.89 -15.74
N LEU E 195 43.05 -60.76 -15.72
CA LEU E 195 42.67 -61.55 -16.89
C LEU E 195 41.78 -60.69 -17.78
N SER E 196 42.31 -60.28 -18.92
CA SER E 196 41.59 -59.37 -19.81
C SER E 196 42.14 -59.55 -21.21
N ASN E 197 41.35 -59.11 -22.19
CA ASN E 197 41.81 -59.13 -23.56
C ASN E 197 42.97 -58.14 -23.73
N PRO E 198 44.06 -58.54 -24.37
CA PRO E 198 45.20 -57.65 -24.50
C PRO E 198 44.84 -56.36 -25.22
N ASP E 199 45.22 -55.25 -24.61
CA ASP E 199 45.00 -53.92 -25.19
C ASP E 199 43.51 -53.67 -25.41
N ASN E 200 42.67 -54.33 -24.61
CA ASN E 200 41.24 -54.04 -24.52
C ASN E 200 40.53 -54.24 -25.84
N ILE E 201 41.07 -55.08 -26.71
CA ILE E 201 40.38 -55.42 -27.94
C ILE E 201 39.07 -56.12 -27.62
N MET E 202 38.13 -56.04 -28.55
CA MET E 202 36.86 -56.74 -28.42
C MET E 202 37.10 -58.25 -28.44
N ASP E 203 36.14 -58.98 -27.90
CA ASP E 203 36.22 -60.43 -27.83
C ASP E 203 35.85 -61.06 -29.16
N ASP E 204 36.33 -62.29 -29.35
CA ASP E 204 36.16 -63.02 -30.59
C ASP E 204 35.85 -64.47 -30.27
N LYS E 205 35.51 -65.23 -31.30
CA LYS E 205 35.25 -66.65 -31.12
C LYS E 205 36.40 -67.36 -30.43
N TYR E 206 37.63 -66.92 -30.68
CA TYR E 206 38.80 -67.55 -30.11
C TYR E 206 39.41 -66.74 -28.97
N LEU E 207 38.78 -65.64 -28.59
CA LEU E 207 39.25 -64.83 -27.46
C LEU E 207 38.01 -64.31 -26.74
N ARG E 208 37.79 -64.79 -25.52
CA ARG E 208 36.65 -64.40 -24.72
C ARG E 208 37.16 -63.91 -23.37
N SER E 209 36.99 -62.61 -23.11
CA SER E 209 37.40 -61.98 -21.86
C SER E 209 38.72 -62.54 -21.34
N GLY E 210 39.73 -62.51 -22.21
CA GLY E 210 41.08 -62.84 -21.80
C GLY E 210 41.50 -64.28 -22.01
N VAL E 211 40.58 -65.15 -22.40
CA VAL E 211 40.86 -66.56 -22.55
C VAL E 211 41.07 -66.87 -24.02
N LYS E 212 42.19 -67.49 -24.34
CA LYS E 212 42.46 -67.96 -25.69
C LYS E 212 41.81 -69.33 -25.88
N LEU E 213 40.96 -69.44 -26.89
CA LEU E 213 40.15 -70.63 -27.10
C LEU E 213 40.54 -71.31 -28.42
N ASP E 214 40.46 -72.63 -28.41
CA ASP E 214 40.54 -73.38 -29.64
C ASP E 214 39.18 -73.33 -30.35
N GLU E 215 39.05 -74.07 -31.45
CA GLU E 215 37.78 -74.07 -32.17
C GLU E 215 36.67 -74.76 -31.40
N MET E 216 37.02 -75.72 -30.53
CA MET E 216 36.04 -76.35 -29.68
C MET E 216 35.59 -75.46 -28.53
N GLY E 217 36.34 -74.40 -28.25
CA GLY E 217 36.09 -73.60 -27.08
C GLY E 217 36.90 -73.99 -25.87
N ALA E 218 37.95 -74.77 -26.04
CA ALA E 218 38.78 -75.17 -24.92
C ALA E 218 39.83 -74.10 -24.64
N PRO E 219 40.00 -73.70 -23.38
CA PRO E 219 41.07 -72.75 -23.06
C PRO E 219 42.44 -73.33 -23.35
N ILE E 220 43.21 -72.62 -24.17
CA ILE E 220 44.59 -72.98 -24.45
C ILE E 220 45.57 -71.99 -23.84
N GLY E 221 45.14 -70.78 -23.55
CA GLY E 221 46.01 -69.83 -22.88
C GLY E 221 45.22 -68.62 -22.45
N TYR E 222 45.84 -67.84 -21.57
CA TYR E 222 45.19 -66.74 -20.89
C TYR E 222 46.05 -65.50 -20.98
N TRP E 223 45.41 -64.36 -21.21
CA TRP E 223 46.09 -63.08 -21.33
C TRP E 223 45.97 -62.34 -20.00
N LEU E 224 47.11 -62.14 -19.35
CA LEU E 224 47.17 -61.61 -17.99
C LEU E 224 47.94 -60.30 -17.98
N ARG E 225 47.33 -59.25 -17.45
CA ARG E 225 48.08 -58.03 -17.21
C ARG E 225 49.19 -58.33 -16.21
N LYS E 226 50.37 -57.78 -16.47
CA LYS E 226 51.51 -58.07 -15.63
C LYS E 226 51.35 -57.49 -14.24
N ALA E 227 50.39 -56.59 -14.04
CA ALA E 227 50.11 -56.04 -12.73
C ALA E 227 48.64 -55.67 -12.65
N PHE E 228 48.18 -55.44 -11.44
CA PHE E 228 46.79 -55.12 -11.20
C PHE E 228 46.41 -53.86 -11.98
N PRO E 229 45.22 -53.83 -12.59
CA PRO E 229 44.81 -52.63 -13.32
C PRO E 229 44.61 -51.43 -12.42
N GLY E 230 45.07 -50.29 -12.88
CA GLY E 230 44.95 -49.06 -12.13
C GLY E 230 45.95 -48.92 -11.00
N ASP E 231 46.82 -49.90 -10.81
CA ASP E 231 47.78 -49.84 -9.72
C ASP E 231 48.86 -48.82 -10.05
N PRO E 232 48.95 -47.70 -9.33
CA PRO E 232 49.98 -46.70 -9.66
C PRO E 232 51.37 -47.10 -9.21
N THR E 233 51.49 -48.13 -8.38
CA THR E 233 52.79 -48.55 -7.87
C THR E 233 53.57 -49.38 -8.89
N ASP E 234 52.91 -49.84 -9.94
CA ASP E 234 53.53 -50.69 -10.95
C ASP E 234 53.33 -50.06 -12.32
N LEU E 235 54.43 -49.74 -12.99
CA LEU E 235 54.35 -49.17 -14.34
C LEU E 235 53.94 -50.22 -15.37
N GLU E 236 54.20 -51.48 -15.07
CA GLU E 236 53.94 -52.54 -16.05
C GLU E 236 52.49 -52.83 -16.34
N GLN E 237 51.58 -52.34 -15.50
CA GLN E 237 50.17 -52.66 -15.67
C GLN E 237 49.66 -52.25 -17.04
N TRP E 238 50.42 -51.45 -17.78
CA TRP E 238 50.04 -51.09 -19.14
C TRP E 238 50.14 -52.24 -20.11
N ARG E 239 50.69 -53.37 -19.69
CA ARG E 239 51.10 -54.43 -20.58
C ARG E 239 50.50 -55.77 -20.16
N TRP E 240 50.37 -56.66 -21.13
CA TRP E 240 49.86 -58.01 -20.94
C TRP E 240 50.95 -59.04 -21.21
N GLU E 241 50.77 -60.23 -20.65
CA GLU E 241 51.53 -61.40 -21.03
C GLU E 241 50.58 -62.57 -21.27
N TYR E 242 51.01 -63.48 -22.14
CA TYR E 242 50.22 -64.64 -22.51
C TYR E 242 50.82 -65.88 -21.86
N GLN E 243 50.01 -66.58 -21.08
CA GLN E 243 50.46 -67.77 -20.37
C GLN E 243 49.74 -68.99 -20.92
N PRO E 244 50.45 -69.94 -21.52
CA PRO E 244 49.77 -71.16 -21.97
C PRO E 244 49.17 -71.92 -20.80
N ALA E 245 48.01 -72.52 -21.05
CA ALA E 245 47.43 -73.41 -20.06
C ALA E 245 48.25 -74.68 -19.90
N ARG E 246 48.84 -75.17 -20.99
CA ARG E 246 49.61 -76.39 -20.99
C ARG E 246 51.03 -76.11 -21.47
N PHE E 247 51.99 -76.82 -20.89
CA PHE E 247 53.38 -76.70 -21.28
C PHE E 247 53.62 -77.46 -22.59
N ASP E 248 54.89 -77.50 -23.03
CA ASP E 248 55.25 -78.34 -24.16
C ASP E 248 54.73 -79.76 -24.00
N TRP E 249 54.55 -80.20 -22.75
CA TRP E 249 53.74 -81.35 -22.41
C TRP E 249 52.55 -80.85 -21.59
N GLY E 250 51.55 -81.72 -21.40
CA GLY E 250 50.30 -81.30 -20.81
C GLY E 250 50.38 -80.80 -19.39
N ARG E 251 51.58 -80.66 -18.84
CA ARG E 251 51.74 -80.02 -17.54
C ARG E 251 51.06 -78.67 -17.53
N ARG E 252 50.29 -78.40 -16.48
CA ARG E 252 49.62 -77.12 -16.38
C ARG E 252 50.60 -76.03 -15.97
N ARG E 253 50.53 -74.91 -16.68
CA ARG E 253 51.18 -73.69 -16.25
C ARG E 253 50.21 -72.69 -15.68
N MET E 254 48.92 -72.82 -16.00
CA MET E 254 47.86 -71.98 -15.47
C MET E 254 46.68 -72.85 -15.05
N ILE E 255 45.99 -72.40 -14.01
CA ILE E 255 44.86 -73.11 -13.44
C ILE E 255 43.64 -72.21 -13.53
N HIS E 256 42.59 -72.70 -14.18
CA HIS E 256 41.35 -71.95 -14.33
C HIS E 256 40.20 -72.88 -13.99
N ILE E 257 39.32 -72.43 -13.10
CA ILE E 257 38.21 -73.24 -12.61
C ILE E 257 36.98 -72.37 -12.45
N ILE E 258 35.86 -72.83 -12.99
CA ILE E 258 34.57 -72.18 -12.82
C ILE E 258 33.48 -73.23 -12.68
N GLU E 259 32.37 -72.81 -12.09
CA GLU E 259 31.14 -73.59 -12.05
C GLU E 259 30.15 -72.87 -12.93
N ALA E 260 29.98 -73.36 -14.15
CA ALA E 260 29.20 -72.67 -15.16
C ALA E 260 27.71 -72.81 -14.89
N LEU E 261 26.98 -71.72 -15.12
CA LEU E 261 25.53 -71.73 -15.06
C LEU E 261 24.92 -72.02 -16.43
N LEU E 262 25.40 -71.34 -17.44
CA LEU E 262 24.86 -71.43 -18.77
C LEU E 262 25.80 -72.20 -19.68
N PRO E 263 25.28 -72.89 -20.70
CA PRO E 263 26.16 -73.54 -21.67
C PRO E 263 27.08 -72.53 -22.35
N GLY E 264 28.29 -72.97 -22.66
CA GLY E 264 29.20 -72.13 -23.40
C GLY E 264 29.81 -70.99 -22.62
N GLN E 265 29.60 -70.96 -21.31
CA GLN E 265 30.24 -69.96 -20.48
C GLN E 265 31.68 -70.36 -20.19
N THR E 266 32.60 -69.41 -20.35
CA THR E 266 34.03 -69.66 -20.18
C THR E 266 34.68 -68.78 -19.13
N ARG E 267 33.97 -67.79 -18.60
CA ARG E 267 34.46 -67.02 -17.49
C ARG E 267 33.44 -67.10 -16.36
N GLY E 268 33.95 -67.18 -15.14
CA GLY E 268 33.09 -67.44 -14.00
C GLY E 268 32.33 -66.19 -13.59
N ILE E 269 31.07 -66.39 -13.24
CA ILE E 269 30.22 -65.34 -12.69
C ILE E 269 29.89 -65.74 -11.26
N SER E 270 30.20 -64.85 -10.32
CA SER E 270 30.09 -65.19 -8.91
C SER E 270 28.65 -65.38 -8.48
N GLU E 271 28.46 -66.23 -7.48
CA GLU E 271 27.13 -66.42 -6.90
C GLU E 271 26.58 -65.13 -6.32
N MET E 272 27.45 -64.23 -5.88
CA MET E 272 26.97 -62.99 -5.27
C MET E 272 26.14 -62.17 -6.23
N VAL E 273 26.43 -62.26 -7.53
CA VAL E 273 25.80 -61.37 -8.50
C VAL E 273 24.29 -61.45 -8.42
N ALA E 274 23.77 -62.62 -8.09
CA ALA E 274 22.33 -62.78 -7.96
C ALA E 274 21.77 -61.97 -6.80
N ALA E 275 22.62 -61.56 -5.87
CA ALA E 275 22.18 -60.94 -4.63
C ALA E 275 22.76 -59.56 -4.38
N LEU E 276 23.74 -59.13 -5.17
CA LEU E 276 24.40 -57.85 -4.91
C LEU E 276 23.39 -56.75 -4.66
N LYS E 277 22.32 -56.72 -5.45
CA LYS E 277 21.30 -55.70 -5.26
C LYS E 277 20.66 -55.85 -3.89
N GLN E 278 20.30 -57.08 -3.53
CA GLN E 278 19.68 -57.33 -2.24
C GLN E 278 20.64 -57.07 -1.11
N MET E 279 21.89 -57.47 -1.26
CA MET E 279 22.88 -57.26 -0.21
C MET E 279 23.09 -55.78 0.04
N LYS E 280 23.27 -55.02 -1.03
CA LYS E 280 23.53 -53.60 -0.90
C LYS E 280 22.32 -52.87 -0.33
N MET E 281 21.13 -53.24 -0.78
CA MET E 281 19.95 -52.53 -0.30
C MET E 281 19.60 -52.94 1.12
N THR E 282 19.86 -54.18 1.50
CA THR E 282 19.73 -54.59 2.89
C THR E 282 20.70 -53.83 3.78
N ARG E 283 21.93 -53.63 3.32
CA ARG E 283 22.88 -52.88 4.10
C ARG E 283 22.46 -51.43 4.25
N ASN E 284 22.02 -50.81 3.15
CA ASN E 284 21.50 -49.45 3.22
C ASN E 284 20.33 -49.36 4.20
N PHE E 285 19.46 -50.36 4.18
CA PHE E 285 18.32 -50.40 5.09
C PHE E 285 18.79 -50.47 6.54
N GLN E 286 19.72 -51.36 6.82
CA GLN E 286 20.22 -51.51 8.17
C GLN E 286 20.82 -50.20 8.66
N GLU E 287 21.63 -49.57 7.81
CA GLU E 287 22.37 -48.39 8.25
C GLU E 287 21.44 -47.18 8.41
N VAL E 288 20.50 -47.00 7.49
CA VAL E 288 19.60 -45.87 7.62
C VAL E 288 18.64 -46.10 8.79
N THR E 289 18.31 -47.35 9.09
CA THR E 289 17.52 -47.65 10.27
C THR E 289 18.29 -47.32 11.54
N LEU E 290 19.57 -47.65 11.57
CA LEU E 290 20.40 -47.33 12.72
C LEU E 290 20.55 -45.83 12.90
N GLN E 291 20.75 -45.10 11.80
CA GLN E 291 20.78 -43.65 11.88
C GLN E 291 19.46 -43.11 12.41
N ASN E 292 18.35 -43.65 11.93
CA ASN E 292 17.05 -43.24 12.41
C ASN E 292 16.91 -43.46 13.90
N ALA E 293 17.29 -44.64 14.37
CA ALA E 293 17.26 -44.95 15.80
C ALA E 293 18.07 -43.95 16.59
N ILE E 294 19.30 -43.68 16.15
CA ILE E 294 20.16 -42.78 16.89
C ILE E 294 19.56 -41.38 16.93
N VAL E 295 19.08 -40.90 15.79
CA VAL E 295 18.50 -39.57 15.73
C VAL E 295 17.31 -39.47 16.66
N ASN E 296 16.49 -40.51 16.70
CA ASN E 296 15.34 -40.50 17.56
C ASN E 296 15.73 -40.52 19.03
N ALA E 297 16.84 -41.19 19.35
CA ALA E 297 17.28 -41.27 20.74
C ALA E 297 17.96 -40.00 21.21
N THR E 298 18.60 -39.24 20.32
CA THR E 298 19.28 -38.04 20.78
C THR E 298 18.32 -37.02 21.35
N TYR E 299 17.20 -36.83 20.69
CA TYR E 299 16.21 -35.84 21.09
C TYR E 299 15.32 -36.46 22.15
N ALA E 300 15.90 -36.58 23.34
CA ALA E 300 15.25 -37.21 24.47
C ALA E 300 14.02 -36.46 24.92
N ALA E 301 13.93 -35.18 24.58
CA ALA E 301 12.81 -34.36 24.98
C ALA E 301 12.79 -33.15 24.08
N ALA E 302 11.70 -32.41 24.13
CA ALA E 302 11.62 -31.14 23.44
C ALA E 302 10.70 -30.20 24.19
N ILE E 303 11.10 -28.95 24.29
CA ILE E 303 10.29 -27.91 24.88
C ILE E 303 9.71 -27.08 23.76
N GLU E 304 8.42 -26.77 23.87
CA GLU E 304 7.78 -25.81 23.02
C GLU E 304 7.48 -24.59 23.89
N SER E 305 8.31 -23.57 23.79
CA SER E 305 8.21 -22.44 24.66
C SER E 305 8.40 -21.16 23.88
N GLU E 306 7.70 -20.13 24.34
CA GLU E 306 7.89 -18.77 23.87
C GLU E 306 8.85 -18.01 24.77
N LEU E 307 9.40 -18.68 25.77
CA LEU E 307 10.46 -18.12 26.58
C LEU E 307 11.77 -18.22 25.82
N PRO E 308 12.80 -17.51 26.28
CA PRO E 308 14.13 -17.72 25.73
C PRO E 308 14.74 -19.02 26.20
N SER E 309 15.69 -19.51 25.41
CA SER E 309 16.33 -20.78 25.72
C SER E 309 17.05 -20.74 27.06
N ASP E 310 17.60 -19.57 27.42
CA ASP E 310 18.38 -19.48 28.64
C ASP E 310 17.52 -19.67 29.88
N VAL E 311 16.28 -19.21 29.82
CA VAL E 311 15.33 -19.41 30.92
C VAL E 311 14.88 -20.86 30.98
N VAL E 312 14.48 -21.40 29.82
CA VAL E 312 13.92 -22.74 29.77
C VAL E 312 14.90 -23.77 30.30
N PHE E 313 16.15 -23.70 29.86
CA PHE E 313 17.14 -24.67 30.30
C PHE E 313 17.53 -24.44 31.75
N ASN E 314 17.49 -23.20 32.21
CA ASN E 314 17.71 -22.93 33.62
C ASN E 314 16.64 -23.58 34.48
N GLN E 315 15.41 -23.61 33.97
CA GLN E 315 14.34 -24.33 34.67
C GLN E 315 14.62 -25.82 34.73
N MET E 316 15.29 -26.35 33.71
CA MET E 316 15.53 -27.78 33.60
C MET E 316 16.81 -28.22 34.28
N GLY E 317 17.61 -27.29 34.78
CA GLY E 317 18.82 -27.61 35.51
C GLY E 317 20.10 -27.07 34.93
N MET E 318 20.04 -26.14 33.98
CA MET E 318 21.24 -25.60 33.38
C MET E 318 21.90 -24.63 34.35
N GLY E 319 23.19 -24.84 34.60
CA GLY E 319 23.92 -24.04 35.55
C GLY E 319 23.70 -24.40 37.00
N GLN E 320 22.82 -25.34 37.28
CA GLN E 320 22.61 -25.82 38.64
C GLN E 320 23.75 -26.72 39.06
N THR E 321 24.33 -26.42 40.20
CA THR E 321 25.45 -27.20 40.67
C THR E 321 24.98 -28.48 41.37
N PRO E 322 25.63 -29.60 41.12
CA PRO E 322 25.25 -30.87 41.75
C PRO E 322 25.83 -31.01 43.14
N PHE E 323 24.94 -31.08 44.13
CA PHE E 323 25.33 -31.38 45.50
C PHE E 323 24.16 -32.01 46.20
N GLY E 324 24.48 -32.83 47.19
CA GLY E 324 23.50 -33.39 48.08
C GLY E 324 22.54 -32.33 48.60
N LYS E 342 26.47 -24.56 28.29
CA LYS E 342 25.10 -24.93 27.98
C LYS E 342 24.90 -26.43 28.10
N ASN E 343 25.46 -27.00 29.18
CA ASN E 343 25.33 -28.41 29.47
C ASN E 343 24.66 -28.59 30.83
N ILE E 344 23.58 -29.37 30.84
CA ILE E 344 22.81 -29.63 32.04
C ILE E 344 23.43 -30.77 32.81
N ALA E 345 23.78 -30.53 34.06
CA ALA E 345 24.43 -31.53 34.89
C ALA E 345 23.38 -32.41 35.55
N ILE E 346 23.34 -33.68 35.15
CA ILE E 346 22.47 -34.63 35.82
C ILE E 346 22.96 -34.87 37.23
N ASP E 347 22.06 -34.77 38.20
CA ASP E 347 22.38 -35.15 39.56
C ASP E 347 21.33 -36.10 40.13
N GLY E 348 20.06 -35.85 39.83
CA GLY E 348 19.02 -36.79 40.19
C GLY E 348 17.63 -36.24 40.34
N ALA E 349 16.66 -36.97 39.78
CA ALA E 349 15.25 -36.85 40.13
C ALA E 349 14.81 -35.41 40.31
N LYS E 350 15.05 -34.59 39.30
CA LYS E 350 14.61 -33.21 39.36
C LYS E 350 13.14 -33.08 38.99
N ILE E 351 12.50 -32.09 39.59
CA ILE E 351 11.14 -31.69 39.24
C ILE E 351 11.17 -30.24 38.78
N PRO E 352 11.15 -30.02 37.47
CA PRO E 352 11.17 -28.64 36.99
C PRO E 352 9.83 -27.96 37.10
N HIS E 353 9.86 -26.65 37.29
CA HIS E 353 8.68 -25.81 37.24
C HIS E 353 8.68 -25.06 35.92
N LEU E 354 7.65 -25.29 35.12
CA LEU E 354 7.53 -24.74 33.79
C LEU E 354 6.31 -23.82 33.72
N PHE E 355 6.52 -22.62 33.22
CA PHE E 355 5.42 -21.68 33.11
C PHE E 355 4.40 -22.19 32.09
N PRO E 356 3.13 -21.86 32.27
CA PRO E 356 2.11 -22.34 31.34
C PRO E 356 2.35 -21.82 29.94
N GLY E 357 2.12 -22.68 28.96
CA GLY E 357 2.53 -22.43 27.61
C GLY E 357 3.89 -22.97 27.26
N THR E 358 4.66 -23.38 28.26
CA THR E 358 5.86 -24.16 28.05
C THR E 358 5.52 -25.62 28.21
N LYS E 359 5.66 -26.38 27.13
CA LYS E 359 5.31 -27.79 27.10
C LYS E 359 6.60 -28.60 27.04
N LEU E 360 6.77 -29.50 28.00
CA LEU E 360 7.87 -30.44 28.00
C LEU E 360 7.35 -31.76 27.49
N LYS E 361 7.75 -32.14 26.30
CA LYS E 361 7.38 -33.43 25.72
C LYS E 361 8.58 -34.35 25.78
N MET E 362 8.48 -35.38 26.59
CA MET E 362 9.54 -36.36 26.67
C MET E 362 9.40 -37.38 25.55
N GLN E 363 10.53 -37.80 24.99
CA GLN E 363 10.55 -38.62 23.79
C GLN E 363 11.44 -39.82 24.04
N PRO E 364 10.96 -40.78 24.81
CA PRO E 364 11.78 -41.95 25.14
C PRO E 364 12.08 -42.80 23.93
N ALA E 365 13.25 -43.43 23.96
CA ALA E 365 13.76 -44.18 22.83
C ALA E 365 12.89 -45.38 22.54
N GLY E 366 12.24 -45.37 21.38
CA GLY E 366 11.45 -46.50 20.96
C GLY E 366 12.28 -47.56 20.29
N THR E 367 11.70 -48.74 20.16
CA THR E 367 12.35 -49.82 19.45
C THR E 367 12.25 -49.57 17.96
N PRO E 368 13.35 -49.41 17.24
CA PRO E 368 13.28 -49.28 15.79
C PRO E 368 12.94 -50.61 15.14
N GLY E 369 11.99 -50.58 14.23
CA GLY E 369 11.50 -51.79 13.61
C GLY E 369 12.19 -52.12 12.31
N GLY E 370 11.77 -53.24 11.75
CA GLY E 370 12.39 -53.76 10.56
C GLY E 370 13.55 -54.65 10.90
N VAL E 371 14.61 -54.05 11.43
CA VAL E 371 15.79 -54.81 11.78
C VAL E 371 15.50 -55.61 13.04
N GLY E 372 15.92 -56.87 13.01
CA GLY E 372 15.61 -57.78 14.08
C GLY E 372 14.26 -58.44 13.98
N THR E 373 13.47 -58.11 12.96
CA THR E 373 12.19 -58.74 12.74
C THR E 373 12.24 -59.70 11.57
N ASP E 374 11.11 -60.38 11.37
CA ASP E 374 10.99 -61.38 10.32
C ASP E 374 11.34 -60.84 8.95
N TYR E 375 11.17 -59.53 8.77
CA TYR E 375 11.46 -58.89 7.49
C TYR E 375 12.95 -59.01 7.15
N GLU E 376 13.81 -58.58 8.07
CA GLU E 376 15.23 -58.63 7.83
C GLU E 376 15.72 -60.08 7.79
N GLU E 377 15.07 -60.96 8.55
CA GLU E 377 15.32 -62.39 8.40
C GLU E 377 15.07 -62.84 6.97
N SER E 378 14.00 -62.35 6.36
CA SER E 378 13.67 -62.76 5.00
C SER E 378 14.69 -62.22 4.00
N LEU E 379 15.13 -60.99 4.20
CA LEU E 379 16.19 -60.45 3.36
C LEU E 379 17.44 -61.32 3.42
N LEU E 380 17.90 -61.63 4.63
CA LEU E 380 19.09 -62.44 4.78
C LEU E 380 18.89 -63.84 4.23
N ARG E 381 17.67 -64.37 4.31
CA ARG E 381 17.37 -65.64 3.69
C ARG E 381 17.56 -65.57 2.18
N ASN E 382 17.03 -64.52 1.56
CA ASN E 382 17.17 -64.35 0.12
C ASN E 382 18.64 -64.33 -0.27
N ILE E 383 19.45 -63.64 0.52
CA ILE E 383 20.88 -63.57 0.20
C ILE E 383 21.54 -64.93 0.38
N ALA E 384 21.38 -65.53 1.56
CA ALA E 384 22.03 -66.80 1.83
C ALA E 384 21.64 -67.85 0.83
N ALA E 385 20.44 -67.75 0.25
CA ALA E 385 20.05 -68.70 -0.77
C ALA E 385 20.98 -68.63 -1.96
N SER E 386 21.39 -67.42 -2.34
CA SER E 386 22.35 -67.26 -3.42
C SER E 386 23.74 -67.68 -2.99
N LEU E 387 24.10 -67.38 -1.75
CA LEU E 387 25.42 -67.77 -1.25
C LEU E 387 25.50 -69.24 -0.86
N GLY E 388 24.40 -69.98 -0.94
CA GLY E 388 24.40 -71.38 -0.64
C GLY E 388 24.34 -71.72 0.84
N LEU E 389 23.99 -70.76 1.67
CA LEU E 389 24.07 -70.89 3.11
C LEU E 389 22.70 -71.01 3.74
N SER E 390 22.68 -71.54 4.95
CA SER E 390 21.50 -71.51 5.77
C SER E 390 21.40 -70.17 6.50
N TYR E 391 20.18 -69.71 6.68
CA TYR E 391 19.96 -68.45 7.40
C TYR E 391 20.67 -68.46 8.74
N GLU E 392 20.75 -69.63 9.38
CA GLU E 392 21.37 -69.72 10.69
C GLU E 392 22.85 -69.45 10.62
N GLN E 393 23.54 -70.02 9.62
CA GLN E 393 24.95 -69.74 9.43
C GLN E 393 25.19 -68.30 9.00
N PHE E 394 24.49 -67.88 7.94
CA PHE E 394 24.71 -66.55 7.40
C PHE E 394 24.47 -65.48 8.44
N SER E 395 23.37 -65.58 9.17
CA SER E 395 22.94 -64.56 10.12
C SER E 395 23.41 -64.83 11.53
N ARG E 396 23.94 -66.02 11.80
CA ARG E 396 24.40 -66.38 13.13
C ARG E 396 23.26 -66.44 14.13
N ASP E 397 22.03 -66.55 13.65
CA ASP E 397 20.84 -66.59 14.47
C ASP E 397 20.30 -68.01 14.49
N TYR E 398 20.45 -68.67 15.64
CA TYR E 398 19.91 -69.99 15.88
C TYR E 398 18.72 -69.94 16.82
N THR E 399 18.12 -68.76 16.98
CA THR E 399 17.06 -68.57 17.95
C THR E 399 15.90 -69.54 17.71
N LYS E 400 15.59 -69.83 16.45
CA LYS E 400 14.41 -70.60 16.10
C LYS E 400 14.77 -71.99 15.60
N THR E 401 15.94 -72.50 15.95
CA THR E 401 16.34 -73.83 15.55
C THR E 401 15.85 -74.88 16.55
N ASN E 402 15.73 -76.10 16.04
CA ASN E 402 15.49 -77.29 16.81
C ASN E 402 16.31 -78.40 16.18
N TYR E 403 16.37 -79.56 16.84
CA TYR E 403 17.33 -80.57 16.39
C TYR E 403 17.07 -80.99 14.95
N SER E 404 15.79 -81.09 14.57
CA SER E 404 15.47 -81.57 13.23
C SER E 404 15.68 -80.48 12.17
N SER E 405 15.24 -79.26 12.46
CA SER E 405 15.44 -78.17 11.51
C SER E 405 16.92 -77.89 11.30
N ALA E 406 17.69 -77.91 12.38
CA ALA E 406 19.13 -77.71 12.26
C ALA E 406 19.74 -78.81 11.40
N ARG E 407 19.34 -80.05 11.63
CA ARG E 407 19.89 -81.16 10.88
C ARG E 407 19.53 -81.07 9.40
N ALA E 408 18.31 -80.64 9.10
CA ALA E 408 17.88 -80.52 7.72
C ALA E 408 18.64 -79.42 6.99
N SER E 409 18.75 -78.24 7.60
CA SER E 409 19.55 -77.18 7.00
C SER E 409 20.99 -77.63 6.81
N MET E 410 21.53 -78.37 7.78
CA MET E 410 22.89 -78.89 7.64
C MET E 410 23.01 -79.83 6.46
N ALA E 411 22.01 -80.67 6.24
CA ALA E 411 22.07 -81.61 5.12
C ALA E 411 22.09 -80.86 3.80
N GLU E 412 21.19 -79.89 3.63
CA GLU E 412 21.15 -79.13 2.38
C GLU E 412 22.47 -78.39 2.16
N THR E 413 22.94 -77.69 3.20
CA THR E 413 24.13 -76.86 3.05
C THR E 413 25.37 -77.72 2.86
N TRP E 414 25.39 -78.90 3.47
CA TRP E 414 26.50 -79.81 3.26
C TRP E 414 26.51 -80.37 1.84
N LYS E 415 25.34 -80.65 1.28
CA LYS E 415 25.29 -81.04 -0.11
C LYS E 415 25.95 -79.97 -0.97
N TYR E 416 25.59 -78.71 -0.74
CA TYR E 416 26.16 -77.63 -1.54
C TYR E 416 27.66 -77.53 -1.34
N MET E 417 28.11 -77.58 -0.09
CA MET E 417 29.54 -77.39 0.18
C MET E 417 30.38 -78.57 -0.28
N GLU E 418 29.83 -79.78 -0.22
CA GLU E 418 30.55 -80.92 -0.76
C GLU E 418 30.67 -80.79 -2.28
N SER E 419 29.66 -80.21 -2.92
CA SER E 419 29.78 -79.94 -4.35
C SER E 419 30.88 -78.94 -4.63
N ARG E 420 30.87 -77.81 -3.93
CA ARG E 420 31.95 -76.83 -4.14
C ARG E 420 33.31 -77.43 -3.85
N LYS E 421 33.40 -78.26 -2.82
CA LYS E 421 34.65 -78.92 -2.48
C LYS E 421 35.13 -79.76 -3.63
N LYS E 422 34.35 -80.77 -4.02
CA LYS E 422 34.79 -81.74 -4.99
C LYS E 422 34.93 -81.14 -6.39
N LEU E 423 34.38 -79.95 -6.63
CA LEU E 423 34.44 -79.37 -7.97
C LEU E 423 35.27 -78.10 -8.05
N VAL E 424 35.78 -77.58 -6.94
CA VAL E 424 36.67 -76.43 -6.97
C VAL E 424 37.93 -76.73 -6.18
N ALA E 425 37.77 -77.10 -4.91
CA ALA E 425 38.92 -77.25 -4.03
C ALA E 425 39.66 -78.54 -4.34
N ASP E 426 38.93 -79.63 -4.58
CA ASP E 426 39.58 -80.89 -4.91
C ASP E 426 40.27 -80.80 -6.26
N ARG E 427 39.64 -80.15 -7.24
CA ARG E 427 40.27 -79.99 -8.54
C ARG E 427 41.53 -79.14 -8.42
N PHE E 428 41.46 -78.05 -7.66
CA PHE E 428 42.61 -77.16 -7.51
C PHE E 428 43.78 -77.89 -6.84
N ALA E 429 43.54 -78.46 -5.67
CA ALA E 429 44.59 -79.15 -4.96
C ALA E 429 45.07 -80.37 -5.71
N SER E 430 44.21 -80.97 -6.53
CA SER E 430 44.63 -82.11 -7.33
C SER E 430 45.51 -81.66 -8.49
N MET E 431 45.22 -80.49 -9.07
CA MET E 431 46.12 -79.92 -10.07
C MET E 431 47.49 -79.66 -9.47
N ILE E 432 47.52 -79.26 -8.21
CA ILE E 432 48.78 -79.05 -7.50
C ILE E 432 49.48 -80.38 -7.22
N TYR E 433 48.70 -81.36 -6.77
CA TYR E 433 49.25 -82.66 -6.43
C TYR E 433 49.85 -83.35 -7.65
N THR E 434 49.20 -83.22 -8.80
CA THR E 434 49.75 -83.85 -9.99
C THR E 434 51.08 -83.22 -10.40
N LEU E 435 51.25 -81.93 -10.14
CA LEU E 435 52.53 -81.29 -10.44
C LEU E 435 53.62 -81.76 -9.48
N TRP E 436 53.33 -81.73 -8.18
CA TRP E 436 54.28 -82.22 -7.20
C TRP E 436 54.62 -83.69 -7.47
N LEU E 437 53.63 -84.45 -7.92
CA LEU E 437 53.86 -85.86 -8.20
C LEU E 437 54.65 -86.03 -9.47
N GLU E 438 54.47 -85.16 -10.45
CA GLU E 438 55.34 -85.18 -11.62
C GLU E 438 56.78 -84.95 -11.22
N GLU E 439 57.03 -83.96 -10.36
CA GLU E 439 58.37 -83.72 -9.87
C GLU E 439 58.94 -84.97 -9.20
N GLU E 440 58.20 -85.52 -8.23
CA GLU E 440 58.71 -86.67 -7.48
C GLU E 440 58.90 -87.89 -8.36
N VAL E 441 58.04 -88.07 -9.36
CA VAL E 441 58.15 -89.22 -10.25
C VAL E 441 59.37 -89.09 -11.13
N ASN E 442 59.58 -87.91 -11.73
CA ASN E 442 60.76 -87.71 -12.54
C ASN E 442 62.03 -87.84 -11.70
N ALA E 443 61.96 -87.43 -10.43
CA ALA E 443 63.08 -87.60 -9.52
C ALA E 443 63.15 -89.01 -8.94
N GLY E 444 62.06 -89.76 -9.02
CA GLY E 444 62.05 -91.12 -8.50
C GLY E 444 62.00 -91.21 -7.00
N ASN E 445 61.48 -90.18 -6.33
CA ASN E 445 61.34 -90.19 -4.88
C ASN E 445 60.18 -91.05 -4.41
N VAL E 446 59.38 -91.59 -5.33
CA VAL E 446 58.20 -92.38 -4.98
C VAL E 446 58.31 -93.77 -5.61
N PRO E 447 57.64 -94.77 -5.05
CA PRO E 447 57.72 -96.12 -5.61
C PRO E 447 56.86 -96.30 -6.85
N LEU E 448 57.49 -96.39 -8.00
CA LEU E 448 56.75 -96.57 -9.24
C LEU E 448 56.22 -98.00 -9.33
N PRO E 449 55.06 -98.19 -9.93
CA PRO E 449 54.49 -99.54 -10.04
C PRO E 449 55.31 -100.39 -10.99
N PRO E 450 55.16 -101.71 -10.93
CA PRO E 450 55.90 -102.58 -11.86
C PRO E 450 55.67 -102.17 -13.30
N GLY E 451 56.76 -102.16 -14.07
CA GLY E 451 56.68 -101.80 -15.47
C GLY E 451 56.57 -100.33 -15.75
N PHE E 452 56.57 -99.48 -14.72
CA PHE E 452 56.37 -98.06 -14.92
C PHE E 452 57.69 -97.34 -15.14
N THR E 453 57.60 -96.19 -15.80
CA THR E 453 58.72 -95.28 -15.93
C THR E 453 58.16 -93.87 -16.03
N TRP E 454 58.98 -92.90 -15.62
CA TRP E 454 58.51 -91.52 -15.56
C TRP E 454 57.98 -91.03 -16.90
N ARG E 455 58.37 -91.67 -17.99
CA ARG E 455 57.84 -91.30 -19.30
C ARG E 455 56.38 -91.71 -19.46
N ASP E 456 55.97 -92.77 -18.79
CA ASP E 456 54.57 -93.20 -18.87
C ASP E 456 53.63 -92.19 -18.23
N PHE E 457 54.15 -91.31 -17.38
CA PHE E 457 53.35 -90.25 -16.80
C PHE E 457 52.73 -89.34 -17.84
N TYR E 458 53.19 -89.41 -19.09
CA TYR E 458 52.58 -88.67 -20.19
C TYR E 458 51.39 -89.39 -20.79
N ASP E 459 51.12 -90.63 -20.38
CA ASP E 459 49.98 -91.37 -20.88
C ASP E 459 48.77 -91.00 -20.03
N PRO E 460 47.75 -90.36 -20.59
CA PRO E 460 46.66 -89.84 -19.74
C PRO E 460 46.11 -90.86 -18.75
N MET E 461 45.93 -92.10 -19.18
CA MET E 461 45.38 -93.11 -18.30
C MET E 461 46.34 -93.44 -17.16
N LYS E 462 47.58 -93.78 -17.49
CA LYS E 462 48.55 -94.13 -16.48
C LYS E 462 48.85 -92.95 -15.57
N ARG E 463 48.65 -91.74 -16.06
CA ARG E 463 48.84 -90.55 -15.23
C ARG E 463 47.69 -90.36 -14.27
N ASP E 464 46.47 -90.25 -14.80
CA ASP E 464 45.31 -90.05 -13.96
C ASP E 464 45.14 -91.21 -12.97
N ALA E 465 45.73 -92.37 -13.25
CA ALA E 465 45.66 -93.46 -12.31
C ALA E 465 46.39 -93.12 -11.01
N LEU E 466 47.55 -92.48 -11.13
CA LEU E 466 48.34 -92.12 -9.95
C LEU E 466 47.89 -90.80 -9.36
N CYS E 467 47.67 -89.81 -10.22
CA CYS E 467 47.25 -88.49 -9.76
C CYS E 467 45.84 -88.49 -9.20
N ASN E 468 45.13 -89.61 -9.27
CA ASN E 468 43.85 -89.71 -8.61
C ASN E 468 44.03 -89.53 -7.12
N ALA E 469 43.23 -88.65 -6.53
CA ALA E 469 43.39 -88.31 -5.14
C ALA E 469 42.04 -88.00 -4.53
N GLU E 470 41.95 -88.24 -3.23
CA GLU E 470 40.82 -87.82 -2.42
C GLU E 470 41.35 -86.97 -1.29
N TRP E 471 40.65 -85.88 -1.02
CA TRP E 471 41.16 -84.85 -0.12
C TRP E 471 40.28 -84.77 1.11
N ILE E 472 40.92 -84.85 2.28
CA ILE E 472 40.24 -84.85 3.57
C ILE E 472 40.32 -83.45 4.14
N GLY E 473 39.21 -82.75 4.14
CA GLY E 473 39.12 -81.49 4.84
C GLY E 473 38.93 -81.71 6.31
N ALA E 474 38.47 -80.67 6.99
CA ALA E 474 38.18 -80.80 8.40
C ALA E 474 36.96 -81.70 8.60
N SER E 475 36.73 -82.07 9.86
CA SER E 475 35.53 -82.82 10.22
C SER E 475 34.29 -82.12 9.67
N ARG E 476 33.30 -82.92 9.31
CA ARG E 476 32.11 -82.47 8.60
C ARG E 476 31.19 -81.68 9.48
N GLY E 477 31.52 -81.47 10.74
CA GLY E 477 30.58 -80.91 11.69
C GLY E 477 29.72 -81.99 12.28
N GLN E 478 29.41 -81.87 13.58
CA GLN E 478 28.77 -82.96 14.31
C GLN E 478 27.83 -82.34 15.33
N ILE E 479 26.57 -82.22 14.95
CA ILE E 479 25.59 -81.58 15.83
C ILE E 479 25.32 -82.44 17.06
N ASP E 480 25.38 -83.77 16.92
CA ASP E 480 25.13 -84.68 18.03
C ASP E 480 26.20 -85.77 17.99
N GLU E 481 27.17 -85.66 18.89
CA GLU E 481 28.30 -86.58 18.91
C GLU E 481 27.87 -88.02 19.10
N LYS E 482 27.05 -88.26 20.13
CA LYS E 482 26.74 -89.62 20.55
C LYS E 482 26.01 -90.39 19.45
N LYS E 483 24.96 -89.78 18.90
CA LYS E 483 24.09 -90.48 17.96
C LYS E 483 24.80 -90.71 16.63
N GLU E 484 25.44 -89.67 16.10
CA GLU E 484 26.13 -89.79 14.81
C GLU E 484 27.28 -90.76 14.89
N THR E 485 28.00 -90.75 16.01
CA THR E 485 29.11 -91.67 16.18
C THR E 485 28.64 -93.11 16.24
N GLU E 486 27.56 -93.37 16.97
CA GLU E 486 27.02 -94.72 17.03
C GLU E 486 26.52 -95.16 15.68
N ALA E 487 25.99 -94.23 14.89
CA ALA E 487 25.57 -94.56 13.53
C ALA E 487 26.76 -94.97 12.67
N ALA E 488 27.84 -94.19 12.73
CA ALA E 488 29.03 -94.54 11.97
C ALA E 488 29.56 -95.91 12.40
N ILE E 489 29.59 -96.16 13.71
CA ILE E 489 30.04 -97.46 14.20
C ILE E 489 29.17 -98.58 13.66
N LEU E 490 27.86 -98.33 13.59
CA LEU E 490 26.95 -99.34 13.04
C LEU E 490 27.25 -99.60 11.58
N ARG E 491 27.39 -98.54 10.81
CA ARG E 491 27.61 -98.67 9.37
C ARG E 491 28.91 -99.39 9.08
N ILE E 492 29.94 -99.15 9.90
CA ILE E 492 31.18 -99.90 9.77
C ILE E 492 30.95 -101.36 10.11
N LYS E 493 30.43 -101.62 11.30
CA LYS E 493 30.38 -102.97 11.82
C LYS E 493 29.47 -103.87 10.98
N ASN E 494 28.49 -103.28 10.30
CA ASN E 494 27.58 -104.02 9.44
C ASN E 494 27.95 -103.94 7.97
N GLY E 495 29.13 -103.42 7.65
CA GLY E 495 29.66 -103.47 6.31
C GLY E 495 29.23 -102.34 5.40
N LEU E 496 28.35 -101.46 5.86
CA LEU E 496 27.83 -100.40 5.01
C LEU E 496 28.85 -99.32 4.69
N SER E 497 30.03 -99.36 5.30
CA SER E 497 30.99 -98.27 5.12
C SER E 497 32.39 -98.74 5.47
N THR E 498 33.36 -97.95 5.05
CA THR E 498 34.77 -98.18 5.36
C THR E 498 35.19 -97.33 6.55
N TYR E 499 36.27 -97.74 7.19
CA TYR E 499 36.90 -96.86 8.18
C TYR E 499 37.42 -95.59 7.52
N GLU E 500 38.02 -95.73 6.34
CA GLU E 500 38.53 -94.58 5.60
C GLU E 500 37.44 -93.53 5.40
N ALA E 501 36.24 -93.98 5.06
CA ALA E 501 35.15 -93.04 4.77
C ALA E 501 34.68 -92.33 6.04
N GLU E 502 34.57 -93.07 7.14
CA GLU E 502 34.08 -92.49 8.38
C GLU E 502 35.12 -91.61 9.04
N ILE E 503 36.36 -92.08 9.10
CA ILE E 503 37.40 -91.31 9.76
C ILE E 503 37.66 -90.03 9.00
N ALA E 504 37.50 -90.05 7.67
CA ALA E 504 37.53 -88.81 6.91
C ALA E 504 36.40 -87.88 7.32
N ARG E 505 35.22 -88.44 7.59
CA ARG E 505 34.14 -87.63 8.14
C ARG E 505 34.56 -87.00 9.46
N LEU E 506 35.43 -87.68 10.20
CA LEU E 506 35.94 -87.22 11.49
C LEU E 506 37.19 -86.37 11.36
N GLY E 507 37.69 -86.16 10.14
CA GLY E 507 38.86 -85.34 9.95
C GLY E 507 40.18 -86.07 10.00
N GLY E 508 40.23 -87.31 9.49
CA GLY E 508 41.50 -88.01 9.40
C GLY E 508 41.47 -89.09 8.35
N ASP E 509 42.65 -89.60 8.03
CA ASP E 509 42.81 -90.78 7.18
C ASP E 509 43.12 -91.98 8.05
N PHE E 510 42.55 -93.12 7.67
CA PHE E 510 42.47 -94.25 8.60
C PHE E 510 43.84 -94.85 8.90
N ARG E 511 44.82 -94.72 8.00
CA ARG E 511 46.03 -95.51 8.18
C ARG E 511 46.94 -94.92 9.25
N GLU E 512 47.11 -93.59 9.25
CA GLU E 512 47.87 -92.98 10.33
C GLU E 512 47.16 -93.19 11.66
N VAL E 513 45.82 -93.20 11.64
CA VAL E 513 45.05 -93.46 12.85
C VAL E 513 45.35 -94.85 13.38
N PHE E 514 45.43 -95.84 12.49
CA PHE E 514 45.70 -97.20 12.93
C PHE E 514 47.13 -97.34 13.41
N LYS E 515 48.08 -96.66 12.76
CA LYS E 515 49.45 -96.67 13.25
C LYS E 515 49.54 -96.05 14.63
N GLN E 516 48.85 -94.93 14.85
CA GLN E 516 48.85 -94.29 16.16
C GLN E 516 48.23 -95.21 17.20
N ARG E 517 47.14 -95.89 16.85
CA ARG E 517 46.53 -96.84 17.77
C ARG E 517 47.48 -97.99 18.07
N ALA E 518 48.26 -98.43 17.08
CA ALA E 518 49.26 -99.45 17.35
C ALA E 518 50.28 -98.96 18.37
N ARG E 519 50.76 -97.72 18.21
CA ARG E 519 51.69 -97.16 19.18
C ARG E 519 51.06 -97.07 20.56
N GLU E 520 49.80 -96.61 20.62
CA GLU E 520 49.11 -96.48 21.90
C GLU E 520 48.92 -97.83 22.57
N GLU E 521 48.59 -98.86 21.80
CA GLU E 521 48.44 -100.19 22.38
C GLU E 521 49.76 -100.77 22.84
N GLY E 522 50.84 -100.47 22.11
CA GLY E 522 52.16 -100.89 22.58
C GLY E 522 52.54 -100.19 23.87
N ILE E 523 52.24 -98.90 23.97
CA ILE E 523 52.49 -98.16 25.19
C ILE E 523 51.66 -98.72 26.34
N ILE E 524 50.37 -98.93 26.09
CA ILE E 524 49.48 -99.46 27.11
C ILE E 524 49.98 -100.81 27.59
N LYS E 525 50.38 -101.67 26.66
CA LYS E 525 50.77 -103.02 27.02
C LYS E 525 52.01 -103.04 27.90
N ASP E 526 53.06 -102.33 27.51
CA ASP E 526 54.28 -102.34 28.30
C ASP E 526 54.11 -101.60 29.62
N LEU E 527 53.15 -100.70 29.71
CA LEU E 527 52.78 -100.11 30.99
C LEU E 527 51.89 -101.03 31.82
N GLY E 528 51.24 -101.99 31.17
CA GLY E 528 50.36 -102.90 31.87
C GLY E 528 49.03 -102.32 32.26
N LEU E 529 48.54 -101.34 31.50
CA LEU E 529 47.30 -100.67 31.83
C LEU E 529 46.12 -101.47 31.28
N ASP E 530 45.21 -101.87 32.18
CA ASP E 530 44.03 -102.66 31.83
C ASP E 530 42.85 -101.71 31.60
N PHE E 531 42.78 -101.19 30.39
CA PHE E 531 41.66 -100.35 29.98
C PHE E 531 40.48 -101.19 29.49
N ALA F 2 0.21 11.87 23.67
CA ALA F 2 0.01 10.89 24.76
C ALA F 2 -0.02 9.50 24.18
N SER F 3 -1.02 9.24 23.35
CA SER F 3 -1.16 7.97 22.69
C SER F 3 -0.66 8.02 21.25
N ASN F 4 -0.56 6.84 20.66
CA ASN F 4 -0.24 6.61 19.26
C ASN F 4 -1.44 6.73 18.37
N PHE F 5 -2.54 7.31 18.83
CA PHE F 5 -3.76 7.31 18.03
C PHE F 5 -3.60 8.15 16.78
N ALA F 6 -2.74 9.16 16.81
CA ALA F 6 -2.55 10.00 15.64
C ALA F 6 -1.99 9.20 14.47
N ALA F 7 -1.19 8.18 14.75
CA ALA F 7 -0.66 7.32 13.70
C ALA F 7 -1.63 6.24 13.31
N ILE F 8 -2.35 5.70 14.30
CA ILE F 8 -3.40 4.74 14.02
C ILE F 8 -4.43 5.34 13.09
N LYS F 9 -4.89 6.54 13.41
CA LYS F 9 -5.85 7.23 12.56
C LYS F 9 -5.31 7.44 11.16
N ALA F 10 -4.05 7.82 11.04
CA ALA F 10 -3.45 8.04 9.75
C ALA F 10 -3.44 6.76 8.92
N LYS F 11 -2.95 5.68 9.50
CA LYS F 11 -2.91 4.41 8.80
C LYS F 11 -4.30 3.95 8.42
N ALA F 12 -5.28 4.17 9.30
CA ALA F 12 -6.65 3.81 9.00
C ALA F 12 -7.15 4.56 7.77
N ARG F 13 -6.96 5.88 7.75
CA ARG F 13 -7.41 6.66 6.60
C ARG F 13 -6.67 6.26 5.34
N ARG F 14 -5.38 5.94 5.47
CA ARG F 14 -4.60 5.52 4.32
C ARG F 14 -5.11 4.21 3.74
N ASP F 15 -5.49 3.28 4.61
CA ASP F 15 -6.02 2.01 4.13
C ASP F 15 -7.42 2.17 3.56
N VAL F 16 -8.23 3.03 4.17
CA VAL F 16 -9.54 3.34 3.63
C VAL F 16 -9.41 3.88 2.21
N HIS F 17 -8.46 4.77 2.00
CA HIS F 17 -8.26 5.30 0.66
C HIS F 17 -7.72 4.24 -0.29
N ALA F 18 -6.72 3.50 0.13
CA ALA F 18 -6.16 2.47 -0.74
C ALA F 18 -7.19 1.44 -1.14
N SER F 19 -8.24 1.29 -0.35
CA SER F 19 -9.26 0.31 -0.68
C SER F 19 -10.43 0.89 -1.47
N LEU F 20 -10.85 2.12 -1.16
CA LEU F 20 -12.07 2.68 -1.72
C LEU F 20 -11.84 3.79 -2.73
N SER F 21 -10.60 4.16 -3.02
CA SER F 21 -10.32 5.23 -3.95
C SER F 21 -10.58 4.80 -5.39
N VAL F 22 -10.78 5.80 -6.24
CA VAL F 22 -10.96 5.60 -7.67
C VAL F 22 -10.06 6.57 -8.41
N PRO F 23 -9.62 6.24 -9.62
CA PRO F 23 -8.70 7.12 -10.33
C PRO F 23 -9.41 8.37 -10.83
N ALA F 24 -8.65 9.45 -10.93
CA ALA F 24 -9.18 10.73 -11.37
C ALA F 24 -8.10 11.48 -12.13
N ARG F 25 -8.54 12.55 -12.78
CA ARG F 25 -7.65 13.43 -13.52
C ARG F 25 -7.90 14.86 -13.09
N TYR F 26 -6.84 15.56 -12.75
CA TYR F 26 -6.92 16.95 -12.36
C TYR F 26 -6.69 17.84 -13.56
N GLU F 27 -7.66 18.69 -13.86
CA GLU F 27 -7.54 19.71 -14.89
C GLU F 27 -7.81 21.06 -14.25
N ASN F 28 -6.80 21.92 -14.25
CA ASN F 28 -6.94 23.20 -13.60
C ASN F 28 -7.87 24.10 -14.40
N TYR F 29 -8.32 25.18 -13.76
CA TYR F 29 -9.31 26.05 -14.36
C TYR F 29 -8.85 26.54 -15.72
N SER F 30 -7.61 26.99 -15.81
CA SER F 30 -7.05 27.46 -17.06
C SER F 30 -6.74 26.31 -18.01
N GLN F 31 -6.81 25.07 -17.54
CA GLN F 31 -6.45 23.89 -18.33
C GLN F 31 -5.01 23.93 -18.81
N ASP F 32 -4.18 24.76 -18.16
CA ASP F 32 -2.78 24.83 -18.54
C ASP F 32 -2.01 23.59 -18.11
N VAL F 33 -2.42 22.95 -17.02
CA VAL F 33 -1.71 21.81 -16.47
C VAL F 33 -2.71 20.67 -16.26
N ILE F 34 -2.23 19.44 -16.40
CA ILE F 34 -3.05 18.26 -16.23
C ILE F 34 -2.26 17.21 -15.46
N VAL F 35 -2.95 16.51 -14.58
CA VAL F 35 -2.35 15.50 -13.72
C VAL F 35 -3.28 14.31 -13.69
N GLU F 36 -2.87 13.21 -14.30
CA GLU F 36 -3.73 12.05 -14.41
C GLU F 36 -3.36 10.98 -13.39
N ASP F 37 -4.28 10.03 -13.22
CA ASP F 37 -4.10 8.89 -12.32
C ASP F 37 -4.01 9.33 -10.86
N LEU F 38 -4.79 10.36 -10.51
CA LEU F 38 -5.03 10.67 -9.12
C LEU F 38 -6.01 9.70 -8.50
N SER F 39 -5.87 9.47 -7.20
CA SER F 39 -6.80 8.64 -6.45
C SER F 39 -7.64 9.54 -5.55
N VAL F 40 -8.95 9.49 -5.74
CA VAL F 40 -9.91 10.27 -4.99
C VAL F 40 -11.08 9.38 -4.62
N ARG F 41 -11.76 9.76 -3.55
CA ARG F 41 -13.02 9.16 -3.14
C ARG F 41 -14.14 10.17 -3.40
N TRP F 42 -15.14 9.75 -4.14
CA TRP F 42 -16.23 10.63 -4.54
C TRP F 42 -17.48 10.29 -3.74
N HIS F 43 -17.95 11.26 -2.96
CA HIS F 43 -19.14 11.12 -2.14
C HIS F 43 -20.24 11.96 -2.75
N ASN F 44 -21.33 11.31 -3.14
CA ASN F 44 -22.42 11.97 -3.83
C ASN F 44 -23.73 11.59 -3.17
N LYS F 45 -24.51 12.60 -2.81
CA LYS F 45 -25.84 12.42 -2.28
C LYS F 45 -26.79 13.29 -3.10
N ILE F 46 -27.92 12.70 -3.47
CA ILE F 46 -28.87 13.38 -4.33
C ILE F 46 -29.47 14.57 -3.60
N ALA F 47 -29.60 15.67 -4.31
CA ALA F 47 -30.25 16.85 -3.78
C ALA F 47 -31.13 17.47 -4.85
N ILE F 48 -32.21 18.08 -4.40
CA ILE F 48 -33.10 18.85 -5.24
C ILE F 48 -33.05 20.28 -4.72
N MET F 49 -32.53 21.18 -5.53
CA MET F 49 -32.21 22.52 -5.08
C MET F 49 -32.54 23.53 -6.17
N GLY F 50 -32.43 24.80 -5.81
CA GLY F 50 -32.56 25.90 -6.74
C GLY F 50 -33.81 26.72 -6.63
N ASP F 51 -34.68 26.52 -5.65
CA ASP F 51 -35.85 27.41 -5.58
C ASP F 51 -35.66 28.54 -4.59
N LEU F 52 -35.73 29.78 -5.05
CA LEU F 52 -35.53 30.93 -4.18
C LEU F 52 -36.55 30.94 -3.09
N GLU F 53 -36.12 31.08 -1.85
CA GLU F 53 -37.04 31.02 -0.72
C GLU F 53 -37.95 29.86 -1.02
N ASN F 54 -39.25 30.07 -0.98
CA ASN F 54 -40.11 28.99 -1.43
C ASN F 54 -41.09 29.57 -2.45
N GLY F 55 -40.56 30.39 -3.35
CA GLY F 55 -41.39 31.18 -4.23
C GLY F 55 -42.20 30.40 -5.22
N GLY F 56 -41.96 29.10 -5.30
CA GLY F 56 -42.62 28.28 -6.30
C GLY F 56 -41.84 28.16 -7.58
N TYR F 57 -40.53 28.36 -7.53
CA TYR F 57 -39.70 28.20 -8.69
C TYR F 57 -39.34 26.74 -8.89
N ALA F 58 -38.86 26.44 -10.09
CA ALA F 58 -38.48 25.08 -10.43
C ALA F 58 -37.17 24.70 -9.76
N ASN F 59 -37.15 23.51 -9.19
CA ASN F 59 -35.93 22.94 -8.66
C ASN F 59 -35.18 22.18 -9.76
N ILE F 60 -33.88 22.05 -9.57
CA ILE F 60 -33.08 21.15 -10.37
C ILE F 60 -32.49 20.10 -9.47
N VAL F 61 -32.20 18.95 -10.06
CA VAL F 61 -31.62 17.83 -9.35
C VAL F 61 -30.12 17.92 -9.50
N GLU F 62 -29.44 18.09 -8.36
CA GLU F 62 -28.00 18.15 -8.31
C GLU F 62 -27.56 17.48 -7.03
N GLY F 63 -26.29 17.13 -6.98
CA GLY F 63 -25.78 16.40 -5.84
C GLY F 63 -25.21 17.29 -4.77
N ILE F 64 -25.25 16.77 -3.55
CA ILE F 64 -24.46 17.29 -2.44
C ILE F 64 -23.25 16.39 -2.34
N GLU F 65 -22.11 16.86 -2.82
CA GLU F 65 -21.01 15.95 -3.11
C GLU F 65 -19.69 16.57 -2.75
N ARG F 66 -18.75 15.72 -2.38
CA ARG F 66 -17.45 16.11 -1.88
C ARG F 66 -16.46 15.02 -2.23
N ILE F 67 -15.21 15.43 -2.43
CA ILE F 67 -14.16 14.55 -2.92
C ILE F 67 -13.05 14.52 -1.90
N ILE F 68 -12.63 13.32 -1.53
CA ILE F 68 -11.57 13.10 -0.57
C ILE F 68 -10.27 12.90 -1.33
N PHE F 69 -9.23 13.62 -0.94
CA PHE F 69 -7.90 13.46 -1.49
C PHE F 69 -6.95 13.05 -0.38
N THR F 70 -5.86 12.40 -0.76
CA THR F 70 -4.70 12.30 0.10
C THR F 70 -3.75 13.47 -0.16
N ARG F 71 -3.32 14.11 0.92
CA ARG F 71 -2.46 15.28 0.80
C ARG F 71 -1.07 14.89 0.32
N GLU F 72 -0.58 13.74 0.76
CA GLU F 72 0.73 13.27 0.32
C GLU F 72 0.78 13.16 -1.19
N GLU F 73 -0.28 12.61 -1.79
CA GLU F 73 -0.30 12.44 -3.23
C GLU F 73 -0.31 13.78 -3.95
N LEU F 74 -1.11 14.72 -3.47
CA LEU F 74 -1.16 16.04 -4.09
C LEU F 74 0.20 16.71 -4.06
N ALA F 75 0.90 16.61 -2.93
CA ALA F 75 2.23 17.19 -2.85
C ALA F 75 3.21 16.44 -3.75
N VAL F 76 3.11 15.11 -3.78
CA VAL F 76 3.97 14.30 -4.62
C VAL F 76 3.80 14.65 -6.08
N LYS F 77 2.56 14.73 -6.55
CA LYS F 77 2.29 14.97 -7.97
C LYS F 77 2.31 16.45 -8.33
N GLY F 78 2.47 17.34 -7.36
CA GLY F 78 2.56 18.75 -7.65
C GLY F 78 1.25 19.44 -7.86
N VAL F 79 0.21 19.01 -7.16
CA VAL F 79 -1.15 19.49 -7.38
C VAL F 79 -1.48 20.53 -6.33
N VAL F 80 -1.79 21.74 -6.78
CA VAL F 80 -2.27 22.79 -5.89
C VAL F 80 -3.75 23.00 -6.19
N LEU F 81 -4.60 22.34 -5.41
CA LEU F 81 -6.04 22.44 -5.65
C LEU F 81 -6.53 23.85 -5.37
N SER F 82 -7.41 24.33 -6.23
CA SER F 82 -7.93 25.67 -6.13
C SER F 82 -9.39 25.67 -6.56
N GLU F 83 -10.11 26.70 -6.15
CA GLU F 83 -11.47 26.89 -6.60
C GLU F 83 -11.50 26.94 -8.12
N GLY F 84 -12.52 26.33 -8.71
CA GLY F 84 -12.66 26.25 -10.14
C GLY F 84 -11.96 25.08 -10.79
N ASP F 85 -10.97 24.49 -10.12
CA ASP F 85 -10.29 23.35 -10.69
C ASP F 85 -11.23 22.16 -10.80
N SER F 86 -11.00 21.33 -11.80
CA SER F 86 -11.91 20.27 -12.17
C SER F 86 -11.28 18.91 -11.91
N ILE F 87 -12.10 17.98 -11.44
CA ILE F 87 -11.71 16.60 -11.21
C ILE F 87 -12.56 15.75 -12.14
N ILE F 88 -11.90 15.01 -13.03
CA ILE F 88 -12.56 14.12 -13.96
C ILE F 88 -12.35 12.69 -13.51
N MET F 89 -13.43 11.95 -13.40
CA MET F 89 -13.40 10.57 -12.92
C MET F 89 -13.22 9.65 -14.11
N THR F 90 -11.97 9.27 -14.36
CA THR F 90 -11.61 8.48 -15.52
C THR F 90 -11.93 7.01 -15.36
N ALA F 91 -12.40 6.59 -14.19
CA ALA F 91 -12.76 5.19 -14.01
C ALA F 91 -13.85 4.81 -14.98
N GLU F 92 -13.83 3.55 -15.41
CA GLU F 92 -14.78 3.09 -16.40
C GLU F 92 -16.16 3.00 -15.76
N GLY F 93 -17.13 3.64 -16.39
CA GLY F 93 -18.48 3.65 -15.92
C GLY F 93 -18.87 4.85 -15.10
N TYR F 94 -17.95 5.76 -14.83
CA TYR F 94 -18.26 7.02 -14.17
C TYR F 94 -18.53 8.13 -15.18
N GLU F 95 -18.57 7.80 -16.47
CA GLU F 95 -18.95 8.74 -17.52
C GLU F 95 -18.04 9.95 -17.58
N ASN F 96 -16.82 9.85 -17.06
CA ASN F 96 -15.89 10.97 -17.05
C ASN F 96 -16.53 12.20 -16.43
N ALA F 97 -17.27 11.97 -15.35
CA ALA F 97 -17.86 13.04 -14.57
C ALA F 97 -16.82 14.07 -14.20
N ARG F 98 -17.17 15.33 -14.43
CA ARG F 98 -16.27 16.44 -14.18
C ARG F 98 -16.80 17.21 -12.99
N LEU F 99 -15.95 17.34 -11.98
CA LEU F 99 -16.34 17.87 -10.68
C LEU F 99 -15.55 19.12 -10.41
N VAL F 100 -16.25 20.22 -10.21
CA VAL F 100 -15.64 21.53 -10.07
C VAL F 100 -15.46 21.83 -8.59
N LEU F 101 -14.21 22.01 -8.19
CA LEU F 101 -13.90 22.32 -6.81
C LEU F 101 -14.42 23.70 -6.44
N LYS F 102 -15.21 23.77 -5.38
CA LYS F 102 -15.87 24.99 -4.95
C LYS F 102 -15.22 25.58 -3.71
N THR F 103 -15.07 24.80 -2.67
CA THR F 103 -14.49 25.27 -1.43
C THR F 103 -14.04 24.06 -0.62
N GLN F 104 -13.03 24.27 0.20
CA GLN F 104 -12.38 23.22 0.94
C GLN F 104 -12.92 23.14 2.36
N GLU F 105 -13.07 21.91 2.83
CA GLU F 105 -13.41 21.72 4.23
C GLU F 105 -12.15 21.86 5.08
N PRO F 106 -12.26 22.42 6.28
CA PRO F 106 -11.10 22.52 7.15
C PRO F 106 -10.44 21.18 7.35
N ILE F 107 -9.11 21.18 7.25
CA ILE F 107 -8.34 19.95 7.42
C ILE F 107 -8.39 19.57 8.89
N VAL F 108 -9.11 18.49 9.19
CA VAL F 108 -9.04 17.82 10.48
C VAL F 108 -8.42 16.47 10.23
N GLY F 109 -7.26 16.23 10.83
CA GLY F 109 -6.63 14.95 10.75
C GLY F 109 -5.44 14.90 9.81
N PRO F 110 -4.78 13.77 9.78
CA PRO F 110 -3.41 13.70 9.30
C PRO F 110 -3.22 13.32 7.84
N VAL F 111 -4.23 12.78 7.17
CA VAL F 111 -3.99 12.13 5.89
C VAL F 111 -4.74 12.74 4.72
N GLU F 112 -5.93 13.25 4.98
CA GLU F 112 -6.84 13.55 3.89
C GLU F 112 -7.35 14.98 3.97
N VAL F 113 -7.73 15.48 2.82
CA VAL F 113 -8.30 16.81 2.65
C VAL F 113 -9.56 16.65 1.83
N VAL F 114 -10.63 17.28 2.27
CA VAL F 114 -11.94 17.08 1.67
C VAL F 114 -12.39 18.38 1.03
N TRP F 115 -12.72 18.30 -0.25
CA TRP F 115 -13.21 19.45 -1.00
C TRP F 115 -14.67 19.23 -1.34
N GLN F 116 -15.47 20.26 -1.11
CA GLN F 116 -16.83 20.27 -1.59
C GLN F 116 -16.83 20.72 -3.04
N VAL F 117 -17.52 19.97 -3.90
CA VAL F 117 -17.41 20.16 -5.33
C VAL F 117 -18.82 20.22 -5.92
N ALA F 118 -18.85 20.47 -7.22
CA ALA F 118 -20.10 20.58 -7.97
C ALA F 118 -19.97 19.85 -9.29
N ARG F 119 -20.92 18.96 -9.55
CA ARG F 119 -21.02 18.31 -10.83
C ARG F 119 -21.23 19.32 -11.94
N ALA F 120 -20.49 19.16 -13.03
CA ALA F 120 -20.58 20.08 -14.16
C ALA F 120 -20.83 19.35 -15.47
N ASP F 121 -20.23 18.18 -15.63
CA ASP F 121 -20.20 17.51 -16.92
C ASP F 121 -19.85 18.49 -18.04
N MET G 1 -73.55 86.18 -40.16
CA MET G 1 -72.94 87.38 -40.82
C MET G 1 -71.97 88.04 -39.87
N ASN G 2 -72.46 88.32 -38.68
CA ASN G 2 -71.66 88.85 -37.58
C ASN G 2 -71.27 87.77 -36.57
N ASP G 3 -71.63 86.52 -36.85
CA ASP G 3 -71.40 85.44 -35.89
C ASP G 3 -69.93 85.15 -35.66
N ASN G 4 -69.06 85.60 -36.57
CA ASN G 4 -67.63 85.34 -36.50
C ASN G 4 -66.83 86.63 -36.42
N TYR G 5 -67.51 87.73 -36.11
CA TYR G 5 -66.85 89.01 -35.96
C TYR G 5 -65.84 88.98 -34.82
N GLN G 6 -64.68 89.58 -35.06
CA GLN G 6 -63.60 89.58 -34.07
C GLN G 6 -63.62 90.90 -33.31
N ASN G 7 -64.20 90.87 -32.12
CA ASN G 7 -64.26 92.05 -31.29
C ASN G 7 -62.87 92.37 -30.74
N ASN G 8 -62.56 93.67 -30.67
CA ASN G 8 -61.27 94.12 -30.12
C ASN G 8 -61.41 94.32 -28.62
N TYR G 9 -61.24 93.24 -27.89
CA TYR G 9 -61.23 93.32 -26.45
C TYR G 9 -59.90 93.87 -25.97
N VAL G 10 -59.97 94.87 -25.09
CA VAL G 10 -58.82 95.65 -24.69
C VAL G 10 -58.66 95.56 -23.17
N VAL G 11 -57.42 95.38 -22.73
CA VAL G 11 -57.02 95.52 -21.34
C VAL G 11 -56.15 96.75 -21.24
N GLY G 12 -56.65 97.78 -20.55
CA GLY G 12 -56.04 99.08 -20.63
C GLY G 12 -54.74 99.16 -19.87
N ARG G 13 -53.67 99.52 -20.56
CA ARG G 13 -52.42 99.93 -19.95
C ARG G 13 -51.84 101.07 -20.78
N GLY G 14 -51.03 101.90 -20.16
CA GLY G 14 -50.39 102.97 -20.89
C GLY G 14 -49.84 104.05 -19.99
N THR G 15 -49.12 104.97 -20.62
CA THR G 15 -48.41 106.04 -19.95
C THR G 15 -49.13 107.36 -20.20
N VAL G 16 -49.22 108.18 -19.17
CA VAL G 16 -49.85 109.48 -19.26
C VAL G 16 -48.79 110.56 -19.17
N TYR G 17 -48.95 111.61 -19.99
CA TYR G 17 -48.01 112.72 -20.05
C TYR G 17 -48.77 114.03 -19.99
N PHE G 18 -48.22 114.99 -19.27
CA PHE G 18 -48.83 116.31 -19.12
C PHE G 18 -47.83 117.39 -19.53
N ASP G 19 -48.22 118.22 -20.50
CA ASP G 19 -47.39 119.32 -21.00
C ASP G 19 -47.91 120.62 -20.39
N ARG G 20 -47.29 121.04 -19.29
CA ARG G 20 -47.74 122.22 -18.59
C ARG G 20 -47.52 123.46 -19.43
N PHE G 21 -48.57 124.26 -19.58
CA PHE G 21 -48.49 125.51 -20.30
C PHE G 21 -47.83 126.58 -19.45
N GLN G 22 -47.22 127.54 -20.13
CA GLN G 22 -46.71 128.72 -19.46
C GLN G 22 -47.85 129.64 -19.05
N ASP G 23 -47.68 130.28 -17.90
CA ASP G 23 -48.77 131.05 -17.30
C ASP G 23 -49.35 132.04 -18.29
N GLY G 24 -50.68 132.12 -18.29
CA GLY G 24 -51.39 133.03 -19.18
C GLY G 24 -51.19 132.74 -20.65
N THR G 25 -50.56 131.60 -20.97
CA THR G 25 -50.14 131.30 -22.32
C THR G 25 -50.45 129.86 -22.67
N ASN G 26 -50.82 129.61 -23.92
CA ASN G 26 -51.02 128.25 -24.43
C ASN G 26 -49.76 127.65 -25.02
N ARG G 27 -48.60 128.11 -24.57
CA ARG G 27 -47.32 127.68 -25.11
C ARG G 27 -46.78 126.52 -24.28
N LYS G 28 -46.58 125.39 -24.94
CA LYS G 28 -46.17 124.16 -24.29
C LYS G 28 -44.76 124.25 -23.73
N THR G 29 -44.47 123.38 -22.78
CA THR G 29 -43.18 123.31 -22.12
C THR G 29 -42.53 121.95 -22.18
N GLY G 30 -43.31 120.87 -22.27
CA GLY G 30 -42.76 119.54 -22.31
C GLY G 30 -43.63 118.52 -21.62
N GLU G 31 -43.76 117.35 -22.24
CA GLU G 31 -44.68 116.33 -21.78
C GLU G 31 -44.08 115.62 -20.56
N MET G 32 -44.55 115.99 -19.39
CA MET G 32 -44.07 115.41 -18.13
C MET G 32 -44.71 114.05 -17.90
N TYR G 33 -43.89 113.04 -17.76
CA TYR G 33 -44.38 111.70 -17.47
C TYR G 33 -44.74 111.58 -16.01
N PHE G 34 -46.01 111.30 -15.74
CA PHE G 34 -46.48 111.19 -14.38
C PHE G 34 -45.90 109.99 -13.67
N GLY G 35 -45.63 108.94 -14.42
CA GLY G 35 -45.32 107.66 -13.84
C GLY G 35 -46.53 106.76 -13.81
N ASN G 36 -46.46 105.75 -12.95
CA ASN G 36 -47.52 104.76 -12.90
C ASN G 36 -48.85 105.45 -12.64
N THR G 37 -49.83 105.15 -13.48
CA THR G 37 -51.19 105.64 -13.31
C THR G 37 -52.10 104.43 -13.24
N PRO G 38 -52.47 104.00 -12.04
CA PRO G 38 -53.36 102.84 -11.91
C PRO G 38 -54.69 103.05 -12.57
N GLU G 39 -55.11 104.30 -12.68
CA GLU G 39 -56.43 104.68 -13.12
C GLU G 39 -56.34 105.85 -14.08
N PHE G 40 -57.06 105.74 -15.19
CA PHE G 40 -57.23 106.84 -16.12
C PHE G 40 -58.60 106.69 -16.76
N THR G 41 -59.51 107.57 -16.40
CA THR G 41 -60.89 107.50 -16.84
C THR G 41 -61.29 108.80 -17.52
N ILE G 42 -62.14 108.68 -18.51
CA ILE G 42 -62.66 109.82 -19.25
C ILE G 42 -64.15 109.90 -18.99
N ASN G 43 -64.59 111.05 -18.48
CA ASN G 43 -65.97 111.29 -18.15
C ASN G 43 -66.56 112.33 -19.09
N THR G 44 -67.86 112.21 -19.34
CA THR G 44 -68.55 113.14 -20.23
C THR G 44 -70.01 113.21 -19.77
N ASP G 45 -70.33 114.25 -19.01
CA ASP G 45 -71.70 114.53 -18.60
C ASP G 45 -72.30 115.57 -19.52
N SER G 46 -73.55 115.33 -19.94
CA SER G 46 -74.19 116.15 -20.96
C SER G 46 -75.60 116.49 -20.53
N GLU G 47 -76.10 117.61 -21.08
CA GLU G 47 -77.49 118.01 -20.93
C GLU G 47 -78.01 118.46 -22.28
N THR G 48 -79.21 118.02 -22.62
CA THR G 48 -79.85 118.35 -23.89
C THR G 48 -81.02 119.30 -23.65
N LEU G 49 -81.12 120.33 -24.47
CA LEU G 49 -82.23 121.28 -24.41
C LEU G 49 -83.41 120.72 -25.19
N ASP G 50 -84.13 119.82 -24.55
CA ASP G 50 -85.30 119.22 -25.16
C ASP G 50 -86.40 120.26 -25.36
N HIS G 51 -87.10 120.14 -26.48
CA HIS G 51 -88.25 120.99 -26.81
C HIS G 51 -89.43 120.10 -27.13
N TYR G 52 -90.58 120.42 -26.57
CA TYR G 52 -91.78 119.62 -26.73
C TYR G 52 -92.86 120.41 -27.45
N SER G 53 -93.62 119.72 -28.30
CA SER G 53 -94.70 120.36 -29.04
C SER G 53 -95.89 120.64 -28.12
N SER G 54 -96.39 121.86 -28.16
CA SER G 54 -97.62 122.21 -27.46
C SER G 54 -98.87 121.96 -28.29
N ASP G 55 -98.72 121.86 -29.62
CA ASP G 55 -99.86 121.79 -30.52
C ASP G 55 -100.43 120.38 -30.62
N HIS G 56 -99.64 119.36 -30.26
CA HIS G 56 -100.12 118.00 -30.37
C HIS G 56 -99.40 117.10 -29.39
N GLY G 57 -100.13 116.14 -28.85
CA GLY G 57 -99.54 115.24 -27.89
C GLY G 57 -99.29 115.92 -26.57
N MET G 58 -99.20 115.14 -25.50
CA MET G 58 -98.95 115.71 -24.21
C MET G 58 -97.56 116.30 -24.16
N ARG G 59 -96.55 115.45 -24.33
CA ARG G 59 -95.17 115.92 -24.26
C ARG G 59 -94.31 115.29 -25.35
N VAL G 60 -94.79 115.35 -26.58
CA VAL G 60 -94.09 114.82 -27.74
C VAL G 60 -92.90 115.72 -28.06
N MET G 61 -91.70 115.18 -27.90
CA MET G 61 -90.49 115.95 -28.17
C MET G 61 -90.28 116.16 -29.67
N ASP G 62 -89.88 117.37 -30.04
CA ASP G 62 -89.58 117.70 -31.41
C ASP G 62 -88.15 118.19 -31.63
N ALA G 63 -87.39 118.44 -30.57
CA ALA G 63 -86.01 118.90 -30.68
C ALA G 63 -85.26 118.48 -29.43
N SER G 64 -83.96 118.19 -29.61
CA SER G 64 -83.13 117.71 -28.51
C SER G 64 -81.71 118.25 -28.55
N VAL G 65 -81.53 119.48 -29.01
CA VAL G 65 -80.18 120.00 -29.23
C VAL G 65 -79.34 119.84 -27.97
N LEU G 66 -78.06 119.56 -28.18
CA LEU G 66 -77.11 119.37 -27.09
C LEU G 66 -76.54 120.73 -26.67
N LEU G 67 -76.66 121.07 -25.39
CA LEU G 67 -76.09 122.31 -24.90
C LEU G 67 -74.60 122.17 -24.61
N GLU G 68 -74.24 121.27 -23.70
CA GLU G 68 -72.84 121.07 -23.34
C GLU G 68 -72.58 119.61 -23.08
N ALA G 69 -71.49 119.11 -23.65
CA ALA G 69 -70.89 117.84 -23.26
C ALA G 69 -69.51 118.15 -22.70
N SER G 70 -69.33 117.92 -21.42
CA SER G 70 -68.10 118.28 -20.74
C SER G 70 -67.19 117.06 -20.71
N GLN G 71 -66.44 116.87 -21.79
CA GLN G 71 -65.40 115.87 -21.81
C GLN G 71 -64.36 116.21 -20.75
N GLY G 72 -63.75 115.18 -20.19
CA GLY G 72 -62.88 115.34 -19.06
C GLY G 72 -62.36 114.01 -18.59
N GLY G 73 -62.10 113.86 -17.30
CA GLY G 73 -61.60 112.60 -16.82
C GLY G 73 -61.00 112.73 -15.43
N THR G 74 -60.36 111.64 -15.02
CA THR G 74 -59.75 111.51 -13.72
C THR G 74 -58.67 110.45 -13.82
N PHE G 75 -57.57 110.66 -13.10
CA PHE G 75 -56.51 109.68 -13.08
C PHE G 75 -55.74 109.77 -11.77
N THR G 76 -55.17 108.65 -11.36
CA THR G 76 -54.41 108.53 -10.13
C THR G 76 -52.96 108.26 -10.45
N CYS G 77 -52.06 108.94 -9.73
CA CYS G 77 -50.64 108.67 -9.84
C CYS G 77 -50.10 108.12 -8.53
N ASP G 78 -49.35 107.03 -8.63
CA ASP G 78 -48.73 106.37 -7.51
C ASP G 78 -47.24 106.68 -7.41
N ASN G 79 -46.67 107.37 -8.40
CA ASN G 79 -45.29 107.82 -8.34
C ASN G 79 -45.28 109.20 -7.71
N ILE G 80 -44.90 109.26 -6.44
CA ILE G 80 -44.94 110.50 -5.67
C ILE G 80 -43.62 111.24 -5.91
N ASN G 81 -43.70 112.35 -6.65
CA ASN G 81 -42.52 113.14 -6.94
C ASN G 81 -42.91 114.61 -6.95
N ALA G 82 -41.89 115.46 -6.95
CA ALA G 82 -42.11 116.88 -6.73
C ALA G 82 -43.02 117.50 -7.77
N ASP G 83 -42.88 117.11 -9.03
CA ASP G 83 -43.65 117.79 -10.07
C ASP G 83 -45.13 117.46 -9.98
N ASN G 84 -45.43 116.19 -9.72
CA ASN G 84 -46.83 115.80 -9.58
C ASN G 84 -47.44 116.44 -8.35
N LEU G 85 -46.67 116.55 -7.27
CA LEU G 85 -47.14 117.24 -6.08
C LEU G 85 -47.42 118.70 -6.38
N ALA G 86 -46.55 119.34 -7.15
CA ALA G 86 -46.75 120.72 -7.52
C ALA G 86 -47.99 120.90 -8.36
N LEU G 87 -48.32 119.90 -9.16
CA LEU G 87 -49.61 119.89 -9.85
C LEU G 87 -50.76 119.75 -8.87
N TRP G 88 -50.64 118.83 -7.92
CA TRP G 88 -51.71 118.59 -6.97
C TRP G 88 -51.92 119.77 -6.06
N PHE G 89 -50.85 120.33 -5.54
CA PHE G 89 -50.91 121.48 -4.66
C PHE G 89 -50.93 122.78 -5.39
N LEU G 90 -51.27 122.75 -6.67
CA LEU G 90 -51.43 123.95 -7.47
C LEU G 90 -50.25 124.90 -7.30
N GLY G 91 -49.06 124.31 -7.32
CA GLY G 91 -47.86 125.09 -7.04
C GLY G 91 -46.71 124.80 -7.96
N GLU G 92 -45.50 125.07 -7.47
CA GLU G 92 -44.30 124.99 -8.28
C GLU G 92 -43.15 124.46 -7.46
N VAL G 93 -42.23 123.79 -8.12
CA VAL G 93 -41.05 123.27 -7.47
C VAL G 93 -40.01 124.36 -7.37
N SER G 94 -39.42 124.50 -6.19
CA SER G 94 -38.36 125.47 -5.93
C SER G 94 -37.08 124.71 -5.61
N ASN G 95 -36.10 124.84 -6.48
CA ASN G 95 -34.77 124.29 -6.23
C ASN G 95 -33.88 125.40 -5.70
N THR G 96 -33.30 125.17 -4.53
CA THR G 96 -32.55 126.21 -3.83
C THR G 96 -31.38 125.57 -3.10
N THR G 97 -30.47 126.42 -2.67
CA THR G 97 -29.40 126.02 -1.76
C THR G 97 -29.41 127.00 -0.60
N GLN G 98 -29.61 126.49 0.61
CA GLN G 98 -29.72 127.36 1.76
C GLN G 98 -28.37 127.98 2.07
N THR G 99 -28.38 129.29 2.31
CA THR G 99 -27.13 130.03 2.48
C THR G 99 -26.36 129.49 3.67
N GLN G 100 -25.15 129.02 3.39
CA GLN G 100 -24.23 128.69 4.46
C GLN G 100 -24.10 129.89 5.39
N GLN G 101 -24.38 129.67 6.67
CA GLN G 101 -24.41 130.75 7.65
C GLN G 101 -23.73 130.27 8.92
N THR G 102 -22.77 131.05 9.40
CA THR G 102 -22.03 130.73 10.60
C THR G 102 -22.45 131.69 11.71
N ASP G 103 -22.64 131.14 12.91
CA ASP G 103 -23.08 131.93 14.05
C ASP G 103 -24.41 132.62 13.76
N ALA G 104 -25.34 131.86 13.18
CA ALA G 104 -26.70 132.33 13.05
C ALA G 104 -27.40 132.26 14.41
N LYS G 105 -28.24 133.24 14.70
CA LYS G 105 -28.81 133.40 16.02
C LYS G 105 -30.31 133.58 15.93
N GLU G 106 -31.01 133.05 16.93
CA GLU G 106 -32.46 133.02 16.93
C GLU G 106 -32.94 133.01 18.38
N VAL G 107 -34.18 133.45 18.57
CA VAL G 107 -34.80 133.49 19.89
C VAL G 107 -36.16 132.83 19.82
N PHE G 108 -36.57 132.25 20.93
CA PHE G 108 -37.89 131.65 21.06
C PHE G 108 -38.53 132.16 22.35
N ASN G 109 -39.71 132.75 22.22
CA ASN G 109 -40.33 133.45 23.33
C ASN G 109 -41.85 133.36 23.27
N PRO G 110 -42.50 132.75 24.28
CA PRO G 110 -41.92 131.93 25.34
C PRO G 110 -41.62 130.55 24.82
N ILE G 111 -41.20 129.64 25.68
CA ILE G 111 -41.08 128.25 25.29
C ILE G 111 -41.83 127.38 26.29
N MET G 112 -42.28 126.24 25.81
CA MET G 112 -42.93 125.24 26.64
C MET G 112 -42.07 123.99 26.72
N ARG G 113 -41.98 123.42 27.91
CA ARG G 113 -41.34 122.14 28.06
C ARG G 113 -42.14 121.07 27.34
N GLY G 114 -41.44 120.14 26.71
CA GLY G 114 -42.10 119.08 25.98
C GLY G 114 -42.54 119.43 24.57
N ARG G 115 -42.00 120.51 24.01
CA ARG G 115 -42.36 120.93 22.67
C ARG G 115 -41.13 121.03 21.80
N TYR G 116 -41.34 120.91 20.49
CA TYR G 116 -40.30 120.92 19.49
C TYR G 116 -40.21 122.29 18.86
N TYR G 117 -38.99 122.70 18.55
CA TYR G 117 -38.73 123.99 17.93
C TYR G 117 -37.86 123.81 16.71
N GLN G 118 -38.26 124.43 15.62
CA GLN G 118 -37.57 124.32 14.33
C GLN G 118 -36.71 125.55 14.14
N LEU G 119 -35.42 125.32 13.89
CA LEU G 119 -34.49 126.40 13.68
C LEU G 119 -34.60 126.95 12.27
N GLY G 120 -34.46 128.27 12.16
CA GLY G 120 -34.29 128.89 10.85
C GLY G 120 -35.56 129.14 10.09
N THR G 121 -36.70 129.21 10.76
CA THR G 121 -37.93 129.52 10.07
C THR G 121 -37.88 130.96 9.58
N THR G 122 -37.77 131.13 8.26
CA THR G 122 -37.69 132.45 7.66
C THR G 122 -38.40 132.42 6.32
N ASP G 123 -38.81 133.59 5.87
CA ASP G 123 -39.38 133.69 4.53
C ASP G 123 -38.45 133.14 3.47
N ASP G 124 -37.15 133.06 3.75
CA ASP G 124 -36.22 132.38 2.85
C ASP G 124 -36.22 130.88 3.06
N ASN G 125 -36.46 130.43 4.29
CA ASN G 125 -36.47 129.01 4.65
C ASN G 125 -37.75 128.75 5.38
N PRO G 126 -38.88 128.77 4.68
CA PRO G 126 -40.17 128.75 5.37
C PRO G 126 -40.45 127.44 6.09
N THR G 127 -39.70 126.39 5.80
CA THR G 127 -39.78 125.14 6.53
C THR G 127 -38.56 124.88 7.40
N GLY G 128 -37.83 125.94 7.76
CA GLY G 128 -36.67 125.80 8.60
C GLY G 128 -35.47 125.31 7.82
N VAL G 129 -34.32 125.38 8.49
CA VAL G 129 -33.06 124.99 7.90
C VAL G 129 -32.73 123.53 8.20
N ARG G 130 -31.76 122.99 7.48
CA ARG G 130 -31.27 121.64 7.71
C ARG G 130 -29.76 121.67 7.79
N GLY G 131 -29.19 120.61 8.36
CA GLY G 131 -27.75 120.47 8.46
C GLY G 131 -27.10 121.46 9.40
N VAL G 132 -27.61 121.52 10.62
CA VAL G 132 -27.09 122.44 11.62
C VAL G 132 -25.96 121.79 12.40
N THR G 133 -25.07 122.63 12.93
CA THR G 133 -23.97 122.18 13.77
C THR G 133 -23.59 123.29 14.73
N ASN G 134 -22.72 122.95 15.68
CA ASN G 134 -22.18 123.92 16.64
C ASN G 134 -23.29 124.63 17.40
N PHE G 135 -24.34 123.89 17.76
CA PHE G 135 -25.48 124.49 18.44
C PHE G 135 -25.16 124.76 19.91
N GLN G 136 -25.56 125.94 20.38
CA GLN G 136 -25.55 126.26 21.80
C GLN G 136 -26.74 127.15 22.11
N MET G 137 -27.21 127.06 23.35
CA MET G 137 -28.42 127.74 23.79
C MET G 137 -28.17 128.46 25.11
N VAL G 138 -28.92 129.55 25.32
CA VAL G 138 -28.85 130.32 26.55
C VAL G 138 -30.26 130.58 27.07
N LYS G 139 -30.43 130.43 28.37
CA LYS G 139 -31.67 130.74 29.05
C LYS G 139 -31.82 132.24 29.28
N ALA G 140 -33.07 132.69 29.39
CA ALA G 140 -33.36 134.04 29.83
C ALA G 140 -34.81 134.10 30.29
N ASP G 141 -35.10 135.05 31.17
CA ASP G 141 -36.45 135.26 31.62
C ASP G 141 -37.31 135.81 30.48
N ALA G 142 -38.57 135.39 30.45
CA ALA G 142 -39.41 135.58 29.28
C ALA G 142 -39.92 137.00 29.12
N SER G 143 -39.82 137.86 30.14
CA SER G 143 -40.36 139.20 30.02
C SER G 143 -39.42 140.16 29.31
N ILE G 144 -38.12 139.95 29.41
CA ILE G 144 -37.16 140.90 28.88
C ILE G 144 -37.18 140.84 27.37
N ALA G 145 -36.93 142.00 26.75
CA ALA G 145 -36.89 142.11 25.29
C ALA G 145 -35.55 141.62 24.76
N ILE G 146 -35.23 140.37 25.12
CA ILE G 146 -34.00 139.76 24.64
C ILE G 146 -33.92 139.87 23.13
N SER G 147 -32.70 139.84 22.61
CA SER G 147 -32.46 140.06 21.20
C SER G 147 -31.16 139.37 20.80
N VAL G 148 -31.03 139.15 19.49
CA VAL G 148 -29.80 138.60 18.93
C VAL G 148 -28.87 139.73 18.54
N GLY G 149 -28.13 140.26 19.50
CA GLY G 149 -27.07 141.19 19.19
C GLY G 149 -25.88 140.48 18.59
N SER G 150 -25.05 141.26 17.88
CA SER G 150 -23.82 140.71 17.37
C SER G 150 -22.97 140.18 18.52
N GLY G 151 -21.92 139.45 18.17
CA GLY G 151 -21.16 138.72 19.15
C GLY G 151 -21.92 137.49 19.61
N ASP G 152 -21.21 136.62 20.31
CA ASP G 152 -21.78 135.35 20.71
C ASP G 152 -23.05 135.57 21.52
N ILE G 153 -23.96 134.59 21.46
CA ILE G 153 -25.21 134.69 22.19
C ILE G 153 -24.98 134.69 23.68
N THR G 154 -23.85 134.13 24.13
CA THR G 154 -23.57 134.11 25.56
C THR G 154 -23.36 135.51 26.11
N SER G 155 -23.10 136.49 25.25
CA SER G 155 -22.83 137.83 25.68
C SER G 155 -24.05 138.54 26.23
N ILE G 156 -25.24 137.95 26.09
CA ILE G 156 -26.46 138.66 26.41
C ILE G 156 -26.56 138.91 27.91
N VAL G 157 -27.07 140.08 28.26
CA VAL G 157 -27.28 140.44 29.66
C VAL G 157 -28.41 139.60 30.24
N GLY G 158 -28.26 139.18 31.49
CA GLY G 158 -29.30 138.44 32.19
C GLY G 158 -29.47 137.01 31.72
N ALA G 159 -28.78 136.60 30.67
CA ALA G 159 -28.91 135.25 30.14
C ALA G 159 -28.09 134.27 30.96
N THR G 160 -28.29 132.99 30.66
CA THR G 160 -27.53 131.92 31.28
C THR G 160 -27.47 130.75 30.32
N VAL G 161 -26.28 130.15 30.20
CA VAL G 161 -26.08 129.03 29.30
C VAL G 161 -26.91 127.84 29.76
N VAL G 162 -27.28 126.98 28.82
CA VAL G 162 -28.03 125.76 29.10
C VAL G 162 -27.25 124.57 28.59
N ASN G 163 -27.03 123.60 29.46
CA ASN G 163 -26.45 122.34 29.04
C ASN G 163 -27.55 121.42 28.49
N PRO G 164 -27.26 120.65 27.44
CA PRO G 164 -28.30 119.78 26.87
C PRO G 164 -28.77 118.69 27.81
N ALA G 165 -27.89 118.21 28.69
CA ALA G 165 -28.18 117.03 29.49
C ALA G 165 -29.48 117.21 30.27
N GLY G 166 -30.48 116.39 29.93
CA GLY G 166 -31.76 116.46 30.59
C GLY G 166 -32.55 117.71 30.31
N ASN G 167 -32.07 118.58 29.44
CA ASN G 167 -32.72 119.85 29.14
C ASN G 167 -33.22 119.95 27.72
N TYR G 168 -32.45 119.49 26.75
CA TYR G 168 -32.91 119.48 25.37
C TYR G 168 -32.15 118.47 24.56
N GLU G 169 -32.79 118.00 23.50
CA GLU G 169 -32.17 117.15 22.49
C GLU G 169 -32.27 117.88 21.16
N ILE G 170 -31.26 117.67 20.32
CA ILE G 170 -31.13 118.40 19.07
C ILE G 170 -31.02 117.39 17.93
N ASP G 171 -31.89 117.54 16.92
CA ASP G 171 -31.79 116.78 15.69
C ASP G 171 -31.11 117.67 14.66
N LEU G 172 -29.78 117.55 14.60
CA LEU G 172 -28.98 118.52 13.86
C LEU G 172 -29.37 118.54 12.39
N GLU G 173 -29.41 117.37 11.76
CA GLU G 173 -29.71 117.31 10.34
C GLU G 173 -31.06 117.90 10.03
N ALA G 174 -31.97 117.90 11.00
CA ALA G 174 -33.32 118.39 10.82
C ALA G 174 -33.52 119.81 11.31
N GLY G 175 -32.61 120.34 12.13
CA GLY G 175 -32.83 121.63 12.73
C GLY G 175 -33.95 121.64 13.76
N ARG G 176 -34.24 120.49 14.37
CA ARG G 176 -35.29 120.38 15.37
C ARG G 176 -34.65 120.27 16.74
N ILE G 177 -35.10 121.10 17.66
CA ILE G 177 -34.70 121.03 19.06
C ILE G 177 -35.91 120.71 19.90
N TYR G 178 -35.77 119.75 20.79
CA TYR G 178 -36.84 119.29 21.65
C TYR G 178 -36.53 119.67 23.09
N ILE G 179 -37.42 120.44 23.69
CA ILE G 179 -37.30 120.80 25.10
C ILE G 179 -37.83 119.67 25.95
N GLU G 180 -36.95 119.00 26.66
CA GLU G 180 -37.36 117.90 27.49
C GLU G 180 -38.40 118.36 28.51
N PRO G 181 -39.45 117.57 28.75
CA PRO G 181 -40.47 118.01 29.71
C PRO G 181 -39.98 118.06 31.13
N ASP G 182 -38.96 117.29 31.47
CA ASP G 182 -38.40 117.27 32.81
C ASP G 182 -37.36 118.35 33.02
N SER G 183 -37.16 119.24 32.06
CA SER G 183 -36.08 120.20 32.12
C SER G 183 -36.23 121.09 33.35
N THR G 184 -35.25 121.03 34.24
CA THR G 184 -35.26 121.88 35.41
C THR G 184 -34.91 123.33 35.04
N ASP G 185 -33.96 123.51 34.12
CA ASP G 185 -33.47 124.84 33.81
C ASP G 185 -34.43 125.65 32.96
N LEU G 186 -35.10 125.01 32.02
CA LEU G 186 -36.02 125.68 31.10
C LEU G 186 -37.44 125.70 31.64
N SER G 187 -37.60 125.62 32.95
CA SER G 187 -38.90 125.69 33.56
C SER G 187 -39.38 127.14 33.66
N GLY G 188 -40.68 127.29 33.85
CA GLY G 188 -41.25 128.57 34.21
C GLY G 188 -41.35 129.55 33.04
N ASN G 189 -41.56 130.80 33.40
CA ASN G 189 -41.72 131.89 32.45
C ASN G 189 -40.35 132.24 31.89
N VAL G 190 -39.88 131.37 31.01
CA VAL G 190 -38.52 131.43 30.49
C VAL G 190 -38.56 131.55 28.98
N GLN G 191 -37.53 132.19 28.43
CA GLN G 191 -37.30 132.22 27.00
C GLN G 191 -35.84 131.88 26.74
N ILE G 192 -35.54 131.55 25.49
CA ILE G 192 -34.22 131.07 25.10
C ILE G 192 -33.74 131.85 23.89
N ALA G 193 -32.43 131.84 23.71
CA ALA G 193 -31.81 132.26 22.47
C ALA G 193 -30.76 131.21 22.08
N VAL G 194 -30.56 131.06 20.79
CA VAL G 194 -29.73 129.98 20.26
C VAL G 194 -28.77 130.51 19.21
N GLN G 195 -27.64 129.85 19.09
CA GLN G 195 -26.63 130.16 18.10
C GLN G 195 -26.21 128.85 17.44
N TYR G 196 -26.22 128.82 16.12
CA TYR G 196 -26.01 127.59 15.39
C TYR G 196 -25.37 127.91 14.05
N ASP G 197 -24.70 126.91 13.49
CA ASP G 197 -23.98 127.04 12.22
C ASP G 197 -24.68 126.20 11.18
N VAL G 198 -25.01 126.82 10.05
CA VAL G 198 -25.88 126.26 9.05
C VAL G 198 -25.04 125.86 7.85
N ASP G 199 -25.18 124.61 7.43
CA ASP G 199 -24.43 124.11 6.29
C ASP G 199 -25.06 124.58 4.99
N ALA G 200 -24.31 124.39 3.90
CA ALA G 200 -24.76 124.78 2.56
C ALA G 200 -25.61 123.69 1.92
N GLN G 201 -26.67 123.29 2.61
CA GLN G 201 -27.51 122.20 2.14
C GLN G 201 -28.21 122.58 0.85
N LYS G 202 -27.99 121.77 -0.19
CA LYS G 202 -28.79 121.88 -1.40
C LYS G 202 -30.19 121.38 -1.09
N ARG G 203 -31.20 122.21 -1.38
CA ARG G 203 -32.48 122.09 -0.70
C ARG G 203 -33.61 122.47 -1.63
N THR G 204 -34.57 121.56 -1.80
CA THR G 204 -35.66 121.71 -2.75
C THR G 204 -37.00 121.69 -2.04
N LEU G 205 -37.96 122.41 -2.61
CA LEU G 205 -39.27 122.60 -2.02
C LEU G 205 -40.36 122.56 -3.07
N VAL G 206 -41.57 122.29 -2.62
CA VAL G 206 -42.79 122.49 -3.38
C VAL G 206 -43.60 123.57 -2.69
N ILE G 207 -43.87 124.66 -3.38
CA ILE G 207 -44.63 125.77 -2.83
C ILE G 207 -46.08 125.60 -3.26
N GLY G 208 -46.95 125.35 -2.30
CA GLY G 208 -48.36 125.17 -2.64
C GLY G 208 -49.05 126.48 -2.90
N LYS G 209 -49.10 126.86 -4.17
CA LYS G 209 -49.79 128.05 -4.62
C LYS G 209 -51.22 127.72 -5.02
N SER G 210 -51.90 128.65 -5.71
CA SER G 210 -53.31 128.48 -6.00
C SER G 210 -53.63 128.70 -7.48
N ASN G 211 -52.66 128.59 -8.35
CA ASN G 211 -52.89 128.86 -9.77
C ASN G 211 -53.45 127.63 -10.46
N MET G 212 -54.48 127.84 -11.28
CA MET G 212 -55.01 126.76 -12.10
C MET G 212 -54.00 126.40 -13.17
N VAL G 213 -53.85 125.11 -13.43
CA VAL G 213 -52.81 124.58 -14.29
C VAL G 213 -53.47 124.05 -15.56
N TYR G 214 -53.29 124.78 -16.65
CA TYR G 214 -53.67 124.31 -17.97
C TYR G 214 -52.52 123.53 -18.58
N GLY G 215 -52.84 122.63 -19.49
CA GLY G 215 -51.80 121.83 -20.11
C GLY G 215 -52.38 120.88 -21.12
N ALA G 216 -51.47 120.19 -21.79
CA ALA G 216 -51.82 119.19 -22.78
C ALA G 216 -51.60 117.80 -22.19
N LEU G 217 -52.64 116.99 -22.22
CA LEU G 217 -52.60 115.65 -21.66
C LEU G 217 -52.59 114.63 -22.78
N ARG G 218 -51.69 113.67 -22.67
CA ARG G 218 -51.54 112.60 -23.63
C ARG G 218 -51.54 111.27 -22.90
N MET G 219 -52.21 110.29 -23.50
CA MET G 219 -52.14 108.91 -23.03
C MET G 219 -51.66 108.05 -24.19
N ILE G 220 -50.57 107.34 -23.97
CA ILE G 220 -50.00 106.44 -24.96
C ILE G 220 -50.14 105.02 -24.45
N SER G 221 -50.85 104.20 -25.22
CA SER G 221 -51.22 102.88 -24.81
C SER G 221 -50.08 101.88 -25.00
N ASP G 222 -50.05 100.89 -24.11
CA ASP G 222 -49.17 99.73 -24.23
C ASP G 222 -49.99 98.49 -23.93
N ASN G 223 -51.16 98.41 -24.52
CA ASN G 223 -52.14 97.42 -24.14
C ASN G 223 -51.63 96.01 -24.42
N PRO G 224 -51.50 95.16 -23.42
CA PRO G 224 -51.05 93.80 -23.68
C PRO G 224 -52.07 93.00 -24.44
N VAL G 225 -53.32 93.46 -24.46
CA VAL G 225 -54.42 92.78 -25.13
C VAL G 225 -55.22 93.84 -25.87
N GLY G 226 -55.49 93.58 -27.13
CA GLY G 226 -56.21 94.53 -27.95
C GLY G 226 -55.31 95.58 -28.56
N LEU G 227 -55.89 96.32 -29.49
CA LEU G 227 -55.13 97.30 -30.25
C LEU G 227 -54.91 98.54 -29.42
N ASN G 228 -53.79 99.21 -29.70
CA ASN G 228 -53.41 100.38 -28.95
C ASN G 228 -54.07 101.63 -29.51
N LYS G 229 -54.42 102.54 -28.61
CA LYS G 229 -54.98 103.83 -28.98
C LYS G 229 -54.40 104.89 -28.08
N ASN G 230 -54.00 106.01 -28.68
CA ASN G 230 -53.34 107.08 -27.97
C ASN G 230 -54.24 108.31 -27.92
N TYR G 231 -54.52 108.76 -26.72
CA TYR G 231 -55.45 109.85 -26.47
C TYR G 231 -54.66 111.11 -26.19
N TYR G 232 -55.06 112.20 -26.84
CA TYR G 232 -54.41 113.48 -26.69
C TYR G 232 -55.49 114.53 -26.46
N PHE G 233 -55.37 115.25 -25.35
CA PHE G 233 -56.26 116.37 -25.06
C PHE G 233 -55.44 117.64 -25.21
N PRO G 234 -55.55 118.35 -26.33
CA PRO G 234 -54.65 119.46 -26.60
C PRO G 234 -54.58 120.47 -25.47
N LYS G 235 -55.64 120.61 -24.71
CA LYS G 235 -55.67 121.52 -23.58
C LYS G 235 -56.60 120.98 -22.51
N VAL G 236 -56.10 120.92 -21.28
CA VAL G 236 -56.90 120.50 -20.14
C VAL G 236 -56.54 121.39 -18.96
N SER G 237 -57.43 121.42 -17.99
CA SER G 237 -57.17 122.04 -16.71
C SER G 237 -57.00 120.94 -15.68
N ILE G 238 -55.78 120.75 -15.24
CA ILE G 238 -55.51 119.79 -14.19
C ILE G 238 -55.93 120.38 -12.86
N ALA G 239 -56.56 119.55 -12.05
CA ALA G 239 -56.95 119.93 -10.71
C ALA G 239 -56.85 118.71 -9.81
N PRO G 240 -56.56 118.90 -8.53
CA PRO G 240 -56.60 117.79 -7.60
C PRO G 240 -58.01 117.30 -7.36
N ASP G 241 -58.13 116.02 -7.10
CA ASP G 241 -59.39 115.41 -6.74
C ASP G 241 -59.21 114.62 -5.45
N GLY G 242 -60.23 114.67 -4.62
CA GLY G 242 -60.28 113.80 -3.47
C GLY G 242 -59.14 114.04 -2.51
N ASP G 243 -58.74 112.97 -1.86
CA ASP G 243 -57.85 113.02 -0.71
C ASP G 243 -56.49 112.44 -1.07
N TYR G 244 -55.45 113.13 -0.67
CA TYR G 244 -54.09 112.61 -0.74
C TYR G 244 -53.75 112.09 0.64
N ALA G 245 -53.77 110.78 0.80
CA ALA G 245 -53.51 110.15 2.08
C ALA G 245 -52.02 109.96 2.26
N LEU G 246 -51.44 110.74 3.15
CA LEU G 246 -50.02 110.72 3.46
C LEU G 246 -49.61 109.59 4.37
N LYS G 247 -50.57 108.77 4.81
CA LYS G 247 -50.29 107.79 5.83
C LYS G 247 -51.36 106.73 5.81
N GLY G 248 -50.95 105.47 5.74
CA GLY G 248 -51.87 104.38 5.55
C GLY G 248 -51.12 103.10 5.27
N ASP G 249 -51.88 102.01 5.20
CA ASP G 249 -51.28 100.70 4.98
C ASP G 249 -50.90 100.47 3.54
N ASP G 250 -51.55 101.14 2.60
CA ASP G 250 -51.29 100.96 1.19
C ASP G 250 -50.51 102.13 0.64
N TRP G 251 -50.22 102.04 -0.65
CA TRP G 251 -49.38 103.02 -1.32
C TRP G 251 -50.05 104.38 -1.37
N GLN G 252 -49.24 105.43 -1.32
CA GLN G 252 -49.74 106.77 -1.54
C GLN G 252 -50.21 106.92 -2.97
N VAL G 253 -51.29 107.67 -3.15
CA VAL G 253 -51.85 107.92 -4.46
C VAL G 253 -52.37 109.34 -4.50
N MET G 254 -52.07 110.05 -5.58
CA MET G 254 -52.67 111.33 -5.87
C MET G 254 -53.69 111.17 -6.98
N SER G 255 -54.86 111.75 -6.79
CA SER G 255 -55.93 111.71 -7.77
C SER G 255 -56.07 113.08 -8.43
N PHE G 256 -56.08 113.08 -9.75
CA PHE G 256 -56.26 114.28 -10.54
C PHE G 256 -57.53 114.16 -11.34
N THR G 257 -58.21 115.28 -11.52
CA THR G 257 -59.33 115.37 -12.43
C THR G 257 -59.06 116.51 -13.41
N PHE G 258 -59.33 116.25 -14.68
CA PHE G 258 -59.05 117.20 -15.73
C PHE G 258 -60.29 117.42 -16.58
N LYS G 259 -60.42 118.66 -17.04
CA LYS G 259 -61.44 119.06 -17.98
C LYS G 259 -60.80 119.35 -19.32
N ALA G 260 -61.30 118.71 -20.36
CA ALA G 260 -60.85 119.01 -21.70
C ALA G 260 -61.44 120.32 -22.16
N MET G 261 -60.61 121.11 -22.83
CA MET G 261 -61.00 122.42 -23.31
C MET G 261 -60.48 122.55 -24.74
N GLN G 262 -61.13 123.43 -25.49
CA GLN G 262 -60.77 123.64 -26.88
C GLN G 262 -59.60 124.62 -26.94
N LEU G 263 -58.44 124.12 -27.31
CA LEU G 263 -57.25 124.97 -27.33
C LEU G 263 -57.47 126.20 -28.19
N ASN G 264 -58.07 126.01 -29.36
CA ASN G 264 -58.51 127.11 -30.22
C ASN G 264 -59.70 126.62 -31.01
N ASN G 265 -60.42 127.56 -31.60
CA ASN G 265 -61.64 127.24 -32.34
C ASN G 265 -61.34 126.37 -33.55
N ILE G 266 -60.06 126.14 -33.82
CA ILE G 266 -59.64 125.26 -34.90
C ILE G 266 -59.42 123.83 -34.42
N THR G 267 -58.95 123.65 -33.19
CA THR G 267 -58.66 122.34 -32.64
C THR G 267 -59.86 121.80 -31.89
N GLN G 268 -59.86 120.50 -31.68
CA GLN G 268 -60.90 119.82 -30.92
C GLN G 268 -60.38 119.43 -29.55
N ARG G 269 -61.31 119.01 -28.70
CA ARG G 269 -60.96 118.72 -27.31
C ARG G 269 -60.15 117.46 -27.16
N VAL G 270 -60.28 116.50 -28.07
CA VAL G 270 -59.60 115.22 -27.94
C VAL G 270 -59.35 114.63 -29.32
N TYR G 271 -58.21 113.94 -29.44
CA TYR G 271 -57.83 113.24 -30.65
C TYR G 271 -57.33 111.85 -30.28
N ILE G 272 -57.93 110.83 -30.88
CA ILE G 272 -57.55 109.45 -30.63
C ILE G 272 -56.83 108.93 -31.86
N ASP G 273 -55.60 108.50 -31.67
CA ASP G 273 -54.82 107.89 -32.74
C ASP G 273 -55.08 106.39 -32.76
N ILE G 274 -55.69 105.92 -33.83
CA ILE G 274 -55.98 104.50 -34.02
C ILE G 274 -54.75 103.89 -34.70
N VAL G 275 -53.96 103.17 -33.93
CA VAL G 275 -52.72 102.61 -34.42
C VAL G 275 -52.98 101.36 -35.24
N TYR H 5 -33.95 63.83 -28.16
CA TYR H 5 -34.29 62.48 -28.69
C TYR H 5 -34.92 61.60 -27.62
N GLN H 6 -34.09 60.92 -26.84
CA GLN H 6 -34.58 60.05 -25.79
C GLN H 6 -35.50 60.83 -24.85
N ASN H 7 -36.40 60.09 -24.21
CA ASN H 7 -37.20 60.69 -23.16
C ASN H 7 -36.37 60.83 -21.89
N ASN H 8 -36.37 62.03 -21.33
CA ASN H 8 -35.51 62.37 -20.20
C ASN H 8 -36.28 62.15 -18.91
N TYR H 9 -36.30 60.91 -18.47
CA TYR H 9 -36.81 60.59 -17.15
C TYR H 9 -35.75 60.93 -16.12
N VAL H 10 -36.15 61.69 -15.10
CA VAL H 10 -35.21 62.41 -14.26
C VAL H 10 -35.48 62.11 -12.79
N VAL H 11 -34.40 61.94 -12.03
CA VAL H 11 -34.45 61.92 -10.57
C VAL H 11 -33.70 63.14 -10.08
N GLY H 12 -34.36 63.94 -9.25
CA GLY H 12 -33.84 65.26 -8.93
C GLY H 12 -32.87 65.30 -7.79
N ARG H 13 -31.76 66.01 -8.00
CA ARG H 13 -30.81 66.37 -6.96
C ARG H 13 -30.16 67.68 -7.38
N GLY H 14 -29.66 68.44 -6.42
CA GLY H 14 -28.88 69.60 -6.78
C GLY H 14 -28.69 70.56 -5.64
N THR H 15 -27.91 71.60 -5.94
CA THR H 15 -27.45 72.56 -4.96
C THR H 15 -28.10 73.90 -5.18
N VAL H 16 -28.50 74.56 -4.10
CA VAL H 16 -29.20 75.83 -4.15
C VAL H 16 -28.27 76.92 -3.63
N TYR H 17 -28.27 78.05 -4.33
CA TYR H 17 -27.44 79.20 -3.99
C TYR H 17 -28.29 80.45 -3.98
N PHE H 18 -28.03 81.35 -3.04
CA PHE H 18 -28.77 82.59 -2.89
C PHE H 18 -27.80 83.76 -2.85
N ASP H 19 -27.95 84.67 -3.81
CA ASP H 19 -27.12 85.86 -3.92
C ASP H 19 -27.84 87.05 -3.31
N ARG H 20 -27.72 87.16 -1.99
CA ARG H 20 -28.40 88.23 -1.27
C ARG H 20 -28.00 89.58 -1.81
N PHE H 21 -29.01 90.41 -2.08
CA PHE H 21 -28.78 91.77 -2.53
C PHE H 21 -28.50 92.69 -1.35
N GLN H 22 -27.80 93.77 -1.64
CA GLN H 22 -27.63 94.82 -0.66
C GLN H 22 -28.94 95.58 -0.51
N ASP H 23 -29.25 95.98 0.72
CA ASP H 23 -30.54 96.54 1.02
C ASP H 23 -30.90 97.68 0.06
N GLY H 24 -32.16 97.71 -0.35
CA GLY H 24 -32.68 98.76 -1.19
C GLY H 24 -32.01 98.83 -2.55
N THR H 25 -31.25 97.80 -2.89
CA THR H 25 -30.51 97.79 -4.14
C THR H 25 -30.56 96.39 -4.71
N ASN H 26 -30.34 96.29 -6.02
CA ASN H 26 -30.20 95.02 -6.70
C ASN H 26 -28.76 94.57 -6.79
N ARG H 27 -27.87 95.18 -6.02
CA ARG H 27 -26.45 94.88 -6.08
C ARG H 27 -26.18 93.53 -5.46
N LYS H 28 -25.59 92.63 -6.24
CA LYS H 28 -25.30 91.31 -5.73
C LYS H 28 -24.21 91.38 -4.67
N THR H 29 -24.24 90.39 -3.78
CA THR H 29 -23.22 90.23 -2.76
C THR H 29 -22.49 88.90 -2.86
N GLY H 30 -23.11 87.88 -3.42
CA GLY H 30 -22.46 86.60 -3.63
C GLY H 30 -23.34 85.41 -3.34
N GLU H 31 -23.19 84.37 -4.17
CA GLU H 31 -24.04 83.19 -4.12
C GLU H 31 -23.69 82.37 -2.89
N MET H 32 -24.56 82.42 -1.89
CA MET H 32 -24.38 81.64 -0.68
C MET H 32 -25.00 80.26 -0.84
N TYR H 33 -24.19 79.23 -0.72
CA TYR H 33 -24.70 77.87 -0.75
C TYR H 33 -25.47 77.56 0.52
N PHE H 34 -26.72 77.17 0.36
CA PHE H 34 -27.59 76.91 1.51
C PHE H 34 -27.14 75.68 2.28
N GLY H 35 -26.61 74.72 1.59
CA GLY H 35 -26.43 73.41 2.14
C GLY H 35 -27.46 72.45 1.61
N ASN H 36 -27.58 71.32 2.29
CA ASN H 36 -28.51 70.30 1.85
C ASN H 36 -29.91 70.87 1.78
N THR H 37 -30.52 70.77 0.61
CA THR H 37 -31.92 71.10 0.46
C THR H 37 -32.70 69.85 0.12
N PRO H 38 -33.31 69.20 1.10
CA PRO H 38 -34.05 67.97 0.81
C PRO H 38 -35.16 68.17 -0.19
N GLU H 39 -35.69 69.38 -0.27
CA GLU H 39 -36.92 69.66 -0.99
C GLU H 39 -36.78 71.00 -1.67
N PHE H 40 -37.13 71.04 -2.94
CA PHE H 40 -37.12 72.27 -3.71
C PHE H 40 -38.21 72.17 -4.76
N THR H 41 -39.27 72.94 -4.59
CA THR H 41 -40.47 72.85 -5.40
C THR H 41 -40.81 74.20 -5.96
N ILE H 42 -41.19 74.19 -7.23
CA ILE H 42 -41.63 75.37 -7.94
C ILE H 42 -43.13 75.28 -8.15
N ASN H 43 -43.84 76.32 -7.78
CA ASN H 43 -45.28 76.36 -7.91
C ASN H 43 -45.68 77.64 -8.60
N THR H 44 -46.55 77.51 -9.60
CA THR H 44 -47.03 78.65 -10.39
C THR H 44 -48.53 78.76 -10.20
N ASP H 45 -48.96 79.88 -9.64
CA ASP H 45 -50.36 80.15 -9.37
C ASP H 45 -50.83 81.20 -10.36
N SER H 46 -51.76 80.81 -11.23
CA SER H 46 -52.18 81.61 -12.37
C SER H 46 -53.65 81.97 -12.28
N GLU H 47 -53.99 83.14 -12.81
CA GLU H 47 -55.38 83.58 -12.91
C GLU H 47 -55.60 84.24 -14.26
N THR H 48 -56.53 83.69 -15.03
CA THR H 48 -56.86 84.22 -16.35
C THR H 48 -58.05 85.15 -16.28
N LEU H 49 -58.04 86.15 -17.15
CA LEU H 49 -59.17 87.04 -17.34
C LEU H 49 -59.96 86.56 -18.55
N ASP H 50 -61.17 86.09 -18.31
CA ASP H 50 -61.99 85.47 -19.33
C ASP H 50 -63.12 86.39 -19.74
N HIS H 51 -63.34 86.51 -21.04
CA HIS H 51 -64.44 87.26 -21.59
C HIS H 51 -65.37 86.32 -22.33
N TYR H 52 -66.66 86.50 -22.14
CA TYR H 52 -67.68 85.62 -22.70
C TYR H 52 -68.57 86.39 -23.65
N SER H 53 -68.96 85.73 -24.74
CA SER H 53 -69.78 86.38 -25.74
C SER H 53 -71.17 86.61 -25.19
N SER H 54 -71.60 87.87 -25.20
CA SER H 54 -72.94 88.24 -24.80
C SER H 54 -73.89 88.37 -25.97
N ASP H 55 -73.40 88.21 -27.19
CA ASP H 55 -74.19 88.49 -28.38
C ASP H 55 -74.87 87.27 -28.97
N HIS H 56 -74.24 86.11 -28.95
CA HIS H 56 -74.83 84.95 -29.61
C HIS H 56 -75.03 83.78 -28.66
N GLY H 57 -74.07 83.55 -27.81
CA GLY H 57 -74.06 82.35 -27.00
C GLY H 57 -74.69 82.49 -25.65
N MET H 58 -74.72 81.36 -24.95
CA MET H 58 -75.14 81.34 -23.56
C MET H 58 -74.06 81.94 -22.67
N ARG H 59 -72.94 81.25 -22.53
CA ARG H 59 -71.74 81.81 -21.91
C ARG H 59 -70.51 81.37 -22.69
N VAL H 60 -70.57 81.55 -24.01
CA VAL H 60 -69.47 81.20 -24.89
C VAL H 60 -68.27 82.09 -24.60
N MET H 61 -67.17 81.46 -24.18
CA MET H 61 -65.91 82.18 -24.05
C MET H 61 -65.37 82.51 -25.43
N ASP H 62 -64.90 83.74 -25.57
CA ASP H 62 -64.32 84.21 -26.81
C ASP H 62 -62.94 84.81 -26.64
N ALA H 63 -62.53 85.09 -25.41
CA ALA H 63 -61.21 85.63 -25.13
C ALA H 63 -60.81 85.24 -23.72
N SER H 64 -59.53 84.95 -23.56
CA SER H 64 -58.98 84.56 -22.26
C SER H 64 -57.50 84.86 -22.27
N VAL H 65 -57.05 85.68 -21.33
CA VAL H 65 -55.66 86.09 -21.27
C VAL H 65 -55.16 85.91 -19.84
N LEU H 66 -53.89 85.56 -19.73
CA LEU H 66 -53.26 85.37 -18.43
C LEU H 66 -53.08 86.72 -17.75
N LEU H 67 -53.79 86.92 -16.65
CA LEU H 67 -53.70 88.17 -15.92
C LEU H 67 -52.48 88.16 -15.00
N GLU H 68 -52.31 87.10 -14.23
CA GLU H 68 -51.22 86.99 -13.29
C GLU H 68 -50.75 85.55 -13.27
N ALA H 69 -49.43 85.38 -13.25
CA ALA H 69 -48.80 84.08 -13.09
C ALA H 69 -47.70 84.22 -12.06
N SER H 70 -47.92 83.66 -10.89
CA SER H 70 -47.01 83.81 -9.76
C SER H 70 -46.03 82.66 -9.78
N GLN H 71 -44.95 82.83 -10.54
CA GLN H 71 -43.84 81.89 -10.47
C GLN H 71 -43.12 82.06 -9.14
N GLY H 72 -42.64 80.96 -8.60
CA GLY H 72 -42.08 80.97 -7.26
C GLY H 72 -41.80 79.55 -6.80
N GLY H 73 -41.81 79.37 -5.49
CA GLY H 73 -41.57 78.04 -4.97
C GLY H 73 -41.26 78.05 -3.49
N THR H 74 -40.71 76.94 -3.05
CA THR H 74 -40.36 76.72 -1.65
C THR H 74 -39.27 75.68 -1.59
N PHE H 75 -38.45 75.77 -0.53
CA PHE H 75 -37.39 74.80 -0.34
C PHE H 75 -37.05 74.71 1.13
N THR H 76 -36.53 73.55 1.52
CA THR H 76 -36.10 73.28 2.87
C THR H 76 -34.60 73.09 2.91
N CYS H 77 -33.96 73.62 3.93
CA CYS H 77 -32.55 73.38 4.21
C CYS H 77 -32.41 72.60 5.49
N ASP H 78 -31.51 71.64 5.49
CA ASP H 78 -31.21 70.81 6.65
C ASP H 78 -29.99 71.29 7.40
N ASN H 79 -29.24 72.24 6.84
CA ASN H 79 -28.04 72.78 7.45
C ASN H 79 -28.39 74.06 8.18
N ILE H 80 -28.13 74.09 9.47
CA ILE H 80 -28.49 75.21 10.33
C ILE H 80 -27.22 76.01 10.59
N ASN H 81 -27.12 77.16 9.94
CA ASN H 81 -26.00 78.05 10.09
C ASN H 81 -26.52 79.48 10.16
N ALA H 82 -25.65 80.38 10.61
CA ALA H 82 -26.08 81.73 10.92
C ALA H 82 -26.73 82.41 9.72
N ASP H 83 -26.17 82.20 8.53
CA ASP H 83 -26.66 82.95 7.38
C ASP H 83 -28.08 82.53 7.02
N ASN H 84 -28.34 81.22 7.04
CA ASN H 84 -29.65 80.73 6.65
C ASN H 84 -30.70 81.10 7.66
N LEU H 85 -30.35 81.17 8.94
CA LEU H 85 -31.26 81.69 9.95
C LEU H 85 -31.54 83.16 9.73
N ALA H 86 -30.48 83.95 9.61
CA ALA H 86 -30.63 85.37 9.37
C ALA H 86 -31.53 85.62 8.18
N LEU H 87 -31.53 84.67 7.26
CA LEU H 87 -32.43 84.72 6.12
C LEU H 87 -33.84 84.29 6.52
N TRP H 88 -33.95 83.33 7.43
CA TRP H 88 -35.26 82.85 7.88
C TRP H 88 -35.91 83.85 8.82
N PHE H 89 -35.16 84.36 9.76
CA PHE H 89 -35.65 85.34 10.71
C PHE H 89 -35.63 86.74 10.17
N LEU H 90 -35.51 86.88 8.85
CA LEU H 90 -35.57 88.18 8.21
C LEU H 90 -34.61 89.17 8.83
N GLY H 91 -33.38 88.73 9.03
CA GLY H 91 -32.41 89.56 9.73
C GLY H 91 -30.99 89.50 9.24
N GLU H 92 -30.08 89.85 10.14
CA GLU H 92 -28.68 90.03 9.81
C GLU H 92 -27.82 89.31 10.83
N VAL H 93 -26.67 88.84 10.39
CA VAL H 93 -25.65 88.29 11.27
C VAL H 93 -24.84 89.43 11.86
N SER H 94 -24.71 89.44 13.18
CA SER H 94 -24.02 90.50 13.90
C SER H 94 -22.78 89.89 14.56
N ASN H 95 -21.72 89.79 13.79
CA ASN H 95 -20.43 89.37 14.35
C ASN H 95 -19.88 90.51 15.19
N THR H 96 -19.90 90.34 16.50
CA THR H 96 -19.44 91.38 17.42
C THR H 96 -18.64 90.73 18.55
N THR H 97 -18.03 91.59 19.34
CA THR H 97 -17.15 91.19 20.44
C THR H 97 -17.51 91.99 21.66
N GLN H 98 -17.64 91.32 22.79
CA GLN H 98 -18.06 91.98 24.02
C GLN H 98 -16.85 92.56 24.74
N THR H 99 -17.01 93.80 25.19
CA THR H 99 -15.90 94.53 25.78
C THR H 99 -15.47 93.89 27.09
N GLN H 100 -14.16 93.81 27.30
CA GLN H 100 -13.64 93.39 28.58
C GLN H 100 -13.99 94.41 29.65
N GLN H 101 -14.49 93.91 30.78
CA GLN H 101 -14.85 94.72 31.92
C GLN H 101 -14.24 94.13 33.17
N THR H 102 -13.95 94.97 34.14
CA THR H 102 -13.49 94.55 35.44
C THR H 102 -14.34 95.24 36.50
N ASP H 103 -14.85 94.46 37.44
CA ASP H 103 -15.71 94.99 38.48
C ASP H 103 -16.93 95.67 37.88
N ALA H 104 -17.55 94.98 36.92
CA ALA H 104 -18.84 95.41 36.42
C ALA H 104 -19.92 95.11 37.43
N LYS H 105 -20.89 96.00 37.55
CA LYS H 105 -21.87 95.94 38.61
C LYS H 105 -23.27 96.03 38.02
N GLU H 106 -24.19 95.31 38.68
CA GLU H 106 -25.57 95.24 38.23
C GLU H 106 -26.41 94.96 39.45
N VAL H 107 -27.68 95.36 39.37
CA VAL H 107 -28.62 95.24 40.48
C VAL H 107 -29.89 94.60 39.95
N PHE H 108 -30.38 93.61 40.68
CA PHE H 108 -31.61 92.91 40.33
C PHE H 108 -32.64 93.16 41.42
N ASN H 109 -33.70 93.89 41.05
CA ASN H 109 -34.77 94.16 41.96
C ASN H 109 -36.07 93.92 41.21
N PRO H 110 -36.95 93.03 41.67
CA PRO H 110 -36.78 92.09 42.77
C PRO H 110 -36.14 90.81 42.29
N ILE H 111 -35.82 89.91 43.22
CA ILE H 111 -35.40 88.56 42.86
C ILE H 111 -36.36 87.58 43.48
N MET H 112 -36.72 86.56 42.71
CA MET H 112 -37.57 85.49 43.17
C MET H 112 -36.77 84.20 43.21
N ARG H 113 -36.87 83.48 44.29
CA ARG H 113 -36.17 82.22 44.40
C ARG H 113 -36.64 81.25 43.33
N GLY H 114 -35.74 80.37 42.91
CA GLY H 114 -36.04 79.44 41.86
C GLY H 114 -36.10 80.10 40.51
N ARG H 115 -35.23 81.06 40.27
CA ARG H 115 -35.24 81.83 39.05
C ARG H 115 -33.81 82.03 38.59
N TYR H 116 -33.67 82.25 37.29
CA TYR H 116 -32.38 82.50 36.67
C TYR H 116 -32.29 83.96 36.29
N TYR H 117 -31.12 84.55 36.51
CA TYR H 117 -30.87 85.94 36.19
C TYR H 117 -29.64 86.02 35.30
N GLN H 118 -29.81 86.68 34.16
CA GLN H 118 -28.76 86.76 33.15
C GLN H 118 -28.00 88.05 33.33
N LEU H 119 -26.68 87.93 33.44
CA LEU H 119 -25.83 89.08 33.62
C LEU H 119 -25.56 89.78 32.29
N GLY H 120 -25.53 91.11 32.34
CA GLY H 120 -25.06 91.87 31.21
C GLY H 120 -26.09 92.12 30.14
N THR H 121 -27.35 91.87 30.41
CA THR H 121 -28.41 92.15 29.46
C THR H 121 -28.53 93.64 29.27
N THR H 122 -28.11 94.13 28.12
CA THR H 122 -28.26 95.54 27.77
C THR H 122 -28.10 95.67 26.26
N ASP H 123 -28.38 96.88 25.76
CA ASP H 123 -28.45 97.10 24.33
C ASP H 123 -27.16 96.68 23.62
N ASP H 124 -26.03 96.68 24.33
CA ASP H 124 -24.79 96.23 23.73
C ASP H 124 -24.65 94.71 23.78
N ASN H 125 -25.30 94.06 24.75
CA ASN H 125 -25.28 92.61 24.87
C ASN H 125 -26.69 92.18 25.23
N PRO H 126 -27.58 92.13 24.25
CA PRO H 126 -29.01 91.93 24.56
C PRO H 126 -29.34 90.55 25.06
N THR H 127 -28.49 89.56 24.80
CA THR H 127 -28.65 88.23 25.32
C THR H 127 -27.71 87.96 26.49
N GLY H 128 -27.20 89.01 27.10
CA GLY H 128 -26.32 88.86 28.23
C GLY H 128 -24.92 88.54 27.79
N VAL H 129 -24.01 88.69 28.75
CA VAL H 129 -22.60 88.44 28.50
C VAL H 129 -22.28 86.97 28.74
N ARG H 130 -21.13 86.55 28.26
CA ARG H 130 -20.61 85.21 28.49
C ARG H 130 -19.22 85.35 29.10
N GLY H 131 -18.74 84.27 29.70
CA GLY H 131 -17.41 84.27 30.27
C GLY H 131 -17.24 85.23 31.42
N VAL H 132 -18.11 85.13 32.41
CA VAL H 132 -17.99 85.92 33.62
C VAL H 132 -16.97 85.28 34.56
N THR H 133 -16.35 86.11 35.39
CA THR H 133 -15.40 85.66 36.39
C THR H 133 -15.52 86.53 37.63
N ASN H 134 -14.98 86.02 38.73
CA ASN H 134 -14.83 86.79 39.96
C ASN H 134 -16.16 87.34 40.46
N PHE H 135 -17.19 86.50 40.38
CA PHE H 135 -18.53 86.92 40.80
C PHE H 135 -18.64 86.98 42.31
N GLN H 136 -19.25 88.05 42.80
CA GLN H 136 -19.63 88.17 44.20
C GLN H 136 -20.92 88.98 44.27
N MET H 137 -21.69 88.74 45.32
CA MET H 137 -23.05 89.22 45.39
C MET H 137 -23.42 89.66 46.79
N VAL H 138 -24.29 90.65 46.88
CA VAL H 138 -24.77 91.20 48.14
C VAL H 138 -26.27 91.43 48.03
N LYS H 139 -26.99 91.14 49.11
CA LYS H 139 -28.42 91.35 49.15
C LYS H 139 -28.78 92.60 49.92
N ALA H 140 -29.93 93.16 49.60
CA ALA H 140 -30.51 94.29 50.30
C ALA H 140 -32.02 94.16 50.30
N ASP H 141 -32.66 94.90 51.20
CA ASP H 141 -34.11 94.92 51.25
C ASP H 141 -34.66 95.54 49.97
N ALA H 142 -35.72 94.94 49.43
CA ALA H 142 -36.33 95.44 48.21
C ALA H 142 -37.06 96.76 48.40
N SER H 143 -37.42 97.12 49.63
CA SER H 143 -38.17 98.34 49.85
C SER H 143 -37.35 99.56 49.48
N ILE H 144 -36.06 99.53 49.76
CA ILE H 144 -35.20 100.67 49.56
C ILE H 144 -34.60 100.61 48.16
N ALA H 145 -34.13 101.76 47.70
CA ALA H 145 -33.42 101.85 46.44
C ALA H 145 -31.92 101.93 46.71
N ILE H 146 -31.16 101.07 46.04
CA ILE H 146 -29.71 101.05 46.16
C ILE H 146 -29.12 101.37 44.80
N SER H 147 -27.90 101.89 44.82
CA SER H 147 -27.24 102.36 43.61
C SER H 147 -25.84 101.76 43.54
N VAL H 148 -25.50 101.22 42.38
CA VAL H 148 -24.18 100.68 42.15
C VAL H 148 -23.28 101.78 41.64
N GLY H 149 -22.73 102.57 42.56
CA GLY H 149 -21.82 103.62 42.18
C GLY H 149 -20.43 103.10 42.02
N SER H 150 -19.45 104.00 42.03
CA SER H 150 -18.07 103.57 42.06
C SER H 150 -17.82 102.73 43.30
N GLY H 151 -16.70 102.02 43.29
CA GLY H 151 -16.34 101.19 44.41
C GLY H 151 -17.18 99.93 44.45
N ASP H 152 -16.87 99.09 45.44
CA ASP H 152 -17.45 97.78 45.49
C ASP H 152 -18.85 97.82 46.08
N ILE H 153 -19.68 96.89 45.61
CA ILE H 153 -21.05 96.76 46.07
C ILE H 153 -21.11 96.56 47.58
N THR H 154 -20.08 95.94 48.15
CA THR H 154 -20.09 95.69 49.59
C THR H 154 -20.20 96.97 50.39
N SER H 155 -19.78 98.09 49.83
CA SER H 155 -19.92 99.38 50.49
C SER H 155 -21.33 99.93 50.39
N ILE H 156 -22.21 99.29 49.63
CA ILE H 156 -23.57 99.79 49.49
C ILE H 156 -24.23 99.82 50.86
N VAL H 157 -24.92 100.91 51.15
CA VAL H 157 -25.60 101.04 52.42
C VAL H 157 -26.66 99.97 52.54
N GLY H 158 -26.67 99.28 53.68
CA GLY H 158 -27.69 98.30 53.96
C GLY H 158 -27.58 97.00 53.20
N ALA H 159 -26.57 96.84 52.36
CA ALA H 159 -26.36 95.60 51.65
C ALA H 159 -25.41 94.69 52.43
N THR H 160 -25.63 93.39 52.31
CA THR H 160 -24.86 92.39 53.02
C THR H 160 -24.44 91.28 52.07
N VAL H 161 -23.22 90.79 52.25
CA VAL H 161 -22.69 89.75 51.39
C VAL H 161 -23.52 88.49 51.47
N VAL H 162 -23.69 87.85 50.32
CA VAL H 162 -24.38 86.58 50.20
C VAL H 162 -23.35 85.51 49.93
N ASN H 163 -23.25 84.55 50.83
CA ASN H 163 -22.40 83.41 50.58
C ASN H 163 -23.08 82.47 49.58
N PRO H 164 -22.36 82.00 48.57
CA PRO H 164 -23.04 81.23 47.52
C PRO H 164 -23.63 79.94 48.02
N ALA H 165 -22.99 79.31 48.99
CA ALA H 165 -23.43 78.00 49.46
C ALA H 165 -24.86 78.05 49.94
N GLY H 166 -25.75 77.37 49.22
CA GLY H 166 -27.13 77.27 49.61
C GLY H 166 -27.97 78.47 49.25
N ASN H 167 -27.37 79.50 48.67
CA ASN H 167 -28.09 80.69 48.25
C ASN H 167 -28.11 80.87 46.74
N TYR H 168 -26.99 80.60 46.07
CA TYR H 168 -26.98 80.67 44.63
C TYR H 168 -25.86 79.82 44.07
N GLU H 169 -26.07 79.38 42.83
CA GLU H 169 -25.02 78.80 42.01
C GLU H 169 -24.97 79.57 40.70
N ILE H 170 -23.77 79.73 40.18
CA ILE H 170 -23.49 80.67 39.10
C ILE H 170 -22.91 79.90 37.92
N ASP H 171 -23.51 80.10 36.75
CA ASP H 171 -22.98 79.57 35.49
C ASP H 171 -22.13 80.67 34.88
N LEU H 172 -20.82 80.51 34.95
CA LEU H 172 -19.92 81.61 34.62
C LEU H 172 -19.82 81.84 33.13
N GLU H 173 -19.83 80.76 32.34
CA GLU H 173 -19.76 80.92 30.90
C GLU H 173 -21.01 81.61 30.38
N ALA H 174 -22.17 81.15 30.81
CA ALA H 174 -23.43 81.78 30.39
C ALA H 174 -23.72 83.08 31.12
N GLY H 175 -23.18 83.26 32.33
CA GLY H 175 -23.55 84.41 33.11
C GLY H 175 -24.93 84.32 33.69
N ARG H 176 -25.32 83.15 34.17
CA ARG H 176 -26.65 82.90 34.68
C ARG H 176 -26.59 82.54 36.15
N ILE H 177 -27.21 83.37 36.97
CA ILE H 177 -27.35 83.09 38.39
C ILE H 177 -28.59 82.25 38.60
N TYR H 178 -28.49 81.24 39.45
CA TYR H 178 -29.65 80.49 39.90
C TYR H 178 -29.86 80.75 41.38
N ILE H 179 -30.93 81.47 41.69
CA ILE H 179 -31.30 81.73 43.07
C ILE H 179 -32.00 80.48 43.61
N GLU H 180 -31.37 79.83 44.56
CA GLU H 180 -31.81 78.51 44.97
C GLU H 180 -33.22 78.59 45.53
N PRO H 181 -34.08 77.62 45.21
CA PRO H 181 -35.48 77.73 45.63
C PRO H 181 -35.69 77.58 47.12
N ASP H 182 -34.73 77.03 47.85
CA ASP H 182 -34.80 76.89 49.29
C ASP H 182 -33.80 77.80 49.98
N SER H 183 -33.43 78.90 49.35
CA SER H 183 -32.47 79.83 49.93
C SER H 183 -33.05 80.48 51.17
N THR H 184 -32.24 80.58 52.21
CA THR H 184 -32.68 81.21 53.45
C THR H 184 -32.34 82.70 53.46
N ASP H 185 -31.16 83.05 52.95
CA ASP H 185 -30.71 84.43 53.00
C ASP H 185 -31.48 85.30 52.02
N LEU H 186 -31.87 84.73 50.88
CA LEU H 186 -32.57 85.45 49.84
C LEU H 186 -34.06 85.20 49.89
N SER H 187 -34.56 84.65 50.99
CA SER H 187 -35.99 84.57 51.19
C SER H 187 -36.52 85.96 51.56
N GLY H 188 -37.79 86.17 51.26
CA GLY H 188 -38.40 87.45 51.50
C GLY H 188 -38.15 88.43 50.38
N ASN H 189 -38.63 89.65 50.60
CA ASN H 189 -38.61 90.69 49.58
C ASN H 189 -37.26 91.38 49.64
N VAL H 190 -36.35 90.94 48.77
CA VAL H 190 -35.00 91.47 48.73
C VAL H 190 -34.59 91.76 47.29
N GLN H 191 -33.49 92.48 47.15
CA GLN H 191 -32.80 92.67 45.88
C GLN H 191 -31.33 92.39 46.09
N ILE H 192 -30.65 92.13 44.98
CA ILE H 192 -29.23 91.79 45.00
C ILE H 192 -28.48 92.75 44.10
N ALA H 193 -27.30 93.14 44.54
CA ALA H 193 -26.32 93.78 43.69
C ALA H 193 -25.18 92.80 43.45
N VAL H 194 -24.70 92.74 42.21
CA VAL H 194 -23.70 91.78 41.82
C VAL H 194 -22.49 92.52 41.26
N GLN H 195 -21.33 91.91 41.39
CA GLN H 195 -20.09 92.46 40.85
C GLN H 195 -19.35 91.33 40.17
N TYR H 196 -19.03 91.54 38.90
CA TYR H 196 -18.44 90.48 38.09
C TYR H 196 -17.52 91.10 37.06
N ASP H 197 -16.61 90.27 36.57
CA ASP H 197 -15.69 90.64 35.50
C ASP H 197 -16.06 89.86 34.25
N VAL H 198 -15.79 90.47 33.11
CA VAL H 198 -16.27 89.98 31.83
C VAL H 198 -15.07 89.74 30.93
N ASP H 199 -14.86 88.49 30.56
CA ASP H 199 -13.87 88.17 29.55
C ASP H 199 -14.28 88.78 28.22
N ALA H 200 -13.27 89.15 27.43
CA ALA H 200 -13.52 89.52 26.05
C ALA H 200 -13.77 88.27 25.23
N GLN H 201 -14.84 88.28 24.44
CA GLN H 201 -15.16 87.16 23.59
C GLN H 201 -15.72 87.68 22.29
N LYS H 202 -15.25 87.11 21.19
CA LYS H 202 -15.95 87.30 19.92
C LYS H 202 -17.25 86.52 20.00
N ARG H 203 -18.34 87.18 19.64
CA ARG H 203 -19.65 86.80 20.14
C ARG H 203 -20.64 87.02 19.00
N THR H 204 -20.85 85.95 18.23
CA THR H 204 -21.72 86.01 17.07
C THR H 204 -23.18 85.93 17.47
N LEU H 205 -23.99 86.78 16.87
CA LEU H 205 -25.44 86.76 17.02
C LEU H 205 -26.12 86.82 15.67
N VAL H 206 -27.38 86.45 15.67
CA VAL H 206 -28.28 86.71 14.56
C VAL H 206 -29.39 87.62 15.08
N ILE H 207 -29.55 88.76 14.44
CA ILE H 207 -30.55 89.75 14.84
C ILE H 207 -31.75 89.57 13.96
N GLY H 208 -32.89 89.26 14.56
CA GLY H 208 -34.11 89.17 13.81
C GLY H 208 -34.72 90.53 13.58
N LYS H 209 -35.05 90.80 12.33
CA LYS H 209 -35.67 92.05 11.91
C LYS H 209 -36.91 91.73 11.10
N SER H 210 -37.50 92.77 10.53
CA SER H 210 -38.75 92.65 9.79
C SER H 210 -38.59 93.00 8.33
N ASN H 211 -37.38 92.97 7.81
CA ASN H 211 -37.09 93.42 6.45
C ASN H 211 -36.97 92.22 5.52
N MET H 212 -37.69 92.29 4.40
CA MET H 212 -37.65 91.20 3.43
C MET H 212 -36.31 91.16 2.73
N VAL H 213 -35.88 89.96 2.40
CA VAL H 213 -34.59 89.73 1.77
C VAL H 213 -34.80 89.37 0.31
N TYR H 214 -34.17 90.12 -0.58
CA TYR H 214 -34.20 89.87 -2.00
C TYR H 214 -32.85 89.33 -2.46
N GLY H 215 -32.87 88.55 -3.53
CA GLY H 215 -31.64 87.99 -4.04
C GLY H 215 -31.87 87.17 -5.27
N ALA H 216 -30.77 86.67 -5.80
CA ALA H 216 -30.78 85.79 -6.96
C ALA H 216 -30.61 84.37 -6.49
N LEU H 217 -31.57 83.52 -6.83
CA LEU H 217 -31.56 82.13 -6.42
C LEU H 217 -31.25 81.26 -7.62
N ARG H 218 -30.29 80.36 -7.44
CA ARG H 218 -29.85 79.44 -8.48
C ARG H 218 -29.90 78.03 -7.95
N MET H 219 -30.40 77.12 -8.78
CA MET H 219 -30.37 75.71 -8.51
C MET H 219 -29.55 75.01 -9.57
N ILE H 220 -28.52 74.29 -9.13
CA ILE H 220 -27.72 73.52 -10.08
C ILE H 220 -28.23 72.09 -10.03
N SER H 221 -28.20 71.39 -11.16
CA SER H 221 -28.76 70.03 -11.20
C SER H 221 -27.71 68.96 -11.00
N ASP H 222 -27.89 68.12 -9.98
CA ASP H 222 -26.97 67.02 -9.74
C ASP H 222 -27.72 65.72 -10.00
N ASN H 223 -28.85 65.82 -10.67
CA ASN H 223 -29.65 64.64 -10.97
C ASN H 223 -28.81 63.41 -11.29
N PRO H 224 -28.90 62.38 -10.44
CA PRO H 224 -28.16 61.15 -10.70
C PRO H 224 -28.75 60.42 -11.90
N VAL H 225 -30.00 60.71 -12.23
CA VAL H 225 -30.64 60.09 -13.39
C VAL H 225 -31.29 61.17 -14.24
N GLY H 226 -30.94 61.21 -15.52
CA GLY H 226 -31.48 62.24 -16.38
C GLY H 226 -30.55 63.42 -16.55
N LEU H 227 -30.84 64.20 -17.59
CA LEU H 227 -30.03 65.35 -17.89
C LEU H 227 -30.18 66.40 -16.80
N ASN H 228 -29.18 67.26 -16.72
CA ASN H 228 -29.12 68.28 -15.70
C ASN H 228 -29.62 69.60 -16.26
N LYS H 229 -30.41 70.30 -15.45
CA LYS H 229 -30.98 71.58 -15.81
C LYS H 229 -30.85 72.52 -14.64
N ASN H 230 -30.31 73.70 -14.90
CA ASN H 230 -29.98 74.65 -13.87
C ASN H 230 -30.97 75.80 -13.94
N TYR H 231 -31.64 76.05 -12.82
CA TYR H 231 -32.68 77.05 -12.73
C TYR H 231 -32.11 78.30 -12.07
N TYR H 232 -32.38 79.44 -12.67
CA TYR H 232 -31.87 80.72 -12.20
C TYR H 232 -33.00 81.72 -12.08
N PHE H 233 -33.17 82.27 -10.89
CA PHE H 233 -34.15 83.29 -10.63
C PHE H 233 -33.40 84.59 -10.34
N PRO H 234 -33.24 85.46 -11.33
CA PRO H 234 -32.36 86.62 -11.15
C PRO H 234 -32.73 87.47 -9.96
N LYS H 235 -33.98 87.41 -9.54
CA LYS H 235 -34.44 88.14 -8.37
C LYS H 235 -35.60 87.40 -7.74
N VAL H 236 -35.50 87.16 -6.43
CA VAL H 236 -36.56 86.52 -5.67
C VAL H 236 -36.61 87.18 -4.31
N SER H 237 -37.79 87.15 -3.72
CA SER H 237 -37.96 87.50 -2.33
C SER H 237 -38.13 86.22 -1.53
N ILE H 238 -37.23 85.98 -0.60
CA ILE H 238 -37.27 84.79 0.24
C ILE H 238 -37.87 85.18 1.57
N ALA H 239 -38.83 84.41 2.00
CA ALA H 239 -39.47 84.57 3.29
C ALA H 239 -39.53 83.22 3.97
N PRO H 240 -39.61 83.21 5.29
CA PRO H 240 -39.82 81.95 5.99
C PRO H 240 -41.16 81.33 5.67
N ASP H 241 -41.15 80.02 5.50
CA ASP H 241 -42.36 79.25 5.30
C ASP H 241 -42.51 78.28 6.46
N GLY H 242 -43.75 78.09 6.89
CA GLY H 242 -44.04 77.07 7.85
C GLY H 242 -43.37 77.31 9.18
N ASP H 243 -43.12 76.21 9.88
CA ASP H 243 -42.67 76.22 11.25
C ASP H 243 -41.28 75.63 11.36
N TYR H 244 -40.45 76.26 12.17
CA TYR H 244 -39.08 75.82 12.40
C TYR H 244 -39.04 75.15 13.76
N ALA H 245 -39.04 73.82 13.74
CA ALA H 245 -39.07 73.04 14.96
C ALA H 245 -37.67 72.97 15.56
N LEU H 246 -37.49 73.68 16.66
CA LEU H 246 -36.24 73.72 17.39
C LEU H 246 -36.01 72.50 18.25
N LYS H 247 -36.95 71.58 18.29
CA LYS H 247 -36.90 70.49 19.26
C LYS H 247 -37.72 69.33 18.73
N GLY H 248 -37.06 68.19 18.57
CA GLY H 248 -37.71 67.00 18.06
C GLY H 248 -36.70 65.90 17.86
N ASP H 249 -37.21 64.81 17.30
CA ASP H 249 -36.36 63.66 16.98
C ASP H 249 -35.80 63.73 15.58
N ASP H 250 -36.52 64.35 14.67
CA ASP H 250 -36.05 64.53 13.31
C ASP H 250 -35.02 65.65 13.23
N TRP H 251 -34.32 65.69 12.11
CA TRP H 251 -33.37 66.75 11.85
C TRP H 251 -34.10 68.08 11.70
N GLN H 252 -33.45 69.14 12.15
CA GLN H 252 -33.99 70.48 11.96
C GLN H 252 -33.97 70.87 10.48
N VAL H 253 -35.04 71.49 10.04
CA VAL H 253 -35.13 72.04 8.71
C VAL H 253 -35.78 73.40 8.78
N MET H 254 -35.30 74.32 7.96
CA MET H 254 -35.95 75.59 7.73
C MET H 254 -36.55 75.58 6.34
N SER H 255 -37.86 75.75 6.27
CA SER H 255 -38.55 75.85 5.00
C SER H 255 -38.63 77.31 4.58
N PHE H 256 -38.23 77.55 3.34
CA PHE H 256 -38.29 78.87 2.73
C PHE H 256 -39.27 78.85 1.58
N THR H 257 -39.93 79.97 1.36
CA THR H 257 -40.71 80.18 0.16
C THR H 257 -40.14 81.40 -0.54
N PHE H 258 -39.98 81.30 -1.85
CA PHE H 258 -39.46 82.39 -2.65
C PHE H 258 -40.45 82.75 -3.73
N LYS H 259 -40.53 84.02 -4.02
CA LYS H 259 -41.38 84.56 -5.06
C LYS H 259 -40.49 85.22 -6.10
N ALA H 260 -40.56 84.75 -7.33
CA ALA H 260 -39.73 85.30 -8.38
C ALA H 260 -40.29 86.61 -8.89
N MET H 261 -39.38 87.50 -9.25
CA MET H 261 -39.72 88.83 -9.69
C MET H 261 -38.82 89.16 -10.87
N GLN H 262 -39.22 90.17 -11.63
CA GLN H 262 -38.40 90.63 -12.74
C GLN H 262 -37.37 91.60 -12.20
N LEU H 263 -36.10 91.25 -12.35
CA LEU H 263 -35.05 92.17 -11.97
C LEU H 263 -35.19 93.49 -12.71
N ASN H 264 -35.66 93.42 -13.95
CA ASN H 264 -35.90 94.60 -14.75
C ASN H 264 -36.76 94.18 -15.93
N ASN H 265 -37.28 95.17 -16.64
CA ASN H 265 -38.12 94.89 -17.80
C ASN H 265 -37.41 94.04 -18.84
N ILE H 266 -36.07 93.99 -18.79
CA ILE H 266 -35.32 93.24 -19.78
C ILE H 266 -35.20 91.77 -19.40
N THR H 267 -35.01 91.48 -18.11
CA THR H 267 -34.72 90.13 -17.65
C THR H 267 -35.98 89.47 -17.14
N GLN H 268 -36.17 88.22 -17.51
CA GLN H 268 -37.35 87.47 -17.12
C GLN H 268 -37.22 86.97 -15.69
N ARG H 269 -38.26 86.26 -15.26
CA ARG H 269 -38.33 85.82 -13.88
C ARG H 269 -37.50 84.58 -13.62
N VAL H 270 -37.38 83.71 -14.60
CA VAL H 270 -36.68 82.45 -14.44
C VAL H 270 -36.03 82.05 -15.76
N TYR H 271 -34.80 81.56 -15.66
CA TYR H 271 -34.05 81.05 -16.80
C TYR H 271 -33.64 79.63 -16.49
N ILE H 272 -34.06 78.69 -17.33
CA ILE H 272 -33.66 77.30 -17.22
C ILE H 272 -32.55 77.05 -18.23
N ASP H 273 -31.41 76.61 -17.75
CA ASP H 273 -30.24 76.35 -18.57
C ASP H 273 -30.15 74.86 -18.85
N ILE H 274 -30.17 74.50 -20.14
CA ILE H 274 -30.04 73.12 -20.54
C ILE H 274 -28.55 72.79 -20.59
N VAL H 275 -28.13 71.89 -19.71
CA VAL H 275 -26.72 71.59 -19.50
C VAL H 275 -26.33 70.40 -20.35
N GLU H 276 -25.50 70.63 -21.35
CA GLU H 276 -24.88 69.56 -22.10
C GLU H 276 -23.62 69.11 -21.37
N ALA H 277 -23.38 67.80 -21.39
CA ALA H 277 -22.27 67.23 -20.63
C ALA H 277 -20.94 67.79 -21.10
N ALA H 278 -20.14 68.27 -20.15
CA ALA H 278 -18.82 68.80 -20.47
C ALA H 278 -17.75 67.73 -20.30
N ALA H 279 -16.57 68.03 -20.83
CA ALA H 279 -15.43 67.14 -20.65
C ALA H 279 -15.00 67.11 -19.19
N ALA H 280 -14.84 65.92 -18.66
CA ALA H 280 -14.49 65.75 -17.25
C ALA H 280 -13.10 66.29 -16.98
N VAL H 281 -12.91 66.83 -15.78
CA VAL H 281 -11.60 67.28 -15.35
C VAL H 281 -10.68 66.09 -15.18
N ASP H 282 -9.39 66.30 -15.41
CA ASP H 282 -8.40 65.25 -15.23
C ASP H 282 -8.41 64.84 -13.77
N PRO H 283 -8.79 63.60 -13.45
CA PRO H 283 -8.82 63.19 -12.04
C PRO H 283 -7.46 63.02 -11.43
N THR H 284 -6.46 62.63 -12.20
CA THR H 284 -5.13 62.43 -11.65
C THR H 284 -4.52 63.74 -11.15
N ALA H 285 -5.06 64.87 -11.58
CA ALA H 285 -4.62 66.16 -11.09
C ALA H 285 -5.41 66.64 -9.88
N GLN H 286 -6.64 66.18 -9.73
CA GLN H 286 -7.42 66.56 -8.56
C GLN H 286 -6.79 66.01 -7.30
N ARG H 287 -7.20 66.57 -6.18
CA ARG H 287 -6.65 66.20 -4.89
C ARG H 287 -7.75 66.21 -3.84
N THR H 288 -7.66 65.25 -2.93
CA THR H 288 -8.53 65.17 -1.79
C THR H 288 -7.67 64.83 -0.58
N ILE H 289 -7.99 65.44 0.55
CA ILE H 289 -7.21 65.29 1.77
C ILE H 289 -8.14 65.03 2.94
N GLU H 290 -7.75 64.08 3.78
CA GLU H 290 -8.48 63.79 5.01
C GLU H 290 -7.47 63.58 6.13
N ILE H 291 -7.80 64.08 7.30
CA ILE H 291 -6.93 63.99 8.46
C ILE H 291 -7.73 63.42 9.63
N THR H 292 -7.07 62.60 10.44
CA THR H 292 -7.70 62.06 11.63
C THR H 292 -6.67 61.93 12.75
N PRO H 293 -7.04 62.26 13.98
CA PRO H 293 -6.10 62.08 15.09
C PRO H 293 -5.98 60.62 15.46
N ALA H 294 -4.83 60.26 16.02
CA ALA H 294 -4.72 58.97 16.67
C ALA H 294 -5.52 58.94 17.97
N SER H 295 -5.41 60.00 18.77
CA SER H 295 -6.22 60.15 19.97
C SER H 295 -6.35 61.64 20.27
N THR H 296 -7.45 61.99 20.92
CA THR H 296 -7.82 63.39 21.12
C THR H 296 -7.36 63.96 22.46
N THR H 297 -6.58 63.23 23.24
CA THR H 297 -6.10 63.69 24.53
C THR H 297 -4.61 63.43 24.67
N ALA H 298 -3.90 64.40 25.26
CA ALA H 298 -2.52 64.21 25.65
C ALA H 298 -2.25 65.03 26.90
N THR H 299 -1.23 64.62 27.66
CA THR H 299 -0.80 65.41 28.80
C THR H 299 -0.01 66.61 28.31
N THR H 300 -0.44 67.81 28.72
CA THR H 300 0.17 69.02 28.21
C THR H 300 1.66 69.01 28.49
N GLY H 301 2.44 69.50 27.52
CA GLY H 301 3.89 69.52 27.64
C GLY H 301 4.55 68.17 27.53
N GLY H 302 3.79 67.11 27.25
CA GLY H 302 4.34 65.78 27.11
C GLY H 302 4.68 65.44 25.68
N ALA H 303 4.70 64.13 25.39
CA ALA H 303 5.00 63.64 24.05
C ALA H 303 3.87 63.88 23.05
N GLY H 304 2.69 64.30 23.50
CA GLY H 304 1.64 64.63 22.56
C GLY H 304 1.07 63.41 21.85
N VAL H 305 0.54 63.64 20.65
CA VAL H 305 -0.13 62.60 19.87
C VAL H 305 0.18 62.82 18.40
N VAL H 306 -0.03 61.77 17.60
CA VAL H 306 0.10 61.83 16.15
C VAL H 306 -1.28 61.91 15.52
N CYS H 307 -1.39 62.70 14.45
CA CYS H 307 -2.56 62.72 13.59
C CYS H 307 -2.11 62.40 12.17
N THR H 308 -2.92 61.60 11.48
CA THR H 308 -2.54 61.04 10.18
C THR H 308 -3.36 61.72 9.09
N VAL H 309 -2.66 62.14 8.04
CA VAL H 309 -3.27 62.79 6.89
C VAL H 309 -3.14 61.85 5.70
N THR H 310 -4.19 61.71 4.92
CA THR H 310 -4.20 60.89 3.73
C THR H 310 -4.60 61.75 2.54
N VAL H 311 -3.79 61.71 1.49
CA VAL H 311 -4.01 62.50 0.29
C VAL H 311 -4.35 61.58 -0.86
N ARG H 312 -5.40 61.91 -1.58
CA ARG H 312 -5.93 61.07 -2.64
C ARG H 312 -6.27 61.92 -3.86
N ASP H 313 -6.20 61.30 -5.02
CA ASP H 313 -6.61 61.93 -6.26
C ASP H 313 -8.09 61.67 -6.53
N GLY H 314 -8.56 62.10 -7.70
CA GLY H 314 -9.95 61.96 -8.06
C GLY H 314 -10.41 60.55 -8.25
N THR H 315 -9.49 59.60 -8.31
CA THR H 315 -9.82 58.19 -8.44
C THR H 315 -9.86 57.48 -7.09
N GLY H 316 -9.64 58.20 -6.00
CA GLY H 316 -9.47 57.60 -4.70
C GLY H 316 -8.10 57.04 -4.46
N THR H 317 -7.22 57.10 -5.45
CA THR H 317 -5.88 56.56 -5.30
C THR H 317 -5.03 57.48 -4.43
N ALA H 318 -4.13 56.86 -3.68
CA ALA H 318 -3.24 57.60 -2.79
C ALA H 318 -2.13 58.25 -3.60
N VAL H 319 -1.78 59.47 -3.20
CA VAL H 319 -0.83 60.28 -3.93
C VAL H 319 0.50 60.24 -3.22
N GLN H 320 1.50 59.67 -3.88
CA GLN H 320 2.87 59.74 -3.40
C GLN H 320 3.49 61.08 -3.78
N GLY H 321 4.06 61.77 -2.79
CA GLY H 321 4.88 62.93 -3.06
C GLY H 321 4.20 64.27 -3.07
N ASP H 322 3.06 64.43 -2.37
CA ASP H 322 2.46 65.75 -2.24
C ASP H 322 2.96 66.44 -0.98
N ALA H 323 3.28 67.72 -1.10
CA ALA H 323 3.77 68.50 0.01
C ALA H 323 2.61 68.98 0.88
N VAL H 324 2.78 68.84 2.18
CA VAL H 324 1.74 69.17 3.15
C VAL H 324 2.34 70.08 4.22
N THR H 325 1.55 71.04 4.69
CA THR H 325 1.98 71.94 5.75
C THR H 325 0.92 71.96 6.85
N PHE H 326 1.35 71.61 8.06
CA PHE H 326 0.46 71.59 9.21
C PHE H 326 0.50 72.92 9.94
N THR H 327 -0.55 73.19 10.71
CA THR H 327 -0.61 74.36 11.58
C THR H 327 -1.69 74.14 12.62
N THR H 328 -1.61 74.94 13.70
CA THR H 328 -2.48 74.76 14.85
C THR H 328 -2.96 76.11 15.35
N VAL H 329 -3.97 76.08 16.24
CA VAL H 329 -4.63 77.31 16.65
C VAL H 329 -3.76 78.13 17.59
N ALA H 330 -3.20 77.52 18.63
CA ALA H 330 -2.52 78.31 19.66
C ALA H 330 -1.69 77.39 20.54
N GLY H 331 -0.45 77.81 20.80
CA GLY H 331 0.39 77.15 21.78
C GLY H 331 0.87 75.76 21.41
N ALA H 332 0.38 75.20 20.31
CA ALA H 332 0.81 73.88 19.89
C ALA H 332 1.97 73.98 18.93
N THR H 333 2.95 73.09 19.10
CA THR H 333 4.09 72.98 18.21
C THR H 333 3.97 71.69 17.43
N VAL H 334 4.17 71.79 16.12
CA VAL H 334 3.96 70.69 15.19
C VAL H 334 5.28 70.36 14.52
N THR H 335 5.75 69.13 14.70
CA THR H 335 6.99 68.68 14.11
C THR H 335 6.75 67.31 13.47
N PRO H 336 7.03 67.13 12.17
CA PRO H 336 7.46 68.16 11.23
C PRO H 336 6.33 69.11 10.89
N ASN H 337 6.63 70.39 10.69
CA ASN H 337 5.59 71.32 10.31
C ASN H 337 5.13 71.08 8.88
N SER H 338 6.05 70.69 8.00
CA SER H 338 5.73 70.37 6.62
C SER H 338 6.25 68.99 6.30
N ALA H 339 5.43 68.21 5.61
CA ALA H 339 5.75 66.83 5.30
C ALA H 339 5.41 66.53 3.87
N THR H 340 6.05 65.49 3.34
CA THR H 340 5.75 64.95 2.03
C THR H 340 5.13 63.58 2.20
N THR H 341 4.07 63.31 1.45
CA THR H 341 3.31 62.09 1.64
C THR H 341 4.09 60.87 1.18
N GLY H 342 3.97 59.79 1.94
CA GLY H 342 4.60 58.54 1.60
C GLY H 342 3.91 57.83 0.47
N ALA H 343 4.42 56.64 0.17
CA ALA H 343 3.87 55.85 -0.93
C ALA H 343 2.40 55.55 -0.69
N THR H 344 2.02 55.35 0.56
CA THR H 344 0.64 55.10 0.94
C THR H 344 -0.17 56.38 1.04
N GLY H 345 0.35 57.48 0.53
CA GLY H 345 -0.36 58.75 0.54
C GLY H 345 -0.57 59.33 1.91
N THR H 346 0.02 58.71 2.92
CA THR H 346 -0.14 59.18 4.29
C THR H 346 1.06 60.01 4.71
N ALA H 347 0.81 60.93 5.64
CA ALA H 347 1.86 61.58 6.40
C ALA H 347 1.38 61.72 7.84
N THR H 348 2.35 61.82 8.74
CA THR H 348 2.08 61.96 10.15
C THR H 348 2.94 63.06 10.74
N THR H 349 2.39 63.75 11.73
CA THR H 349 3.12 64.76 12.47
C THR H 349 2.66 64.74 13.92
N THR H 350 3.55 65.16 14.80
CA THR H 350 3.28 65.19 16.24
C THR H 350 2.94 66.60 16.69
N VAL H 351 1.85 66.72 17.45
CA VAL H 351 1.45 67.97 18.08
C VAL H 351 1.57 67.80 19.59
N ASN H 352 2.15 68.81 20.25
CA ASN H 352 2.16 68.88 21.70
C ASN H 352 2.11 70.35 22.09
N ARG H 353 1.62 70.60 23.30
CA ARG H 353 1.31 71.95 23.74
C ARG H 353 1.63 72.10 25.22
N ALA H 354 2.22 73.26 25.56
CA ALA H 354 2.63 73.50 26.94
C ALA H 354 1.42 73.74 27.84
N ALA H 355 0.62 74.75 27.51
CA ALA H 355 -0.54 75.06 28.33
C ALA H 355 -1.66 74.06 28.08
N ALA H 356 -2.30 73.64 29.16
CA ALA H 356 -3.44 72.75 29.03
C ALA H 356 -4.57 73.44 28.27
N GLY H 357 -5.64 72.69 28.05
CA GLY H 357 -6.75 73.15 27.23
C GLY H 357 -6.78 72.47 25.88
N THR H 358 -7.80 72.82 25.10
CA THR H 358 -8.04 72.20 23.81
C THR H 358 -7.20 72.86 22.71
N ALA H 359 -7.00 72.11 21.63
CA ALA H 359 -6.40 72.62 20.41
C ALA H 359 -6.95 71.82 19.23
N THR H 360 -6.71 72.33 18.03
CA THR H 360 -7.09 71.62 16.81
C THR H 360 -5.95 71.74 15.81
N VAL H 361 -5.80 70.71 14.98
CA VAL H 361 -4.73 70.64 14.00
C VAL H 361 -5.34 70.60 12.61
N THR H 362 -4.65 71.20 11.65
CA THR H 362 -5.10 71.21 10.27
C THR H 362 -3.91 71.04 9.35
N ALA H 363 -4.15 70.44 8.19
CA ALA H 363 -3.14 70.22 7.18
C ALA H 363 -3.60 70.80 5.86
N THR H 364 -2.64 71.32 5.10
CA THR H 364 -2.92 72.03 3.87
C THR H 364 -1.91 71.63 2.80
N LEU H 365 -2.42 71.38 1.61
CA LEU H 365 -1.59 70.98 0.49
C LEU H 365 -1.02 72.20 -0.24
N ALA H 366 -0.15 71.94 -1.20
CA ALA H 366 0.01 72.88 -2.29
C ALA H 366 -1.35 73.08 -2.94
N ASN H 367 -1.54 74.25 -3.54
CA ASN H 367 -2.81 74.71 -4.10
C ASN H 367 -3.86 74.94 -3.00
N GLY H 368 -3.47 74.79 -1.74
CA GLY H 368 -4.32 75.26 -0.67
C GLY H 368 -5.60 74.50 -0.47
N LYS H 369 -5.63 73.23 -0.86
CA LYS H 369 -6.89 72.51 -0.96
C LYS H 369 -7.76 72.66 0.27
N ALA H 370 -7.27 72.21 1.42
CA ALA H 370 -8.17 72.00 2.55
C ALA H 370 -7.63 72.61 3.82
N ALA H 371 -8.56 72.82 4.75
CA ALA H 371 -8.31 73.19 6.12
C ALA H 371 -8.97 72.18 7.06
N THR H 372 -8.88 70.91 6.68
CA THR H 372 -9.44 69.85 7.51
C THR H 372 -8.88 69.93 8.92
N THR H 373 -9.66 69.46 9.89
CA THR H 373 -9.29 69.69 11.27
C THR H 373 -9.72 68.53 12.17
N GLY H 374 -8.85 68.21 13.13
CA GLY H 374 -9.23 67.40 14.26
C GLY H 374 -8.97 68.15 15.55
N THR H 375 -9.58 67.65 16.62
CA THR H 375 -9.56 68.32 17.92
C THR H 375 -8.62 67.60 18.88
N ILE H 376 -7.82 68.38 19.61
CA ILE H 376 -6.86 67.86 20.56
C ILE H 376 -7.03 68.57 21.89
N THR H 377 -6.93 67.82 22.98
CA THR H 377 -7.04 68.35 24.33
C THR H 377 -5.76 68.05 25.08
N PHE H 378 -5.18 69.08 25.70
CA PHE H 378 -3.97 68.94 26.49
C PHE H 378 -4.26 69.21 27.95
N SER H 379 -3.90 68.26 28.81
CA SER H 379 -4.15 68.38 30.23
C SER H 379 -3.10 67.61 31.03
#